data_9CXU
#
_entry.id   9CXU
#
_cell.length_a   1.00
_cell.length_b   1.00
_cell.length_c   1.00
_cell.angle_alpha   90.00
_cell.angle_beta   90.00
_cell.angle_gamma   90.00
#
_symmetry.space_group_name_H-M   'P 1'
#
loop_
_entity.id
_entity.type
_entity.pdbx_description
1 polymer 'Hemagglutinin HA1 chain'
2 polymer 'Hemagglutinin HA2 chain,Green fluorescent protein fusion'
3 non-polymer 2-acetamido-2-deoxy-beta-D-glucopyranose
#
loop_
_entity_poly.entity_id
_entity_poly.type
_entity_poly.pdbx_seq_one_letter_code
_entity_poly.pdbx_strand_id
1 'polypeptide(L)'
;MPMGSLQPLATLYLLGMLVASVLAQDLPGNDNSTATLCLGHHAVPNGTLVKTITDDQIEVTNATELVQSSSTGKICNNPH
RILDGIDCTLIDALLGDPHCDVFQNETWDLFVERSKAFSNCYPYDVPDYASLRSLVASSGTLEFITEGFTWTGVTQNGGS
NACKRGPGSGFFSRLNWLTKSGSTYPVLNVTMPNNDNFDKLYIWGVHHPSTNQEQTSLYVQASGRVTVSTRRSQQTIIPN
IGSRPWVRGLSSRISIYWTIVKPGDVLVINSNGNLIAPRGYFKMRTGKSSIMRSDAPIDTCISECITPNGSIPNDKPFQN
VNKITYGACPKYVKQNTLKLATGMRNVPEKQT
;
A,C,E
2 'polypeptide(L)'
;RGLFGAIAGFIENGWEGMIDGWYGFRHQNSEGTGQAADLKSTQAAIDQINGKLNRVIEKTNEKFHQIEKEFSEVEGRIQD
LEKYVEDTKIDLWSYNAELLVALENQHTIDLTDSEMNKLFEKTGRQLRENAEDMGNGCFKIYHKCDNACIESIRNGTYDH
DVYRDEALNNRFQIKGVELKLELIKRMKQIEDKIEEIESKQKKIENEIARIKKIKLVPRGSVDENLYFQAMSKGEELFTG
VVPILVELDGDVNGHKFSVRGEGEGDATNGKLTLKFICTTGKLPVPWPTLVTTLTYGVQCFSRYPDHMKRHDFFKSAMPE
GYVQERTISFKDDGTYKTRAEVKFEGDTLVNRIELKGIDFKEDGNILGHKLEYNFNSHNVYITADKQKNGIKANFKIRHN
VEDGSVQLADHYQQNTPIGDGPVLLPDNHYLSTQSVLSKDPNEKRDHMVLLEFVTAAGITHGMSSAWSHPQFEKGGGSGG
GSGGSAWSHPQFEK
;
B,D,F
#
loop_
_chem_comp.id
_chem_comp.type
_chem_comp.name
_chem_comp.formula
NAG D-saccharide, beta linking 2-acetamido-2-deoxy-beta-D-glucopyranose 'C8 H15 N O6'
#
# COMPACT_ATOMS: atom_id res chain seq x y z
N THR A 34 52.75 -28.46 29.93
CA THR A 34 51.70 -27.61 29.42
C THR A 34 50.51 -28.45 28.95
N ALA A 35 49.48 -27.76 28.39
CA ALA A 35 48.21 -28.35 27.88
C ALA A 35 47.62 -27.47 26.80
N THR A 36 46.78 -28.05 25.94
CA THR A 36 46.09 -27.23 24.96
C THR A 36 44.59 -27.25 25.15
N LEU A 37 44.02 -26.05 25.22
CA LEU A 37 42.58 -25.92 25.34
C LEU A 37 42.03 -25.25 24.10
N CYS A 38 41.29 -25.99 23.31
CA CYS A 38 40.77 -25.52 22.05
C CYS A 38 39.30 -25.17 22.15
N LEU A 39 38.94 -24.02 21.64
CA LEU A 39 37.55 -23.63 21.68
C LEU A 39 37.00 -23.72 20.29
N GLY A 40 35.73 -24.06 20.21
CA GLY A 40 35.11 -24.14 18.92
C GLY A 40 33.62 -24.39 19.00
N HIS A 41 33.07 -24.73 17.86
CA HIS A 41 31.65 -24.94 17.70
C HIS A 41 31.42 -26.09 16.79
N HIS A 42 30.19 -26.59 16.77
CA HIS A 42 29.82 -27.73 15.98
C HIS A 42 29.71 -27.44 14.49
N ALA A 43 29.66 -28.50 13.72
CA ALA A 43 29.50 -28.43 12.28
C ALA A 43 28.70 -29.61 11.85
N VAL A 44 28.12 -29.55 10.67
CA VAL A 44 27.36 -30.68 10.21
C VAL A 44 27.90 -31.14 8.86
N PRO A 45 27.87 -32.44 8.54
CA PRO A 45 28.30 -32.98 7.27
C PRO A 45 27.70 -32.33 6.00
N ASN A 46 26.42 -31.90 6.07
CA ASN A 46 25.66 -31.27 4.98
C ASN A 46 24.76 -30.16 5.57
N GLY A 47 25.10 -28.85 5.35
CA GLY A 47 24.34 -27.71 5.86
C GLY A 47 23.42 -27.23 4.75
N THR A 48 22.97 -26.00 4.87
CA THR A 48 22.04 -25.41 3.92
C THR A 48 22.41 -23.97 3.62
N LEU A 49 21.98 -23.43 2.49
CA LEU A 49 22.35 -22.05 2.18
C LEU A 49 21.26 -21.04 2.44
N VAL A 50 21.68 -19.90 3.00
CA VAL A 50 20.81 -18.77 3.25
C VAL A 50 21.43 -17.50 2.69
N LYS A 51 20.63 -16.45 2.58
CA LYS A 51 21.07 -15.14 2.13
C LYS A 51 21.08 -14.14 3.27
N THR A 52 22.09 -13.27 3.30
CA THR A 52 22.27 -12.24 4.32
C THR A 52 22.43 -10.89 3.65
N ILE A 53 22.75 -9.84 4.41
CA ILE A 53 22.95 -8.54 3.82
C ILE A 53 24.31 -8.54 3.11
N THR A 54 25.32 -9.09 3.78
CA THR A 54 26.68 -9.09 3.22
C THR A 54 27.03 -10.25 2.30
N ASP A 55 26.25 -11.34 2.32
CA ASP A 55 26.57 -12.52 1.52
C ASP A 55 25.38 -13.02 0.73
N ASP A 56 25.60 -13.42 -0.52
CA ASP A 56 24.46 -13.89 -1.31
C ASP A 56 24.08 -15.32 -0.95
N GLN A 57 25.08 -16.13 -0.61
CA GLN A 57 24.90 -17.52 -0.20
C GLN A 57 25.92 -17.90 0.86
N ILE A 58 25.44 -18.21 2.05
CA ILE A 58 26.28 -18.63 3.16
C ILE A 58 25.76 -19.94 3.70
N GLU A 59 26.63 -20.91 3.95
CA GLU A 59 26.16 -22.18 4.47
C GLU A 59 26.02 -22.12 5.96
N VAL A 60 24.89 -22.60 6.45
CA VAL A 60 24.55 -22.65 7.87
C VAL A 60 24.21 -24.08 8.26
N THR A 61 24.33 -24.34 9.56
CA THR A 61 24.05 -25.68 10.12
C THR A 61 22.58 -26.07 9.85
N ASN A 62 21.65 -25.14 10.04
CA ASN A 62 20.20 -25.44 9.88
C ASN A 62 19.48 -24.19 9.37
N ALA A 63 18.35 -24.35 8.69
CA ALA A 63 17.54 -23.23 8.18
C ALA A 63 16.11 -23.70 8.07
N THR A 64 15.15 -22.80 8.29
CA THR A 64 13.79 -23.21 8.07
C THR A 64 13.16 -22.50 6.91
N GLU A 65 12.03 -23.02 6.48
CA GLU A 65 11.29 -22.48 5.35
C GLU A 65 10.16 -21.57 5.78
N LEU A 66 10.17 -20.34 5.29
CA LEU A 66 9.15 -19.39 5.65
C LEU A 66 8.00 -19.23 4.67
N VAL A 67 8.04 -19.87 3.50
CA VAL A 67 6.95 -19.74 2.56
C VAL A 67 6.18 -21.04 2.38
N GLN A 68 4.90 -21.01 2.67
CA GLN A 68 4.09 -22.19 2.47
C GLN A 68 3.72 -22.21 0.99
N SER A 69 4.22 -23.22 0.29
CA SER A 69 4.07 -23.32 -1.15
C SER A 69 3.14 -24.41 -1.64
N SER A 70 2.45 -25.05 -0.73
CA SER A 70 1.55 -26.13 -1.12
C SER A 70 0.31 -26.19 -0.27
N SER A 71 -0.71 -26.84 -0.81
CA SER A 71 -1.98 -27.05 -0.13
C SER A 71 -2.29 -28.52 -0.15
N THR A 72 -3.32 -28.89 0.59
CA THR A 72 -3.74 -30.29 0.63
C THR A 72 -4.60 -30.64 -0.56
N GLY A 73 -5.09 -29.61 -1.23
CA GLY A 73 -5.99 -29.74 -2.36
C GLY A 73 -7.42 -29.87 -1.94
N LYS A 74 -7.67 -29.82 -0.64
CA LYS A 74 -9.00 -29.96 -0.09
C LYS A 74 -9.29 -28.83 0.88
N ILE A 75 -10.54 -28.45 0.99
CA ILE A 75 -10.98 -27.43 1.95
C ILE A 75 -11.44 -28.13 3.23
N CYS A 76 -10.95 -27.71 4.40
CA CYS A 76 -11.35 -28.27 5.69
C CYS A 76 -12.66 -27.65 6.15
N ASN A 77 -13.54 -28.47 6.73
CA ASN A 77 -14.84 -27.99 7.18
C ASN A 77 -14.86 -27.50 8.62
N ASN A 78 -13.70 -27.37 9.23
CA ASN A 78 -13.56 -26.86 10.58
C ASN A 78 -12.33 -25.96 10.61
N PRO A 79 -12.32 -24.95 11.48
CA PRO A 79 -13.34 -24.48 12.42
C PRO A 79 -14.43 -23.61 11.80
N HIS A 80 -14.26 -23.24 10.54
CA HIS A 80 -15.18 -22.33 9.87
C HIS A 80 -16.35 -23.11 9.31
N ARG A 81 -17.51 -22.48 9.20
CA ARG A 81 -18.65 -23.13 8.57
C ARG A 81 -18.61 -22.93 7.07
N ILE A 82 -18.43 -24.02 6.35
CA ILE A 82 -18.28 -23.94 4.91
C ILE A 82 -19.52 -24.42 4.22
N LEU A 83 -20.07 -23.58 3.36
CA LEU A 83 -21.27 -23.96 2.64
C LEU A 83 -20.97 -24.19 1.18
N ASP A 84 -21.03 -25.43 0.76
CA ASP A 84 -20.75 -25.74 -0.65
C ASP A 84 -21.98 -25.45 -1.49
N GLY A 85 -21.93 -24.41 -2.31
CA GLY A 85 -23.00 -24.21 -3.27
C GLY A 85 -22.63 -25.22 -4.29
N ILE A 86 -23.46 -26.17 -4.61
CA ILE A 86 -22.95 -27.29 -5.44
C ILE A 86 -23.04 -26.86 -6.89
N ASP A 87 -24.24 -26.59 -7.35
CA ASP A 87 -24.46 -26.11 -8.72
C ASP A 87 -25.09 -24.73 -8.63
N CYS A 88 -25.06 -24.11 -7.44
CA CYS A 88 -25.65 -22.79 -7.28
C CYS A 88 -24.62 -21.70 -7.07
N THR A 89 -25.02 -20.52 -7.49
CA THR A 89 -24.26 -19.33 -7.20
C THR A 89 -24.96 -18.73 -6.01
N LEU A 90 -24.34 -17.79 -5.34
CA LEU A 90 -25.00 -17.17 -4.20
C LEU A 90 -26.26 -16.41 -4.62
N ILE A 91 -26.24 -15.76 -5.77
CA ILE A 91 -27.40 -15.02 -6.20
C ILE A 91 -28.54 -15.97 -6.56
N ASP A 92 -28.29 -17.09 -7.23
CA ASP A 92 -29.41 -17.99 -7.49
C ASP A 92 -30.02 -18.51 -6.19
N ALA A 93 -29.17 -18.76 -5.18
CA ALA A 93 -29.64 -19.20 -3.87
C ALA A 93 -30.48 -18.12 -3.19
N LEU A 94 -30.08 -16.86 -3.38
CA LEU A 94 -30.78 -15.70 -2.85
C LEU A 94 -32.14 -15.53 -3.47
N LEU A 95 -32.20 -15.65 -4.80
CA LEU A 95 -33.43 -15.43 -5.51
C LEU A 95 -34.40 -16.57 -5.36
N GLY A 96 -33.90 -17.79 -5.22
CA GLY A 96 -34.81 -18.89 -5.10
C GLY A 96 -34.94 -19.76 -6.35
N ASP A 97 -33.84 -19.92 -7.09
CA ASP A 97 -33.82 -20.80 -8.27
C ASP A 97 -34.22 -22.19 -7.78
N PRO A 98 -35.13 -22.94 -8.44
CA PRO A 98 -35.61 -24.26 -8.05
C PRO A 98 -34.50 -25.26 -7.73
N HIS A 99 -33.31 -25.13 -8.31
CA HIS A 99 -32.28 -26.11 -7.93
C HIS A 99 -31.58 -25.80 -6.60
N CYS A 100 -31.82 -24.59 -6.03
CA CYS A 100 -31.16 -24.02 -4.88
C CYS A 100 -32.10 -23.98 -3.68
N ASP A 101 -33.20 -24.72 -3.74
CA ASP A 101 -34.21 -24.75 -2.66
C ASP A 101 -33.69 -25.28 -1.35
N VAL A 102 -32.55 -25.94 -1.42
CA VAL A 102 -31.90 -26.52 -0.27
C VAL A 102 -31.14 -25.49 0.53
N PHE A 103 -30.96 -24.29 -0.02
CA PHE A 103 -30.19 -23.25 0.65
C PHE A 103 -31.09 -22.23 1.33
N GLN A 104 -32.38 -22.51 1.40
CA GLN A 104 -33.27 -21.57 2.04
C GLN A 104 -32.93 -21.51 3.51
N ASN A 105 -32.81 -20.29 4.07
CA ASN A 105 -32.49 -19.98 5.46
C ASN A 105 -31.12 -20.55 5.91
N GLU A 106 -30.18 -20.78 4.97
CA GLU A 106 -28.86 -21.32 5.27
C GLU A 106 -27.87 -20.22 5.68
N THR A 107 -26.87 -20.62 6.44
CA THR A 107 -25.81 -19.71 6.91
C THR A 107 -24.42 -20.23 6.61
N TRP A 108 -23.46 -19.32 6.61
CA TRP A 108 -22.08 -19.70 6.36
C TRP A 108 -21.08 -18.71 6.90
N ASP A 109 -19.85 -19.19 7.09
CA ASP A 109 -18.74 -18.29 7.31
C ASP A 109 -18.10 -18.11 5.95
N LEU A 110 -18.12 -19.16 5.14
CA LEU A 110 -17.59 -19.04 3.80
C LEU A 110 -18.49 -19.77 2.82
N PHE A 111 -18.98 -19.05 1.81
CA PHE A 111 -19.82 -19.63 0.77
C PHE A 111 -18.90 -20.04 -0.35
N VAL A 112 -18.98 -21.27 -0.82
CA VAL A 112 -18.09 -21.68 -1.90
C VAL A 112 -18.83 -21.92 -3.21
N GLU A 113 -18.45 -21.13 -4.23
CA GLU A 113 -19.03 -21.24 -5.56
C GLU A 113 -18.18 -22.19 -6.37
N ARG A 114 -18.82 -22.92 -7.27
CA ARG A 114 -18.14 -23.90 -8.10
C ARG A 114 -18.22 -23.50 -9.56
N SER A 115 -17.25 -23.92 -10.37
CA SER A 115 -17.23 -23.58 -11.81
C SER A 115 -18.34 -24.26 -12.58
N LYS A 116 -18.91 -25.30 -12.00
CA LYS A 116 -19.98 -26.06 -12.61
C LYS A 116 -21.34 -25.46 -12.30
N ALA A 117 -21.38 -24.41 -11.49
CA ALA A 117 -22.65 -23.84 -11.13
C ALA A 117 -23.32 -23.28 -12.34
N PHE A 118 -24.63 -23.40 -12.37
CA PHE A 118 -25.42 -22.91 -13.49
C PHE A 118 -26.76 -22.42 -13.01
N SER A 119 -27.38 -21.60 -13.82
CA SER A 119 -28.70 -21.10 -13.49
C SER A 119 -29.69 -21.90 -14.30
N ASN A 120 -30.92 -22.05 -13.81
CA ASN A 120 -31.95 -22.72 -14.58
C ASN A 120 -33.34 -22.18 -14.23
N CYS A 121 -33.60 -20.87 -14.50
CA CYS A 121 -34.84 -20.20 -14.15
C CYS A 121 -35.10 -19.08 -15.14
N TYR A 122 -36.04 -18.20 -14.87
CA TYR A 122 -36.35 -17.18 -15.82
C TYR A 122 -35.05 -16.36 -15.97
N PRO A 123 -34.52 -16.10 -17.18
CA PRO A 123 -33.29 -15.37 -17.43
C PRO A 123 -33.30 -14.01 -16.75
N TYR A 124 -32.18 -13.64 -16.15
CA TYR A 124 -32.15 -12.40 -15.43
C TYR A 124 -30.79 -11.76 -15.46
N ASP A 125 -30.74 -10.51 -15.03
CA ASP A 125 -29.52 -9.75 -14.89
C ASP A 125 -29.59 -8.94 -13.60
N VAL A 126 -28.44 -8.60 -13.07
CA VAL A 126 -28.39 -7.81 -11.86
C VAL A 126 -27.47 -6.64 -12.11
N PRO A 127 -27.94 -5.43 -12.33
CA PRO A 127 -27.08 -4.30 -12.47
C PRO A 127 -26.25 -4.27 -11.21
N ASP A 128 -24.96 -4.06 -11.32
CA ASP A 128 -24.08 -4.07 -10.17
C ASP A 128 -24.20 -5.39 -9.38
N TYR A 129 -24.11 -6.48 -10.12
CA TYR A 129 -24.14 -7.85 -9.64
C TYR A 129 -23.17 -8.07 -8.54
N ALA A 130 -21.96 -7.59 -8.76
CA ALA A 130 -20.88 -7.74 -7.84
C ALA A 130 -21.16 -7.14 -6.48
N SER A 131 -21.90 -6.02 -6.41
CA SER A 131 -22.18 -5.43 -5.13
C SER A 131 -23.19 -6.27 -4.41
N LEU A 132 -24.21 -6.77 -5.12
CA LEU A 132 -25.18 -7.57 -4.40
C LEU A 132 -24.54 -8.85 -3.90
N ARG A 133 -23.67 -9.44 -4.71
CA ARG A 133 -22.98 -10.65 -4.30
C ARG A 133 -22.15 -10.37 -3.04
N SER A 134 -21.46 -9.23 -2.98
CA SER A 134 -20.70 -8.84 -1.81
C SER A 134 -21.58 -8.62 -0.58
N LEU A 135 -22.73 -7.93 -0.74
CA LEU A 135 -23.60 -7.68 0.41
C LEU A 135 -24.10 -8.95 1.03
N VAL A 136 -24.52 -9.88 0.19
CA VAL A 136 -25.08 -11.08 0.73
C VAL A 136 -23.99 -11.93 1.33
N ALA A 137 -22.84 -12.04 0.65
CA ALA A 137 -21.76 -12.85 1.15
C ALA A 137 -21.28 -12.42 2.50
N SER A 138 -21.19 -11.10 2.75
CA SER A 138 -20.71 -10.62 4.03
C SER A 138 -21.76 -10.67 5.12
N SER A 139 -23.05 -10.66 4.75
CA SER A 139 -24.11 -10.78 5.73
C SER A 139 -24.01 -12.19 6.33
N GLY A 140 -23.83 -13.19 5.47
CA GLY A 140 -23.63 -14.55 5.95
C GLY A 140 -24.87 -15.39 6.13
N THR A 141 -26.00 -14.87 5.72
CA THR A 141 -27.22 -15.61 5.87
C THR A 141 -28.24 -15.35 4.80
N LEU A 142 -29.05 -16.36 4.52
CA LEU A 142 -30.21 -16.24 3.66
C LEU A 142 -31.50 -16.32 4.45
N GLU A 143 -31.45 -16.06 5.76
CA GLU A 143 -32.67 -16.09 6.55
C GLU A 143 -33.66 -15.15 5.95
N PHE A 144 -34.85 -15.66 5.65
CA PHE A 144 -35.86 -14.86 5.01
C PHE A 144 -37.17 -14.87 5.71
N ILE A 145 -37.67 -13.68 5.91
CA ILE A 145 -38.93 -13.49 6.57
C ILE A 145 -39.98 -12.97 5.64
N THR A 146 -41.05 -13.74 5.51
CA THR A 146 -42.16 -13.41 4.66
C THR A 146 -42.96 -12.29 5.28
N GLU A 147 -43.33 -11.29 4.49
CA GLU A 147 -44.14 -10.21 5.00
C GLU A 147 -45.47 -10.13 4.30
N GLY A 148 -46.45 -9.62 5.02
CA GLY A 148 -47.81 -9.49 4.53
C GLY A 148 -48.02 -8.36 3.55
N PHE A 149 -47.36 -8.43 2.43
CA PHE A 149 -47.57 -7.40 1.43
C PHE A 149 -48.90 -7.69 0.79
N THR A 150 -49.70 -6.67 0.58
CA THR A 150 -50.97 -6.89 -0.07
C THR A 150 -50.98 -6.25 -1.43
N TRP A 151 -51.15 -7.05 -2.45
CA TRP A 151 -51.16 -6.54 -3.79
C TRP A 151 -52.55 -6.70 -4.33
N THR A 152 -53.28 -5.61 -4.51
CA THR A 152 -54.67 -5.75 -4.92
C THR A 152 -54.87 -5.40 -6.38
N GLY A 153 -55.83 -6.09 -7.00
CA GLY A 153 -56.22 -5.81 -8.38
C GLY A 153 -55.26 -6.46 -9.38
N VAL A 154 -54.39 -7.33 -8.89
CA VAL A 154 -53.42 -8.01 -9.72
C VAL A 154 -53.45 -9.49 -9.44
N THR A 155 -52.92 -10.24 -10.38
CA THR A 155 -52.80 -11.68 -10.23
C THR A 155 -51.44 -11.94 -9.64
N GLN A 156 -51.42 -12.69 -8.55
CA GLN A 156 -50.20 -13.00 -7.86
C GLN A 156 -49.64 -14.35 -8.29
N ASN A 157 -48.35 -14.57 -8.01
CA ASN A 157 -47.63 -15.82 -8.25
C ASN A 157 -47.53 -16.34 -9.69
N GLY A 158 -47.31 -15.49 -10.67
CA GLY A 158 -47.15 -15.99 -12.03
C GLY A 158 -45.81 -16.73 -12.18
N GLY A 159 -45.76 -17.72 -13.08
CA GLY A 159 -44.51 -18.45 -13.32
C GLY A 159 -44.18 -18.61 -14.80
N SER A 160 -43.23 -19.49 -15.10
CA SER A 160 -42.76 -19.76 -16.46
C SER A 160 -42.25 -21.18 -16.65
N ASN A 161 -42.27 -21.69 -17.89
CA ASN A 161 -41.76 -23.03 -18.17
C ASN A 161 -40.25 -23.00 -18.26
N ALA A 162 -39.69 -21.81 -18.18
CA ALA A 162 -38.25 -21.65 -18.11
C ALA A 162 -37.72 -21.89 -16.68
N CYS A 163 -38.60 -22.03 -15.64
CA CYS A 163 -38.22 -22.18 -14.25
C CYS A 163 -39.14 -23.25 -13.66
N LYS A 164 -39.07 -24.45 -14.19
CA LYS A 164 -39.99 -25.46 -13.73
C LYS A 164 -39.70 -25.86 -12.32
N ARG A 165 -40.75 -26.04 -11.58
CA ARG A 165 -40.70 -26.45 -10.20
C ARG A 165 -41.59 -27.65 -10.05
N GLY A 166 -41.02 -28.82 -9.87
CA GLY A 166 -41.89 -29.96 -9.89
C GLY A 166 -42.23 -30.13 -11.36
N PRO A 167 -43.30 -30.83 -11.74
CA PRO A 167 -43.69 -31.10 -13.10
C PRO A 167 -44.21 -29.89 -13.91
N GLY A 168 -44.62 -28.81 -13.25
CA GLY A 168 -45.18 -27.67 -13.97
C GLY A 168 -44.31 -26.42 -13.93
N SER A 169 -44.91 -25.29 -14.29
CA SER A 169 -44.22 -24.01 -14.37
C SER A 169 -43.92 -23.49 -12.99
N GLY A 170 -43.01 -22.53 -12.91
CA GLY A 170 -42.66 -21.98 -11.61
C GLY A 170 -41.87 -20.70 -11.74
N PHE A 171 -41.31 -20.27 -10.62
CA PHE A 171 -40.58 -19.03 -10.58
C PHE A 171 -39.64 -19.07 -9.40
N PHE A 172 -38.90 -18.00 -9.23
CA PHE A 172 -37.99 -17.87 -8.13
C PHE A 172 -38.83 -17.87 -6.85
N SER A 173 -38.42 -18.63 -5.85
CA SER A 173 -39.17 -18.76 -4.62
C SER A 173 -39.26 -17.52 -3.74
N ARG A 174 -38.38 -16.55 -3.90
CA ARG A 174 -38.45 -15.37 -3.06
C ARG A 174 -39.04 -14.15 -3.75
N LEU A 175 -39.53 -14.34 -4.97
CA LEU A 175 -40.09 -13.25 -5.75
C LEU A 175 -41.53 -13.53 -6.14
N ASN A 176 -42.31 -12.47 -6.33
CA ASN A 176 -43.70 -12.60 -6.73
C ASN A 176 -44.01 -11.86 -8.03
N TRP A 177 -44.22 -12.60 -9.11
CA TRP A 177 -44.46 -11.98 -10.39
C TRP A 177 -45.92 -11.58 -10.51
N LEU A 178 -46.17 -10.27 -10.50
CA LEU A 178 -47.53 -9.75 -10.52
C LEU A 178 -47.93 -9.42 -11.94
N THR A 179 -49.12 -9.82 -12.33
CA THR A 179 -49.66 -9.58 -13.67
C THR A 179 -51.08 -9.02 -13.60
N LYS A 180 -51.68 -8.72 -14.73
CA LYS A 180 -53.05 -8.17 -14.71
C LYS A 180 -54.05 -9.12 -14.07
N SER A 181 -55.16 -8.55 -13.63
CA SER A 181 -56.28 -9.29 -13.07
C SER A 181 -57.50 -8.98 -13.90
N GLY A 182 -58.04 -9.98 -14.58
CA GLY A 182 -59.14 -9.66 -15.47
C GLY A 182 -58.60 -8.76 -16.58
N SER A 183 -59.18 -7.59 -16.74
CA SER A 183 -58.75 -6.66 -17.77
C SER A 183 -57.96 -5.46 -17.27
N THR A 184 -57.58 -5.45 -15.98
CA THR A 184 -56.86 -4.28 -15.49
C THR A 184 -55.60 -4.56 -14.67
N TYR A 185 -54.90 -3.48 -14.39
CA TYR A 185 -53.71 -3.50 -13.56
C TYR A 185 -53.65 -2.10 -12.92
N PRO A 186 -53.98 -1.94 -11.64
CA PRO A 186 -54.04 -0.69 -10.93
C PRO A 186 -52.67 -0.22 -10.61
N VAL A 187 -52.52 1.02 -10.25
CA VAL A 187 -51.22 1.39 -9.76
C VAL A 187 -51.15 0.85 -8.35
N LEU A 188 -50.08 0.10 -8.07
CA LEU A 188 -49.93 -0.52 -6.75
C LEU A 188 -49.16 0.47 -5.87
N ASN A 189 -49.67 0.76 -4.68
CA ASN A 189 -48.98 1.67 -3.73
C ASN A 189 -48.96 0.96 -2.38
N VAL A 190 -47.84 0.33 -2.01
CA VAL A 190 -47.84 -0.47 -0.76
C VAL A 190 -46.78 0.06 0.22
N THR A 191 -47.11 0.07 1.52
CA THR A 191 -46.18 0.57 2.52
C THR A 191 -45.83 -0.51 3.53
N MET A 192 -44.54 -0.72 3.74
CA MET A 192 -44.08 -1.72 4.67
C MET A 192 -43.00 -1.15 5.64
N PRO A 193 -43.36 -0.64 6.83
CA PRO A 193 -42.49 0.04 7.78
C PRO A 193 -41.51 -0.89 8.48
N ASN A 194 -40.33 -0.38 8.86
CA ASN A 194 -39.40 -1.18 9.64
C ASN A 194 -39.47 -0.81 11.12
N ASN A 195 -40.22 -1.59 11.89
CA ASN A 195 -40.44 -1.31 13.30
C ASN A 195 -39.61 -2.25 14.15
N ASP A 196 -38.64 -2.87 13.51
CA ASP A 196 -37.74 -3.82 14.10
C ASP A 196 -36.46 -3.12 14.52
N ASN A 197 -35.51 -3.86 15.08
CA ASN A 197 -34.24 -3.28 15.53
C ASN A 197 -33.04 -3.73 14.70
N PHE A 198 -33.28 -4.03 13.44
CA PHE A 198 -32.27 -4.46 12.49
C PHE A 198 -32.63 -4.04 11.08
N ASP A 199 -31.63 -4.04 10.19
CA ASP A 199 -31.80 -3.70 8.79
C ASP A 199 -32.46 -4.82 8.00
N LYS A 200 -33.35 -4.43 7.09
CA LYS A 200 -34.04 -5.37 6.22
C LYS A 200 -33.61 -5.24 4.77
N LEU A 201 -33.21 -6.35 4.16
CA LEU A 201 -32.82 -6.31 2.75
C LEU A 201 -33.92 -6.81 1.84
N TYR A 202 -34.36 -5.94 0.95
CA TYR A 202 -35.42 -6.32 0.03
C TYR A 202 -34.89 -6.50 -1.35
N ILE A 203 -35.24 -7.63 -1.95
CA ILE A 203 -34.85 -7.96 -3.30
C ILE A 203 -36.11 -7.92 -4.13
N TRP A 204 -36.05 -7.20 -5.23
CA TRP A 204 -37.18 -7.02 -6.12
C TRP A 204 -36.68 -6.87 -7.53
N GLY A 205 -37.55 -6.94 -8.51
CA GLY A 205 -37.05 -6.74 -9.84
C GLY A 205 -38.06 -6.16 -10.81
N VAL A 206 -37.60 -5.99 -12.04
CA VAL A 206 -38.38 -5.41 -13.11
C VAL A 206 -38.40 -6.31 -14.33
N HIS A 207 -39.59 -6.60 -14.82
CA HIS A 207 -39.73 -7.42 -16.01
C HIS A 207 -39.52 -6.61 -17.28
N HIS A 208 -38.86 -7.21 -18.27
CA HIS A 208 -38.60 -6.62 -19.58
C HIS A 208 -39.16 -7.51 -20.71
N PRO A 209 -40.40 -7.29 -21.16
CA PRO A 209 -41.10 -8.03 -22.20
C PRO A 209 -40.36 -7.95 -23.52
N SER A 210 -40.51 -8.97 -24.35
CA SER A 210 -39.84 -9.02 -25.64
C SER A 210 -40.53 -8.20 -26.72
N THR A 211 -41.76 -7.82 -26.45
CA THR A 211 -42.60 -7.12 -27.39
C THR A 211 -43.74 -6.32 -26.81
N ASN A 212 -44.22 -5.39 -27.61
CA ASN A 212 -45.36 -4.53 -27.30
C ASN A 212 -46.61 -5.35 -27.19
N GLN A 213 -46.60 -6.53 -27.77
CA GLN A 213 -47.75 -7.41 -27.74
C GLN A 213 -47.76 -8.29 -26.50
N GLU A 214 -46.70 -8.21 -25.68
CA GLU A 214 -46.62 -8.99 -24.46
C GLU A 214 -46.94 -8.06 -23.31
N GLN A 215 -46.39 -6.85 -23.34
CA GLN A 215 -46.61 -5.98 -22.20
C GLN A 215 -48.07 -5.55 -22.02
N THR A 216 -48.86 -5.56 -23.09
CA THR A 216 -50.25 -5.15 -22.95
C THR A 216 -51.17 -6.33 -22.75
N SER A 217 -50.64 -7.55 -22.75
CA SER A 217 -51.48 -8.71 -22.55
C SER A 217 -51.13 -9.30 -21.20
N LEU A 218 -49.94 -8.94 -20.73
CA LEU A 218 -49.42 -9.43 -19.48
C LEU A 218 -49.82 -8.51 -18.33
N TYR A 219 -49.67 -7.19 -18.48
CA TYR A 219 -50.01 -6.28 -17.39
C TYR A 219 -50.69 -5.01 -17.90
N VAL A 220 -51.40 -5.17 -19.02
CA VAL A 220 -52.18 -4.14 -19.75
C VAL A 220 -51.62 -2.71 -19.70
N GLN A 221 -50.35 -2.54 -19.98
CA GLN A 221 -49.74 -1.21 -19.89
C GLN A 221 -48.69 -0.89 -20.92
N ALA A 222 -48.94 0.15 -21.71
CA ALA A 222 -48.01 0.60 -22.76
C ALA A 222 -46.65 1.04 -22.21
N SER A 223 -46.64 1.66 -21.03
CA SER A 223 -45.37 2.09 -20.46
C SER A 223 -45.34 1.92 -18.95
N GLY A 224 -44.66 0.88 -18.50
CA GLY A 224 -44.62 0.57 -17.09
C GLY A 224 -43.48 1.31 -16.44
N ARG A 225 -43.54 1.39 -15.13
CA ARG A 225 -42.48 1.91 -14.30
C ARG A 225 -42.54 1.25 -12.94
N VAL A 226 -41.39 1.08 -12.32
CA VAL A 226 -41.35 0.61 -10.95
C VAL A 226 -40.54 1.55 -10.07
N THR A 227 -41.16 2.08 -9.02
CA THR A 227 -40.47 2.96 -8.09
C THR A 227 -40.45 2.38 -6.70
N VAL A 228 -39.27 2.24 -6.14
CA VAL A 228 -39.14 1.72 -4.79
C VAL A 228 -38.38 2.75 -3.97
N SER A 229 -38.94 3.12 -2.82
CA SER A 229 -38.30 4.17 -2.03
C SER A 229 -38.38 4.04 -0.53
N THR A 230 -37.51 4.81 0.11
CA THR A 230 -37.39 4.95 1.55
C THR A 230 -37.39 6.43 1.91
N ARG A 231 -37.22 6.75 3.20
CA ARG A 231 -37.18 8.15 3.64
C ARG A 231 -35.90 8.85 3.21
N ARG A 232 -34.91 8.11 2.73
CA ARG A 232 -33.65 8.69 2.35
C ARG A 232 -33.29 8.59 0.87
N SER A 233 -33.76 7.58 0.16
CA SER A 233 -33.39 7.43 -1.25
C SER A 233 -34.48 6.75 -2.06
N GLN A 234 -34.43 6.90 -3.38
CA GLN A 234 -35.40 6.20 -4.23
C GLN A 234 -34.77 5.66 -5.48
N GLN A 235 -35.34 4.59 -6.01
CA GLN A 235 -34.92 4.03 -7.28
C GLN A 235 -36.09 3.88 -8.23
N THR A 236 -36.00 4.48 -9.41
CA THR A 236 -37.07 4.29 -10.39
C THR A 236 -36.53 3.65 -11.63
N ILE A 237 -37.15 2.55 -11.99
CA ILE A 237 -36.73 1.77 -13.12
C ILE A 237 -37.76 1.77 -14.23
N ILE A 238 -37.30 2.03 -15.44
CA ILE A 238 -38.18 1.97 -16.59
C ILE A 238 -37.82 0.71 -17.40
N PRO A 239 -38.77 -0.21 -17.65
CA PRO A 239 -38.65 -1.43 -18.43
C PRO A 239 -38.27 -1.14 -19.87
N ASN A 240 -37.50 -2.04 -20.48
CA ASN A 240 -37.07 -1.87 -21.86
C ASN A 240 -37.53 -3.02 -22.74
N ILE A 241 -38.43 -2.71 -23.66
CA ILE A 241 -39.06 -3.70 -24.54
C ILE A 241 -38.18 -4.13 -25.71
N GLY A 242 -38.08 -5.43 -25.93
CA GLY A 242 -37.33 -5.93 -27.08
C GLY A 242 -36.77 -7.34 -26.92
N SER A 243 -36.46 -7.96 -28.06
CA SER A 243 -35.90 -9.30 -28.03
C SER A 243 -34.42 -9.32 -27.75
N ARG A 244 -34.03 -10.20 -26.84
CA ARG A 244 -32.67 -10.45 -26.47
C ARG A 244 -32.37 -11.83 -27.04
N PRO A 245 -31.12 -12.34 -27.06
CA PRO A 245 -30.82 -13.69 -27.48
C PRO A 245 -31.65 -14.63 -26.63
N TRP A 246 -32.05 -15.76 -27.18
CA TRP A 246 -32.88 -16.69 -26.46
C TRP A 246 -32.13 -17.47 -25.43
N VAL A 247 -32.62 -17.46 -24.20
CA VAL A 247 -32.04 -18.22 -23.11
C VAL A 247 -33.13 -19.09 -22.53
N ARG A 248 -32.96 -20.40 -22.56
CA ARG A 248 -33.98 -21.34 -22.08
C ARG A 248 -35.34 -21.10 -22.72
N GLY A 249 -35.35 -20.75 -23.99
CA GLY A 249 -36.61 -20.53 -24.70
C GLY A 249 -37.21 -19.14 -24.53
N LEU A 250 -36.58 -18.26 -23.76
CA LEU A 250 -37.14 -16.94 -23.59
C LEU A 250 -36.28 -15.82 -24.12
N SER A 251 -36.90 -14.87 -24.80
CA SER A 251 -36.21 -13.71 -25.34
C SER A 251 -36.37 -12.50 -24.43
N SER A 252 -37.14 -12.67 -23.36
CA SER A 252 -37.44 -11.65 -22.35
C SER A 252 -36.47 -11.74 -21.16
N ARG A 253 -36.44 -10.69 -20.32
CA ARG A 253 -35.55 -10.68 -19.14
C ARG A 253 -36.14 -10.08 -17.86
N ILE A 254 -35.57 -10.48 -16.72
CA ILE A 254 -35.86 -9.78 -15.44
C ILE A 254 -34.61 -9.12 -14.84
N SER A 255 -34.71 -7.85 -14.48
CA SER A 255 -33.61 -7.17 -13.83
C SER A 255 -33.81 -7.16 -12.32
N ILE A 256 -32.77 -7.47 -11.56
CA ILE A 256 -32.83 -7.51 -10.10
C ILE A 256 -32.20 -6.30 -9.44
N TYR A 257 -32.96 -5.72 -8.53
CA TYR A 257 -32.59 -4.53 -7.77
C TYR A 257 -32.77 -4.78 -6.29
N TRP A 258 -32.11 -4.00 -5.46
CA TRP A 258 -32.32 -4.18 -4.04
C TRP A 258 -32.32 -2.88 -3.30
N THR A 259 -32.91 -2.91 -2.11
CA THR A 259 -32.91 -1.77 -1.21
C THR A 259 -32.81 -2.20 0.24
N ILE A 260 -32.21 -1.37 1.07
CA ILE A 260 -32.08 -1.66 2.48
C ILE A 260 -32.87 -0.68 3.31
N VAL A 261 -33.71 -1.21 4.19
CA VAL A 261 -34.52 -0.37 5.03
C VAL A 261 -34.04 -0.46 6.48
N LYS A 262 -33.62 0.67 7.04
CA LYS A 262 -33.11 0.71 8.41
C LYS A 262 -34.24 0.87 9.41
N PRO A 263 -34.06 0.53 10.69
CA PRO A 263 -35.07 0.70 11.70
C PRO A 263 -35.56 2.12 11.73
N GLY A 264 -36.87 2.30 11.74
CA GLY A 264 -37.48 3.60 11.76
C GLY A 264 -37.81 4.09 10.36
N ASP A 265 -37.28 3.44 9.34
CA ASP A 265 -37.55 3.85 7.99
C ASP A 265 -38.76 3.09 7.47
N VAL A 266 -39.17 3.36 6.23
CA VAL A 266 -40.33 2.76 5.61
C VAL A 266 -40.12 2.32 4.18
N LEU A 267 -40.53 1.13 3.81
CA LEU A 267 -40.42 0.77 2.40
C LEU A 267 -41.69 1.10 1.63
N VAL A 268 -41.58 1.82 0.54
CA VAL A 268 -42.73 2.10 -0.29
C VAL A 268 -42.54 1.65 -1.72
N ILE A 269 -43.49 0.86 -2.23
CA ILE A 269 -43.41 0.38 -3.60
C ILE A 269 -44.57 0.91 -4.42
N ASN A 270 -44.24 1.56 -5.54
CA ASN A 270 -45.20 2.13 -6.47
C ASN A 270 -45.02 1.60 -7.88
N SER A 271 -46.02 0.95 -8.45
CA SER A 271 -45.81 0.45 -9.81
C SER A 271 -47.08 0.42 -10.64
N ASN A 272 -46.91 0.57 -11.95
CA ASN A 272 -48.06 0.51 -12.86
C ASN A 272 -47.90 -0.60 -13.87
N GLY A 273 -47.01 -1.55 -13.56
CA GLY A 273 -46.70 -2.68 -14.42
C GLY A 273 -45.26 -3.11 -14.26
N ASN A 274 -44.96 -4.34 -14.68
CA ASN A 274 -43.64 -4.99 -14.63
C ASN A 274 -43.00 -5.16 -13.28
N LEU A 275 -43.78 -5.36 -12.23
CA LEU A 275 -43.18 -5.55 -10.93
C LEU A 275 -43.05 -7.01 -10.53
N ILE A 276 -41.82 -7.36 -10.19
CA ILE A 276 -41.50 -8.64 -9.63
C ILE A 276 -41.33 -8.26 -8.17
N ALA A 277 -42.36 -8.54 -7.41
CA ALA A 277 -42.49 -8.06 -6.07
C ALA A 277 -41.67 -8.86 -5.09
N PRO A 278 -41.22 -8.26 -3.99
CA PRO A 278 -40.60 -8.95 -2.89
C PRO A 278 -41.67 -9.74 -2.17
N ARG A 279 -41.30 -10.83 -1.51
CA ARG A 279 -42.25 -11.55 -0.66
C ARG A 279 -41.99 -11.33 0.80
N GLY A 280 -40.95 -10.57 1.08
CA GLY A 280 -40.49 -10.35 2.42
C GLY A 280 -39.07 -9.86 2.34
N TYR A 281 -38.33 -9.99 3.43
CA TYR A 281 -36.97 -9.47 3.49
C TYR A 281 -35.96 -10.43 4.02
N PHE A 282 -34.73 -10.19 3.68
CA PHE A 282 -33.64 -10.94 4.23
C PHE A 282 -33.12 -10.21 5.44
N LYS A 283 -32.82 -10.92 6.48
CA LYS A 283 -32.30 -10.26 7.67
C LYS A 283 -30.82 -9.99 7.48
N MET A 284 -30.36 -8.75 7.67
CA MET A 284 -28.95 -8.49 7.47
C MET A 284 -28.16 -8.62 8.74
N ARG A 285 -26.94 -9.11 8.60
CA ARG A 285 -26.03 -9.27 9.70
C ARG A 285 -24.65 -8.73 9.36
N THR A 286 -23.83 -8.52 10.37
CA THR A 286 -22.45 -8.14 10.14
C THR A 286 -21.59 -9.24 10.72
N GLY A 287 -20.34 -9.35 10.28
CA GLY A 287 -19.51 -10.41 10.80
C GLY A 287 -18.38 -10.81 9.87
N LYS A 288 -17.88 -12.02 10.07
CA LYS A 288 -16.73 -12.59 9.39
C LYS A 288 -17.06 -13.35 8.09
N SER A 289 -18.31 -13.42 7.72
CA SER A 289 -18.70 -14.19 6.56
C SER A 289 -18.16 -13.65 5.23
N SER A 290 -17.85 -14.58 4.31
CA SER A 290 -17.40 -14.24 2.98
C SER A 290 -17.75 -15.28 1.92
N ILE A 291 -17.21 -15.07 0.72
CA ILE A 291 -17.44 -15.94 -0.44
C ILE A 291 -16.13 -16.22 -1.20
N MET A 292 -15.99 -17.43 -1.72
CA MET A 292 -14.83 -17.82 -2.51
C MET A 292 -15.20 -18.68 -3.70
N ARG A 293 -14.45 -18.60 -4.78
CA ARG A 293 -14.68 -19.46 -5.94
C ARG A 293 -13.61 -20.55 -5.94
N SER A 294 -14.02 -21.80 -5.86
CA SER A 294 -13.07 -22.91 -5.81
C SER A 294 -13.65 -24.22 -6.26
N ASP A 295 -12.86 -25.04 -6.94
CA ASP A 295 -13.35 -26.37 -7.32
C ASP A 295 -12.79 -27.46 -6.40
N ALA A 296 -12.13 -27.06 -5.31
CA ALA A 296 -11.58 -28.01 -4.36
C ALA A 296 -12.69 -28.70 -3.56
N PRO A 297 -12.62 -30.00 -3.25
CA PRO A 297 -13.56 -30.74 -2.44
C PRO A 297 -13.41 -30.34 -1.00
N ILE A 298 -14.43 -30.58 -0.20
CA ILE A 298 -14.46 -30.27 1.22
C ILE A 298 -14.35 -31.54 2.08
N ASP A 299 -13.49 -31.54 3.11
CA ASP A 299 -13.33 -32.74 3.93
C ASP A 299 -13.34 -32.53 5.46
N THR A 300 -13.24 -33.66 6.17
CA THR A 300 -13.26 -33.70 7.63
C THR A 300 -11.88 -33.57 8.26
N CYS A 301 -11.41 -32.33 8.31
CA CYS A 301 -10.10 -31.89 8.79
C CYS A 301 -10.26 -30.51 9.39
N ILE A 302 -9.24 -30.05 10.09
CA ILE A 302 -9.30 -28.74 10.70
C ILE A 302 -8.20 -27.81 10.20
N SER A 303 -8.58 -26.65 9.71
CA SER A 303 -7.63 -25.63 9.30
C SER A 303 -8.22 -24.24 9.28
N GLU A 304 -7.52 -23.33 9.90
CA GLU A 304 -7.91 -21.94 9.97
C GLU A 304 -7.78 -21.10 8.69
N CYS A 305 -6.97 -21.55 7.69
CA CYS A 305 -6.69 -20.81 6.45
C CYS A 305 -7.16 -21.55 5.21
N ILE A 306 -8.04 -20.90 4.49
CA ILE A 306 -8.60 -21.47 3.28
C ILE A 306 -8.20 -20.68 2.05
N THR A 307 -7.71 -21.38 1.02
CA THR A 307 -7.39 -20.70 -0.23
C THR A 307 -8.22 -21.45 -1.27
N PRO A 308 -8.46 -20.94 -2.51
CA PRO A 308 -9.16 -21.71 -3.55
C PRO A 308 -8.48 -23.02 -4.00
N ASN A 309 -7.21 -23.21 -3.63
CA ASN A 309 -6.47 -24.45 -3.97
C ASN A 309 -6.63 -25.43 -2.82
N GLY A 310 -7.43 -25.08 -1.81
CA GLY A 310 -7.57 -25.91 -0.61
C GLY A 310 -6.99 -25.25 0.62
N SER A 311 -7.17 -25.87 1.79
CA SER A 311 -6.66 -25.34 3.02
C SER A 311 -5.15 -25.48 3.06
N ILE A 312 -4.51 -24.54 3.74
CA ILE A 312 -3.07 -24.61 3.91
C ILE A 312 -2.77 -24.45 5.40
N PRO A 313 -1.62 -24.92 5.87
CA PRO A 313 -1.08 -24.68 7.20
C PRO A 313 -0.82 -23.19 7.37
N ASN A 314 -0.90 -22.71 8.60
CA ASN A 314 -0.62 -21.31 8.88
C ASN A 314 0.52 -21.16 9.87
N ASP A 315 1.50 -22.06 9.82
CA ASP A 315 2.64 -22.06 10.72
C ASP A 315 3.88 -21.35 10.16
N LYS A 316 3.72 -20.70 9.02
CA LYS A 316 4.76 -19.96 8.37
C LYS A 316 4.21 -18.57 8.16
N PRO A 317 5.02 -17.51 8.22
CA PRO A 317 4.59 -16.15 7.98
C PRO A 317 4.17 -15.79 6.56
N PHE A 318 4.64 -16.55 5.55
CA PHE A 318 4.34 -16.21 4.18
C PHE A 318 3.84 -17.41 3.42
N GLN A 319 3.10 -17.19 2.35
CA GLN A 319 2.68 -18.25 1.46
C GLN A 319 2.71 -17.80 0.03
N ASN A 320 2.85 -18.73 -0.91
CA ASN A 320 2.69 -18.33 -2.28
C ASN A 320 1.71 -19.23 -3.00
N VAL A 321 0.73 -19.74 -2.26
CA VAL A 321 -0.28 -20.62 -2.82
C VAL A 321 -1.31 -19.77 -3.57
N ASN A 322 -1.80 -18.71 -2.96
CA ASN A 322 -2.71 -17.84 -3.68
C ASN A 322 -2.78 -16.45 -3.08
N LYS A 323 -3.51 -15.57 -3.73
CA LYS A 323 -3.68 -14.22 -3.24
C LYS A 323 -5.03 -14.14 -2.57
N ILE A 324 -5.89 -15.08 -2.96
CA ILE A 324 -7.22 -15.16 -2.42
C ILE A 324 -7.18 -16.11 -1.26
N THR A 325 -7.46 -15.58 -0.09
CA THR A 325 -7.39 -16.33 1.13
C THR A 325 -8.57 -15.97 2.01
N TYR A 326 -8.87 -16.83 2.99
CA TYR A 326 -9.86 -16.56 4.02
C TYR A 326 -9.42 -17.10 5.38
N GLY A 327 -9.54 -16.30 6.44
CA GLY A 327 -9.19 -16.77 7.78
C GLY A 327 -7.77 -16.39 8.22
N ALA A 328 -7.20 -17.20 9.12
CA ALA A 328 -5.92 -16.84 9.76
C ALA A 328 -4.74 -17.29 8.90
N CYS A 329 -4.55 -16.59 7.78
CA CYS A 329 -3.60 -16.93 6.73
C CYS A 329 -2.27 -16.18 6.75
N PRO A 330 -1.19 -16.82 6.23
CA PRO A 330 0.12 -16.26 5.96
C PRO A 330 -0.01 -15.20 4.87
N LYS A 331 0.92 -14.28 4.85
CA LYS A 331 0.91 -13.21 3.87
C LYS A 331 1.32 -13.70 2.49
N TYR A 332 0.66 -13.21 1.44
CA TYR A 332 1.05 -13.67 0.10
C TYR A 332 2.24 -12.91 -0.43
N VAL A 333 3.21 -13.68 -0.88
CA VAL A 333 4.43 -13.15 -1.45
C VAL A 333 4.71 -13.78 -2.79
N LYS A 334 5.54 -13.13 -3.58
CA LYS A 334 5.95 -13.66 -4.88
C LYS A 334 6.93 -14.83 -4.78
N GLN A 335 7.80 -14.80 -3.78
CA GLN A 335 8.85 -15.78 -3.61
C GLN A 335 8.35 -17.18 -3.35
N ASN A 336 8.94 -18.16 -4.01
CA ASN A 336 8.57 -19.55 -3.75
C ASN A 336 9.26 -20.12 -2.55
N THR A 337 10.32 -19.47 -2.12
CA THR A 337 11.09 -19.91 -0.99
C THR A 337 11.84 -18.79 -0.33
N LEU A 338 11.96 -18.88 0.99
CA LEU A 338 12.74 -17.99 1.84
C LEU A 338 13.34 -18.81 2.96
N LYS A 339 14.66 -18.85 3.05
CA LYS A 339 15.27 -19.64 4.11
C LYS A 339 15.81 -18.80 5.22
N LEU A 340 15.38 -19.12 6.41
CA LEU A 340 15.76 -18.43 7.62
C LEU A 340 16.70 -19.26 8.43
N ALA A 341 17.90 -18.77 8.65
CA ALA A 341 18.88 -19.53 9.39
C ALA A 341 18.38 -19.76 10.79
N THR A 342 18.56 -20.97 11.29
CA THR A 342 18.15 -21.31 12.64
C THR A 342 19.39 -21.68 13.42
N GLY A 343 20.53 -21.39 12.83
CA GLY A 343 21.80 -21.70 13.42
C GLY A 343 22.93 -20.95 12.77
N MET A 344 24.12 -21.28 13.20
CA MET A 344 25.37 -20.68 12.80
C MET A 344 25.92 -21.15 11.48
N ARG A 345 26.94 -20.45 11.01
CA ARG A 345 27.64 -20.81 9.78
C ARG A 345 28.19 -22.21 9.91
N ASN A 346 28.10 -22.97 8.84
CA ASN A 346 28.57 -24.34 8.82
C ASN A 346 29.94 -24.40 8.20
N VAL A 347 30.95 -24.72 8.97
CA VAL A 347 32.26 -24.78 8.39
C VAL A 347 32.79 -26.21 8.57
N PRO A 348 32.77 -27.07 7.54
CA PRO A 348 33.16 -28.47 7.58
C PRO A 348 34.61 -28.65 7.99
N GLU A 349 34.94 -29.79 8.61
CA GLU A 349 36.33 -30.00 9.06
C GLU A 349 37.41 -30.04 7.96
N LYS A 350 37.07 -30.60 6.77
CA LYS A 350 37.93 -30.78 5.55
C LYS A 350 38.82 -32.04 5.68
N ALA B 8 41.09 -17.64 14.30
CA ALA B 8 40.60 -18.73 15.10
C ALA B 8 40.34 -20.07 14.46
N GLY B 9 40.34 -21.07 15.33
CA GLY B 9 40.10 -22.48 15.06
C GLY B 9 38.67 -22.69 14.71
N PHE B 10 37.86 -21.73 15.07
CA PHE B 10 36.45 -21.71 14.80
C PHE B 10 36.16 -20.95 13.52
N ILE B 11 37.22 -20.55 12.85
CA ILE B 11 37.16 -19.94 11.55
C ILE B 11 37.73 -21.01 10.63
N GLU B 12 38.83 -21.66 11.09
CA GLU B 12 39.43 -22.73 10.32
C GLU B 12 38.42 -23.85 10.09
N ASN B 13 37.70 -24.25 11.14
CA ASN B 13 36.59 -25.19 10.98
C ASN B 13 35.68 -25.31 12.19
N GLY B 14 34.58 -26.02 12.03
CA GLY B 14 33.76 -26.39 13.17
C GLY B 14 34.04 -27.84 13.47
N TRP B 15 33.38 -28.37 14.47
CA TRP B 15 33.54 -29.75 14.89
C TRP B 15 32.35 -30.60 14.53
N GLU B 16 32.58 -31.55 13.65
CA GLU B 16 31.48 -32.40 13.19
C GLU B 16 31.22 -33.46 14.25
N GLY B 17 32.19 -33.58 15.16
CA GLY B 17 32.16 -34.52 16.26
C GLY B 17 31.54 -33.92 17.53
N MET B 18 31.01 -32.70 17.49
CA MET B 18 30.39 -32.17 18.69
C MET B 18 28.90 -32.21 18.57
N ILE B 19 28.28 -33.04 19.41
CA ILE B 19 26.84 -33.25 19.36
C ILE B 19 26.08 -32.93 20.64
N ASP B 20 26.77 -32.56 21.72
CA ASP B 20 26.13 -32.28 22.99
C ASP B 20 25.90 -30.79 23.25
N GLY B 21 26.08 -29.98 22.22
CA GLY B 21 25.89 -28.54 22.31
C GLY B 21 26.35 -27.87 21.04
N TRP B 22 26.32 -26.55 21.01
CA TRP B 22 26.72 -25.80 19.83
C TRP B 22 28.12 -25.29 19.94
N TYR B 23 28.48 -24.91 21.14
CA TYR B 23 29.77 -24.32 21.40
C TYR B 23 30.40 -25.15 22.46
N GLY B 24 31.71 -25.24 22.46
CA GLY B 24 32.34 -25.99 23.51
C GLY B 24 33.84 -26.01 23.46
N PHE B 25 34.37 -26.92 24.24
CA PHE B 25 35.79 -27.05 24.42
C PHE B 25 36.29 -28.43 24.02
N ARG B 26 37.51 -28.46 23.54
CA ARG B 26 38.21 -29.69 23.23
C ARG B 26 39.58 -29.56 23.84
N HIS B 27 40.13 -30.62 24.39
CA HIS B 27 41.43 -30.42 25.03
C HIS B 27 42.40 -31.56 24.90
N GLN B 28 43.66 -31.23 25.12
CA GLN B 28 44.71 -32.21 25.20
C GLN B 28 45.65 -31.96 26.37
N ASN B 29 45.83 -32.97 27.22
CA ASN B 29 46.71 -32.86 28.38
C ASN B 29 47.40 -34.19 28.65
N SER B 30 48.02 -34.33 29.81
CA SER B 30 48.78 -35.51 30.19
C SER B 30 47.94 -36.77 30.36
N GLU B 31 46.61 -36.60 30.44
CA GLU B 31 45.68 -37.68 30.60
C GLU B 31 45.06 -38.06 29.26
N GLY B 32 45.52 -37.42 28.18
CA GLY B 32 44.96 -37.65 26.86
C GLY B 32 43.99 -36.55 26.47
N THR B 33 43.15 -36.85 25.50
CA THR B 33 42.27 -35.84 24.95
C THR B 33 40.83 -35.99 25.40
N GLY B 34 40.04 -34.97 25.13
CA GLY B 34 38.62 -35.02 25.43
C GLY B 34 37.85 -33.84 24.88
N GLN B 35 36.54 -33.86 25.10
CA GLN B 35 35.64 -32.85 24.59
C GLN B 35 34.41 -32.67 25.45
N ALA B 36 33.95 -31.43 25.58
CA ALA B 36 32.70 -31.15 26.29
C ALA B 36 32.02 -29.90 25.76
N ALA B 37 30.71 -29.94 25.63
CA ALA B 37 30.00 -28.73 25.23
C ALA B 37 29.88 -27.72 26.34
N ASP B 38 29.84 -26.46 25.97
CA ASP B 38 29.56 -25.36 26.89
C ASP B 38 28.07 -25.08 26.82
N LEU B 39 27.37 -25.35 27.91
CA LEU B 39 25.93 -25.23 27.80
C LEU B 39 25.42 -23.82 27.96
N LYS B 40 26.16 -22.95 28.63
CA LYS B 40 25.61 -21.61 28.80
C LYS B 40 25.60 -20.83 27.49
N SER B 41 26.68 -20.92 26.70
CA SER B 41 26.70 -20.21 25.43
C SER B 41 25.83 -20.92 24.41
N THR B 42 25.68 -22.24 24.54
CA THR B 42 24.80 -22.93 23.63
C THR B 42 23.38 -22.48 23.87
N GLN B 43 22.96 -22.41 25.12
CA GLN B 43 21.59 -22.03 25.36
C GLN B 43 21.38 -20.57 25.01
N ALA B 44 22.35 -19.70 25.27
CA ALA B 44 22.12 -18.30 24.94
C ALA B 44 21.88 -18.11 23.45
N ALA B 45 22.65 -18.79 22.60
CA ALA B 45 22.46 -18.65 21.16
C ALA B 45 21.09 -19.18 20.77
N ILE B 46 20.69 -20.29 21.39
CA ILE B 46 19.41 -20.90 21.08
C ILE B 46 18.25 -20.02 21.50
N ASP B 47 18.31 -19.43 22.69
CA ASP B 47 17.22 -18.57 23.13
C ASP B 47 17.03 -17.38 22.23
N GLN B 48 18.13 -16.79 21.75
CA GLN B 48 18.00 -15.62 20.86
C GLN B 48 17.37 -16.05 19.55
N ILE B 49 17.76 -17.20 19.05
CA ILE B 49 17.21 -17.69 17.81
C ILE B 49 15.76 -18.09 17.97
N ASN B 50 15.41 -18.82 19.03
CA ASN B 50 14.02 -19.24 19.16
C ASN B 50 13.10 -18.04 19.28
N GLY B 51 13.58 -16.97 19.92
CA GLY B 51 12.80 -15.76 19.99
C GLY B 51 12.57 -15.23 18.57
N LYS B 52 13.66 -15.05 17.83
CA LYS B 52 13.61 -14.50 16.47
C LYS B 52 12.75 -15.28 15.51
N LEU B 53 12.70 -16.59 15.65
CA LEU B 53 11.93 -17.44 14.76
C LEU B 53 10.43 -17.34 15.05
N ASN B 54 10.10 -16.68 16.16
CA ASN B 54 8.76 -16.47 16.65
C ASN B 54 8.28 -15.07 16.23
N ARG B 55 7.07 -14.75 16.60
CA ARG B 55 6.45 -13.49 16.20
C ARG B 55 6.97 -12.27 16.97
N VAL B 56 8.22 -11.88 16.67
CA VAL B 56 8.87 -10.74 17.35
C VAL B 56 8.48 -9.41 16.70
N ILE B 57 8.57 -9.30 15.36
CA ILE B 57 8.19 -8.06 14.68
C ILE B 57 7.01 -8.26 13.71
N GLU B 58 6.48 -9.47 13.66
CA GLU B 58 5.36 -9.79 12.77
C GLU B 58 4.48 -10.86 13.36
N LYS B 59 3.21 -10.89 12.95
CA LYS B 59 2.26 -11.91 13.37
C LYS B 59 1.24 -12.19 12.26
N THR B 60 0.54 -13.32 12.35
CA THR B 60 -0.52 -13.65 11.40
C THR B 60 -1.77 -12.84 11.69
N ASN B 61 -2.30 -12.21 10.65
CA ASN B 61 -3.53 -11.46 10.77
C ASN B 61 -4.66 -12.27 10.20
N GLU B 62 -5.82 -12.19 10.84
CA GLU B 62 -6.97 -12.90 10.36
C GLU B 62 -7.87 -11.96 9.56
N LYS B 63 -8.13 -12.32 8.31
CA LYS B 63 -8.92 -11.50 7.41
C LYS B 63 -10.10 -12.26 6.86
N PHE B 64 -11.18 -11.54 6.61
CA PHE B 64 -12.37 -12.20 6.14
C PHE B 64 -12.87 -11.72 4.79
N HIS B 65 -13.87 -10.84 4.76
CA HIS B 65 -14.33 -10.37 3.48
C HIS B 65 -13.29 -9.39 2.96
N GLN B 66 -12.98 -9.48 1.68
CA GLN B 66 -11.98 -8.65 1.01
C GLN B 66 -12.44 -8.38 -0.40
N ILE B 67 -11.66 -7.61 -1.15
CA ILE B 67 -11.98 -7.30 -2.54
C ILE B 67 -11.81 -8.52 -3.43
N GLU B 68 -12.40 -8.49 -4.62
CA GLU B 68 -12.19 -9.57 -5.55
C GLU B 68 -10.83 -9.40 -6.16
N LYS B 69 -10.13 -10.48 -6.38
CA LYS B 69 -8.79 -10.39 -6.93
C LYS B 69 -8.63 -10.98 -8.33
N GLU B 70 -9.61 -11.72 -8.80
CA GLU B 70 -9.61 -12.32 -10.12
C GLU B 70 -10.87 -11.95 -10.83
N PHE B 71 -10.77 -11.75 -12.14
CA PHE B 71 -11.92 -11.30 -12.88
C PHE B 71 -12.11 -12.14 -14.13
N SER B 72 -13.37 -12.32 -14.53
CA SER B 72 -13.73 -13.07 -15.74
C SER B 72 -14.21 -12.19 -16.89
N GLU B 73 -14.17 -10.89 -16.70
CA GLU B 73 -14.68 -9.92 -17.66
C GLU B 73 -13.85 -8.65 -17.64
N VAL B 74 -13.87 -7.93 -18.75
CA VAL B 74 -13.18 -6.65 -18.90
C VAL B 74 -14.13 -5.51 -18.52
N GLU B 75 -13.81 -4.85 -17.42
CA GLU B 75 -14.69 -3.83 -16.86
C GLU B 75 -14.25 -2.38 -17.00
N GLY B 76 -12.97 -2.09 -17.15
CA GLY B 76 -12.57 -0.69 -17.13
C GLY B 76 -11.96 -0.23 -15.80
N ARG B 77 -12.24 1.03 -15.42
CA ARG B 77 -11.55 1.71 -14.32
C ARG B 77 -11.57 1.08 -12.94
N ILE B 78 -12.68 0.49 -12.54
CA ILE B 78 -12.71 0.01 -11.17
C ILE B 78 -11.85 -1.22 -11.07
N GLN B 79 -11.94 -2.09 -12.05
CA GLN B 79 -11.13 -3.27 -12.07
C GLN B 79 -9.66 -2.92 -12.16
N ASP B 80 -9.32 -1.88 -12.92
CA ASP B 80 -7.92 -1.48 -13.04
C ASP B 80 -7.41 -1.04 -11.69
N LEU B 81 -8.22 -0.32 -10.94
CA LEU B 81 -7.81 0.12 -9.62
C LEU B 81 -7.70 -1.04 -8.66
N GLU B 82 -8.64 -2.00 -8.70
CA GLU B 82 -8.58 -3.12 -7.79
C GLU B 82 -7.33 -3.95 -8.03
N LYS B 83 -6.97 -4.15 -9.30
CA LYS B 83 -5.77 -4.89 -9.61
C LYS B 83 -4.55 -4.14 -9.16
N TYR B 84 -4.54 -2.82 -9.36
CA TYR B 84 -3.43 -2.00 -8.98
C TYR B 84 -3.19 -2.06 -7.49
N VAL B 85 -4.27 -1.97 -6.71
CA VAL B 85 -4.18 -2.02 -5.28
C VAL B 85 -3.61 -3.35 -4.82
N GLU B 86 -4.07 -4.45 -5.39
CA GLU B 86 -3.55 -5.73 -4.99
C GLU B 86 -2.10 -5.92 -5.40
N ASP B 87 -1.71 -5.47 -6.60
CA ASP B 87 -0.33 -5.64 -7.00
C ASP B 87 0.59 -4.83 -6.13
N THR B 88 0.13 -3.64 -5.73
CA THR B 88 0.90 -2.77 -4.88
C THR B 88 1.16 -3.44 -3.56
N LYS B 89 0.10 -4.04 -2.97
CA LYS B 89 0.22 -4.75 -1.71
C LYS B 89 1.20 -5.89 -1.78
N ILE B 90 1.14 -6.66 -2.86
CA ILE B 90 2.01 -7.81 -2.99
C ILE B 90 3.44 -7.37 -3.15
N ASP B 91 3.72 -6.35 -3.97
CA ASP B 91 5.10 -5.92 -4.13
C ASP B 91 5.69 -5.45 -2.82
N LEU B 92 4.91 -4.74 -2.01
CA LEU B 92 5.39 -4.26 -0.74
C LEU B 92 5.61 -5.39 0.26
N TRP B 93 4.72 -6.39 0.31
CA TRP B 93 4.95 -7.47 1.24
C TRP B 93 6.08 -8.38 0.78
N SER B 94 6.27 -8.51 -0.53
CA SER B 94 7.35 -9.33 -1.05
C SER B 94 8.67 -8.67 -0.70
N TYR B 95 8.73 -7.34 -0.78
CA TYR B 95 9.90 -6.57 -0.37
C TYR B 95 10.18 -6.77 1.10
N ASN B 96 9.14 -6.65 1.92
CA ASN B 96 9.33 -6.81 3.34
C ASN B 96 9.86 -8.18 3.67
N ALA B 97 9.39 -9.22 2.96
CA ALA B 97 9.87 -10.55 3.20
C ALA B 97 11.35 -10.69 2.81
N GLU B 98 11.80 -10.07 1.71
CA GLU B 98 13.23 -10.18 1.38
C GLU B 98 14.12 -9.47 2.33
N LEU B 99 13.70 -8.27 2.74
CA LEU B 99 14.53 -7.51 3.61
C LEU B 99 14.56 -8.14 4.97
N LEU B 100 13.42 -8.62 5.43
CA LEU B 100 13.38 -9.21 6.73
C LEU B 100 14.21 -10.46 6.82
N VAL B 101 14.11 -11.33 5.83
CA VAL B 101 14.85 -12.54 5.96
C VAL B 101 16.33 -12.25 5.88
N ALA B 102 16.78 -11.38 4.96
CA ALA B 102 18.19 -11.08 4.91
C ALA B 102 18.67 -10.42 6.20
N LEU B 103 17.87 -9.54 6.81
CA LEU B 103 18.29 -8.94 8.08
C LEU B 103 18.34 -9.95 9.20
N GLU B 104 17.36 -10.84 9.25
CA GLU B 104 17.33 -11.83 10.31
C GLU B 104 18.46 -12.80 10.18
N ASN B 105 18.81 -13.18 8.95
CA ASN B 105 19.91 -14.10 8.75
C ASN B 105 21.21 -13.40 9.05
N GLN B 106 21.31 -12.11 8.76
CA GLN B 106 22.52 -11.38 9.06
C GLN B 106 22.72 -11.32 10.55
N HIS B 107 21.64 -11.14 11.30
CA HIS B 107 21.75 -11.08 12.74
C HIS B 107 22.04 -12.44 13.34
N THR B 108 21.50 -13.54 12.79
CA THR B 108 21.78 -14.87 13.30
C THR B 108 23.24 -15.21 13.14
N ILE B 109 23.81 -14.89 11.98
CA ILE B 109 25.21 -15.22 11.80
C ILE B 109 26.03 -14.38 12.75
N ASP B 110 25.69 -13.11 12.90
CA ASP B 110 26.47 -12.25 13.77
C ASP B 110 26.32 -12.63 15.26
N LEU B 111 25.13 -13.05 15.72
CA LEU B 111 25.02 -13.38 17.12
C LEU B 111 25.71 -14.69 17.40
N THR B 112 25.72 -15.64 16.45
CA THR B 112 26.38 -16.88 16.78
C THR B 112 27.89 -16.76 16.68
N ASP B 113 28.39 -15.87 15.81
CA ASP B 113 29.83 -15.66 15.75
C ASP B 113 30.27 -14.94 17.01
N SER B 114 29.42 -14.05 17.48
CA SER B 114 29.75 -13.30 18.67
C SER B 114 29.76 -14.19 19.90
N GLU B 115 28.82 -15.14 20.01
CA GLU B 115 28.83 -16.03 21.17
C GLU B 115 30.12 -16.83 21.18
N MET B 116 30.61 -17.24 20.00
CA MET B 116 31.87 -17.95 19.96
C MET B 116 33.04 -17.07 20.43
N ASN B 117 33.03 -15.80 20.02
CA ASN B 117 34.11 -14.91 20.42
C ASN B 117 34.03 -14.55 21.88
N LYS B 118 32.82 -14.48 22.44
CA LYS B 118 32.66 -14.19 23.85
C LYS B 118 33.22 -15.30 24.70
N LEU B 119 33.01 -16.57 24.29
CA LEU B 119 33.52 -17.71 25.04
C LEU B 119 35.04 -17.68 25.02
N PHE B 120 35.59 -17.27 23.87
CA PHE B 120 37.02 -17.20 23.72
C PHE B 120 37.62 -16.13 24.62
N GLU B 121 37.02 -14.93 24.65
CA GLU B 121 37.55 -13.87 25.49
C GLU B 121 37.39 -14.22 26.95
N LYS B 122 36.25 -14.83 27.28
CA LYS B 122 35.95 -15.28 28.64
C LYS B 122 36.99 -16.23 29.11
N THR B 123 37.38 -17.16 28.26
CA THR B 123 38.40 -18.12 28.62
C THR B 123 39.75 -17.41 28.77
N GLY B 124 40.08 -16.52 27.83
CA GLY B 124 41.37 -15.85 27.85
C GLY B 124 41.61 -15.05 29.11
N ARG B 125 40.58 -14.45 29.67
CA ARG B 125 40.78 -13.66 30.87
C ARG B 125 40.72 -14.47 32.14
N GLN B 126 40.39 -15.73 32.04
CA GLN B 126 40.34 -16.56 33.22
C GLN B 126 41.75 -17.06 33.36
N LEU B 127 42.36 -17.34 32.21
CA LEU B 127 43.71 -17.87 32.13
C LEU B 127 44.75 -16.79 32.40
N ARG B 128 44.42 -15.53 32.12
CA ARG B 128 45.31 -14.40 32.34
C ARG B 128 46.65 -14.57 31.65
N GLU B 129 47.70 -14.59 32.43
CA GLU B 129 49.04 -14.69 31.89
C GLU B 129 49.55 -16.11 31.88
N ASN B 130 48.69 -17.07 32.21
CA ASN B 130 49.12 -18.45 32.27
C ASN B 130 48.95 -19.17 30.95
N ALA B 131 48.48 -18.47 29.94
CA ALA B 131 48.26 -19.07 28.65
C ALA B 131 48.45 -18.08 27.53
N GLU B 132 48.74 -18.61 26.36
CA GLU B 132 48.88 -17.79 25.17
C GLU B 132 47.92 -18.19 24.09
N ASP B 133 47.45 -17.22 23.37
CA ASP B 133 46.55 -17.40 22.24
C ASP B 133 47.35 -17.83 21.04
N MET B 134 47.12 -19.04 20.54
CA MET B 134 47.94 -19.56 19.47
C MET B 134 47.51 -19.15 18.07
N GLY B 135 46.42 -18.39 17.97
CA GLY B 135 45.93 -17.91 16.68
C GLY B 135 45.04 -18.87 15.92
N ASN B 136 44.78 -20.02 16.52
CA ASN B 136 43.95 -21.06 15.94
C ASN B 136 42.82 -21.46 16.87
N GLY B 137 42.32 -20.53 17.69
CA GLY B 137 41.19 -20.79 18.58
C GLY B 137 41.60 -21.58 19.79
N CYS B 138 42.90 -21.67 20.00
CA CYS B 138 43.43 -22.45 21.07
C CYS B 138 44.29 -21.68 22.00
N PHE B 139 44.25 -22.08 23.24
CA PHE B 139 45.13 -21.51 24.20
C PHE B 139 46.18 -22.51 24.59
N LYS B 140 47.42 -22.09 24.60
CA LYS B 140 48.45 -22.95 25.08
C LYS B 140 48.58 -22.61 26.54
N ILE B 141 48.40 -23.60 27.36
CA ILE B 141 48.46 -23.44 28.78
C ILE B 141 49.86 -23.83 29.16
N TYR B 142 50.52 -22.98 29.92
CA TYR B 142 51.92 -23.17 30.24
C TYR B 142 52.24 -23.84 31.54
N HIS B 143 51.28 -24.56 32.07
CA HIS B 143 51.48 -25.32 33.28
C HIS B 143 50.77 -26.63 33.13
N LYS B 144 51.19 -27.63 33.89
CA LYS B 144 50.47 -28.89 33.79
C LYS B 144 49.03 -28.60 34.22
N CYS B 145 48.06 -29.08 33.43
CA CYS B 145 46.64 -28.87 33.65
C CYS B 145 45.92 -30.16 33.30
N ASP B 146 45.55 -30.88 34.36
CA ASP B 146 44.94 -32.20 34.31
C ASP B 146 43.44 -32.12 34.07
N ASN B 147 42.74 -33.25 34.11
CA ASN B 147 41.33 -33.13 33.76
C ASN B 147 40.51 -32.30 34.76
N ALA B 148 40.87 -32.34 36.05
CA ALA B 148 40.15 -31.51 37.02
C ALA B 148 40.33 -30.01 36.73
N CYS B 149 41.58 -29.59 36.33
CA CYS B 149 41.96 -28.23 35.91
C CYS B 149 41.16 -27.80 34.70
N ILE B 150 41.08 -28.65 33.70
CA ILE B 150 40.34 -28.29 32.51
C ILE B 150 38.89 -28.05 32.86
N GLU B 151 38.28 -28.89 33.73
CA GLU B 151 36.90 -28.63 34.10
C GLU B 151 36.76 -27.34 34.90
N SER B 152 37.75 -27.02 35.73
CA SER B 152 37.73 -25.76 36.48
C SER B 152 37.70 -24.59 35.51
N ILE B 153 38.46 -24.67 34.42
CA ILE B 153 38.44 -23.60 33.44
C ILE B 153 37.06 -23.56 32.79
N ARG B 154 36.55 -24.73 32.39
CA ARG B 154 35.26 -24.81 31.71
C ARG B 154 34.07 -24.29 32.51
N ASN B 155 34.00 -24.52 33.85
CA ASN B 155 32.89 -24.09 34.70
C ASN B 155 33.12 -22.71 35.38
N GLY B 156 34.19 -21.95 35.01
CA GLY B 156 34.48 -20.62 35.54
C GLY B 156 35.13 -20.53 36.92
N THR B 157 35.84 -21.56 37.36
CA THR B 157 36.46 -21.54 38.69
C THR B 157 37.98 -21.62 38.66
N TYR B 158 38.61 -21.44 37.51
CA TYR B 158 40.06 -21.54 37.45
C TYR B 158 40.70 -20.39 38.21
N ASP B 159 41.63 -20.74 39.06
CA ASP B 159 42.35 -19.76 39.85
C ASP B 159 43.73 -19.56 39.24
N HIS B 160 43.95 -18.46 38.57
CA HIS B 160 45.22 -18.27 37.88
C HIS B 160 46.35 -18.03 38.86
N ASP B 161 46.05 -17.70 40.11
CA ASP B 161 47.08 -17.33 41.05
C ASP B 161 47.81 -18.51 41.63
N VAL B 162 47.35 -19.71 41.32
CA VAL B 162 48.06 -20.84 41.88
C VAL B 162 48.91 -21.47 40.81
N TYR B 163 48.88 -20.89 39.60
CA TYR B 163 49.66 -21.42 38.52
C TYR B 163 50.72 -20.46 37.99
N ARG B 164 50.60 -19.14 38.23
CA ARG B 164 51.54 -18.16 37.64
C ARG B 164 52.98 -18.50 37.89
N ASP B 165 53.31 -18.98 39.06
CA ASP B 165 54.70 -19.26 39.32
C ASP B 165 55.26 -20.29 38.35
N GLU B 166 54.44 -21.26 37.92
CA GLU B 166 54.91 -22.27 37.00
C GLU B 166 54.76 -21.78 35.57
N ALA B 167 53.58 -21.22 35.28
CA ALA B 167 53.24 -20.82 33.94
C ALA B 167 54.15 -19.75 33.40
N LEU B 168 54.59 -18.82 34.24
CA LEU B 168 55.44 -17.77 33.75
C LEU B 168 56.83 -18.28 33.50
N ASN B 169 57.25 -19.33 34.21
CA ASN B 169 58.57 -19.85 34.01
C ASN B 169 58.64 -20.56 32.69
N ASN B 170 57.54 -21.18 32.32
CA ASN B 170 57.47 -21.88 31.05
C ASN B 170 57.26 -20.92 29.87
N ARG B 171 56.53 -19.83 30.08
CA ARG B 171 56.35 -18.84 29.00
C ARG B 171 57.61 -18.02 28.69
N PHE B 172 58.42 -17.67 29.72
CA PHE B 172 59.58 -16.80 29.60
C PHE B 172 60.80 -17.56 30.05
N ALA C 8 43.56 2.89 17.28
CA ALA C 8 44.29 2.60 16.07
C ALA C 8 44.67 3.73 15.16
N GLY C 9 45.69 3.41 14.37
CA GLY C 9 46.30 4.25 13.33
C GLY C 9 45.37 4.41 12.18
N PHE C 10 44.41 3.51 12.12
CA PHE C 10 43.39 3.49 11.13
C PHE C 10 42.15 4.21 11.60
N ILE C 11 42.26 4.79 12.79
CA ILE C 11 41.26 5.64 13.35
C ILE C 11 41.87 7.02 13.28
N GLU C 12 43.18 7.12 13.61
CA GLU C 12 43.88 8.39 13.51
C GLU C 12 43.82 8.91 12.08
N ASN C 13 44.11 8.05 11.10
CA ASN C 13 43.93 8.42 9.70
C ASN C 13 43.97 7.26 8.73
N GLY C 14 43.65 7.53 7.46
CA GLY C 14 43.87 6.56 6.42
C GLY C 14 45.11 7.01 5.66
N TRP C 15 45.48 6.26 4.65
CA TRP C 15 46.63 6.54 3.83
C TRP C 15 46.24 7.05 2.46
N GLU C 16 46.58 8.29 2.18
CA GLU C 16 46.21 8.87 0.88
C GLU C 16 47.19 8.38 -0.16
N GLY C 17 48.29 7.83 0.33
CA GLY C 17 49.36 7.28 -0.48
C GLY C 17 49.18 5.79 -0.79
N MET C 18 48.06 5.18 -0.41
CA MET C 18 47.88 3.78 -0.75
C MET C 18 46.91 3.64 -1.88
N ILE C 19 47.42 3.17 -3.02
CA ILE C 19 46.62 3.06 -4.23
C ILE C 19 46.53 1.65 -4.83
N ASP C 20 47.23 0.67 -4.26
CA ASP C 20 47.22 -0.69 -4.80
C ASP C 20 46.27 -1.63 -4.06
N GLY C 21 45.40 -1.07 -3.24
CA GLY C 21 44.42 -1.83 -2.49
C GLY C 21 43.71 -0.94 -1.50
N TRP C 22 42.85 -1.53 -0.68
CA TRP C 22 42.09 -0.77 0.30
C TRP C 22 42.70 -0.85 1.67
N TYR C 23 43.25 -2.00 1.97
CA TYR C 23 43.82 -2.27 3.27
C TYR C 23 45.22 -2.70 3.03
N GLY C 24 46.10 -2.44 3.97
CA GLY C 24 47.45 -2.90 3.78
C GLY C 24 48.38 -2.57 4.90
N PHE C 25 49.65 -2.75 4.59
CA PHE C 25 50.71 -2.59 5.54
C PHE C 25 51.70 -1.52 5.12
N ARG C 26 52.28 -0.87 6.10
CA ARG C 26 53.34 0.08 5.90
C ARG C 26 54.42 -0.26 6.91
N HIS C 27 55.68 -0.17 6.57
CA HIS C 27 56.66 -0.58 7.55
C HIS C 27 57.93 0.23 7.59
N GLN C 28 58.63 0.10 8.71
CA GLN C 28 59.94 0.67 8.87
C GLN C 28 60.91 -0.30 9.52
N ASN C 29 62.04 -0.54 8.87
CA ASN C 29 63.05 -1.45 9.39
C ASN C 29 64.45 -0.95 9.03
N SER C 30 65.46 -1.80 9.20
CA SER C 30 66.86 -1.45 8.97
C SER C 30 67.18 -1.18 7.50
N GLU C 31 66.29 -1.56 6.60
CA GLU C 31 66.44 -1.37 5.17
C GLU C 31 65.66 -0.14 4.71
N GLY C 32 65.06 0.59 5.65
CA GLY C 32 64.26 1.74 5.32
C GLY C 32 62.77 1.41 5.36
N THR C 33 61.99 2.24 4.70
CA THR C 33 60.55 2.10 4.77
C THR C 33 59.95 1.52 3.52
N GLY C 34 58.67 1.17 3.61
CA GLY C 34 57.95 0.66 2.46
C GLY C 34 56.48 0.48 2.73
N GLN C 35 55.76 0.05 1.69
CA GLN C 35 54.32 -0.12 1.73
C GLN C 35 53.83 -1.18 0.77
N ALA C 36 52.82 -1.94 1.17
CA ALA C 36 52.18 -2.90 0.29
C ALA C 36 50.72 -3.12 0.66
N ALA C 37 49.85 -3.23 -0.33
CA ALA C 37 48.47 -3.55 -0.02
C ALA C 37 48.27 -5.01 0.32
N ASP C 38 47.28 -5.27 1.17
CA ASP C 38 46.83 -6.62 1.49
C ASP C 38 45.70 -6.96 0.55
N LEU C 39 45.92 -7.91 -0.34
CA LEU C 39 44.88 -8.11 -1.33
C LEU C 39 43.75 -9.00 -0.86
N LYS C 40 43.97 -9.85 0.13
CA LYS C 40 42.86 -10.71 0.53
C LYS C 40 41.77 -9.92 1.26
N SER C 41 42.15 -8.99 2.15
CA SER C 41 41.14 -8.20 2.85
C SER C 41 40.56 -7.15 1.92
N THR C 42 41.35 -6.69 0.94
CA THR C 42 40.82 -5.74 0.01
C THR C 42 39.75 -6.39 -0.82
N GLN C 43 40.02 -7.60 -1.32
CA GLN C 43 39.01 -8.22 -2.15
C GLN C 43 37.81 -8.62 -1.32
N ALA C 44 38.00 -9.08 -0.09
CA ALA C 44 36.83 -9.46 0.68
C ALA C 44 35.87 -8.29 0.89
N ALA C 45 36.40 -7.10 1.19
CA ALA C 45 35.54 -5.96 1.38
C ALA C 45 34.83 -5.61 0.09
N ILE C 46 35.55 -5.72 -1.02
CA ILE C 46 34.98 -5.40 -2.32
C ILE C 46 33.89 -6.37 -2.71
N ASP C 47 34.09 -7.67 -2.51
CA ASP C 47 33.07 -8.64 -2.86
C ASP C 47 31.80 -8.43 -2.09
N GLN C 48 31.89 -8.09 -0.80
CA GLN C 48 30.69 -7.86 -0.01
C GLN C 48 29.95 -6.65 -0.52
N ILE C 49 30.70 -5.61 -0.86
CA ILE C 49 30.09 -4.40 -1.37
C ILE C 49 29.49 -4.62 -2.75
N ASN C 50 30.20 -5.27 -3.66
CA ASN C 50 29.65 -5.45 -5.00
C ASN C 50 28.38 -6.25 -4.94
N GLY C 51 28.30 -7.21 -4.02
CA GLY C 51 27.08 -7.97 -3.86
C GLY C 51 25.96 -7.01 -3.45
N LYS C 52 26.19 -6.25 -2.38
CA LYS C 52 25.20 -5.33 -1.82
C LYS C 52 24.70 -4.28 -2.79
N LEU C 53 25.56 -3.83 -3.69
CA LEU C 53 25.20 -2.80 -4.65
C LEU C 53 24.32 -3.37 -5.77
N ASN C 54 24.20 -4.68 -5.80
CA ASN C 54 23.45 -5.45 -6.76
C ASN C 54 22.08 -5.80 -6.17
N ARG C 55 21.27 -6.50 -6.93
CA ARG C 55 19.92 -6.83 -6.55
C ARG C 55 19.82 -7.96 -5.51
N VAL C 56 20.25 -7.67 -4.27
CA VAL C 56 20.25 -8.64 -3.18
C VAL C 56 18.87 -8.76 -2.52
N ILE C 57 18.25 -7.63 -2.15
CA ILE C 57 16.92 -7.66 -1.52
C ILE C 57 15.86 -6.95 -2.36
N GLU C 58 16.26 -6.45 -3.53
CA GLU C 58 15.35 -5.71 -4.41
C GLU C 58 15.74 -5.90 -5.86
N LYS C 59 14.76 -5.76 -6.76
CA LYS C 59 14.98 -5.83 -8.20
C LYS C 59 14.01 -4.91 -8.94
N THR C 60 14.32 -4.60 -10.20
CA THR C 60 13.41 -3.82 -11.04
C THR C 60 12.25 -4.66 -11.53
N ASN C 61 11.05 -4.13 -11.35
CA ASN C 61 9.86 -4.81 -11.81
C ASN C 61 9.39 -4.14 -13.09
N GLU C 62 8.90 -4.93 -14.01
CA GLU C 62 8.39 -4.40 -15.25
C GLU C 62 6.88 -4.28 -15.20
N LYS C 63 6.37 -3.07 -15.40
CA LYS C 63 4.94 -2.81 -15.31
C LYS C 63 4.41 -2.20 -16.58
N PHE C 64 3.16 -2.49 -16.89
CA PHE C 64 2.60 -1.99 -18.14
C PHE C 64 1.38 -1.13 -17.96
N HIS C 65 0.19 -1.69 -18.15
CA HIS C 65 -0.98 -0.86 -17.99
C HIS C 65 -1.18 -0.67 -16.49
N GLN C 66 -1.51 0.55 -16.08
CA GLN C 66 -1.70 0.93 -14.69
C GLN C 66 -2.82 1.96 -14.61
N ILE C 67 -3.13 2.40 -13.41
CA ILE C 67 -4.17 3.40 -13.20
C ILE C 67 -3.70 4.77 -13.70
N GLU C 68 -4.64 5.68 -13.91
CA GLU C 68 -4.26 7.03 -14.27
C GLU C 68 -3.78 7.72 -13.02
N LYS C 69 -2.75 8.54 -13.14
CA LYS C 69 -2.21 9.21 -11.97
C LYS C 69 -2.40 10.73 -11.97
N GLU C 70 -2.76 11.30 -13.12
CA GLU C 70 -2.97 12.74 -13.26
C GLU C 70 -4.34 12.95 -13.84
N PHE C 71 -4.99 14.02 -13.41
CA PHE C 71 -6.35 14.27 -13.87
C PHE C 71 -6.51 15.69 -14.32
N SER C 72 -7.38 15.90 -15.31
CA SER C 72 -7.69 17.22 -15.84
C SER C 72 -9.06 17.75 -15.44
N GLU C 73 -9.76 16.99 -14.63
CA GLU C 73 -11.13 17.30 -14.22
C GLU C 73 -11.39 16.85 -12.80
N VAL C 74 -12.37 17.48 -12.16
CA VAL C 74 -12.80 17.17 -10.81
C VAL C 74 -13.93 16.15 -10.87
N GLU C 75 -13.65 14.95 -10.41
CA GLU C 75 -14.59 13.84 -10.52
C GLU C 75 -15.29 13.36 -9.25
N GLY C 76 -14.72 13.59 -8.06
CA GLY C 76 -15.34 13.00 -6.88
C GLY C 76 -14.64 11.75 -6.38
N ARG C 77 -15.42 10.80 -5.85
CA ARG C 77 -14.90 9.65 -5.10
C ARG C 77 -13.90 8.73 -5.75
N ILE C 78 -14.05 8.45 -7.03
CA ILE C 78 -13.15 7.47 -7.61
C ILE C 78 -11.78 8.09 -7.75
N GLN C 79 -11.75 9.33 -8.20
CA GLN C 79 -10.50 10.05 -8.33
C GLN C 79 -9.84 10.21 -6.98
N ASP C 80 -10.62 10.47 -5.93
CA ASP C 80 -10.04 10.64 -4.60
C ASP C 80 -9.37 9.35 -4.17
N LEU C 81 -9.99 8.21 -4.48
CA LEU C 81 -9.41 6.95 -4.11
C LEU C 81 -8.18 6.65 -4.94
N GLU C 82 -8.19 6.95 -6.24
CA GLU C 82 -7.03 6.68 -7.07
C GLU C 82 -5.82 7.49 -6.61
N LYS C 83 -6.06 8.75 -6.24
CA LYS C 83 -4.97 9.58 -5.75
C LYS C 83 -4.47 9.06 -4.43
N TYR C 84 -5.37 8.64 -3.56
CA TYR C 84 -5.02 8.14 -2.26
C TYR C 84 -4.14 6.91 -2.39
N VAL C 85 -4.54 6.00 -3.28
CA VAL C 85 -3.79 4.77 -3.49
C VAL C 85 -2.39 5.07 -3.98
N GLU C 86 -2.25 6.00 -4.93
CA GLU C 86 -0.93 6.32 -5.42
C GLU C 86 -0.09 7.04 -4.37
N ASP C 87 -0.68 7.94 -3.58
CA ASP C 87 0.13 8.62 -2.58
C ASP C 87 0.60 7.64 -1.53
N THR C 88 -0.26 6.68 -1.20
CA THR C 88 0.08 5.68 -0.20
C THR C 88 1.27 4.87 -0.68
N LYS C 89 1.24 4.44 -1.95
CA LYS C 89 2.33 3.69 -2.53
C LYS C 89 3.63 4.45 -2.52
N ILE C 90 3.58 5.73 -2.84
CA ILE C 90 4.78 6.53 -2.90
C ILE C 90 5.35 6.72 -1.51
N ASP C 91 4.52 7.03 -0.51
CA ASP C 91 5.05 7.21 0.83
C ASP C 91 5.72 5.96 1.35
N LEU C 92 5.15 4.79 1.06
CA LEU C 92 5.74 3.56 1.50
C LEU C 92 7.04 3.23 0.77
N TRP C 93 7.12 3.47 -0.53
CA TRP C 93 8.37 3.20 -1.21
C TRP C 93 9.45 4.22 -0.86
N SER C 94 9.05 5.46 -0.57
CA SER C 94 10.01 6.48 -0.18
C SER C 94 10.60 6.11 1.18
N TYR C 95 9.76 5.58 2.07
CA TYR C 95 10.21 5.09 3.37
C TYR C 95 11.17 3.94 3.19
N ASN C 96 10.82 2.98 2.34
CA ASN C 96 11.69 1.85 2.13
C ASN C 96 13.03 2.29 1.61
N ALA C 97 13.06 3.28 0.72
CA ALA C 97 14.31 3.78 0.20
C ALA C 97 15.15 4.44 1.30
N GLU C 98 14.54 5.20 2.22
CA GLU C 98 15.36 5.80 3.29
C GLU C 98 15.92 4.80 4.24
N LEU C 99 15.09 3.82 4.61
CA LEU C 99 15.54 2.86 5.57
C LEU C 99 16.57 1.98 4.95
N LEU C 100 16.37 1.59 3.70
CA LEU C 100 17.30 0.72 3.07
C LEU C 100 18.63 1.35 2.89
N VAL C 101 18.68 2.58 2.43
CA VAL C 101 19.97 3.17 2.20
C VAL C 101 20.68 3.37 3.52
N ALA C 102 20.00 3.86 4.57
CA ALA C 102 20.68 4.01 5.83
C ALA C 102 21.16 2.67 6.38
N LEU C 103 20.38 1.59 6.23
CA LEU C 103 20.84 0.29 6.70
C LEU C 103 22.01 -0.22 5.90
N GLU C 104 21.98 -0.04 4.59
CA GLU C 104 23.06 -0.52 3.75
C GLU C 104 24.33 0.25 4.02
N ASN C 105 24.23 1.56 4.26
CA ASN C 105 25.40 2.34 4.55
C ASN C 105 25.94 2.01 5.91
N GLN C 106 25.06 1.68 6.85
CA GLN C 106 25.50 1.30 8.17
C GLN C 106 26.27 0.01 8.09
N HIS C 107 25.81 -0.93 7.26
CA HIS C 107 26.50 -2.19 7.13
C HIS C 107 27.82 -2.04 6.38
N THR C 108 27.91 -1.14 5.38
CA THR C 108 29.15 -0.94 4.66
C THR C 108 30.21 -0.39 5.57
N ILE C 109 29.84 0.58 6.40
CA ILE C 109 30.84 1.14 7.28
C ILE C 109 31.28 0.07 8.27
N ASP C 110 30.34 -0.70 8.79
CA ASP C 110 30.68 -1.71 9.76
C ASP C 110 31.51 -2.85 9.15
N LEU C 111 31.23 -3.28 7.90
CA LEU C 111 32.01 -4.37 7.36
C LEU C 111 33.40 -3.90 7.01
N THR C 112 33.57 -2.63 6.58
CA THR C 112 34.90 -2.23 6.24
C THR C 112 35.73 -1.93 7.47
N ASP C 113 35.10 -1.50 8.57
CA ASP C 113 35.86 -1.28 9.79
C ASP C 113 36.25 -2.63 10.35
N SER C 114 35.38 -3.60 10.21
CA SER C 114 35.67 -4.92 10.71
C SER C 114 36.78 -5.58 9.94
N GLU C 115 36.84 -5.41 8.61
CA GLU C 115 37.93 -6.02 7.85
C GLU C 115 39.25 -5.43 8.32
N MET C 116 39.28 -4.13 8.63
CA MET C 116 40.50 -3.54 9.15
C MET C 116 40.89 -4.15 10.50
N ASN C 117 39.91 -4.37 11.36
CA ASN C 117 40.23 -4.93 12.66
C ASN C 117 40.62 -6.39 12.57
N LYS C 118 40.07 -7.12 11.61
CA LYS C 118 40.42 -8.51 11.42
C LYS C 118 41.87 -8.64 10.99
N LEU C 119 42.33 -7.75 10.11
CA LEU C 119 43.71 -7.79 9.64
C LEU C 119 44.63 -7.51 10.80
N PHE C 120 44.22 -6.61 11.68
CA PHE C 120 45.01 -6.24 12.83
C PHE C 120 45.12 -7.42 13.80
N GLU C 121 44.01 -8.09 14.10
CA GLU C 121 44.06 -9.21 15.04
C GLU C 121 44.85 -10.36 14.43
N LYS C 122 44.67 -10.57 13.12
CA LYS C 122 45.36 -11.60 12.37
C LYS C 122 46.84 -11.40 12.47
N THR C 123 47.28 -10.16 12.32
CA THR C 123 48.68 -9.85 12.43
C THR C 123 49.16 -10.07 13.87
N GLY C 124 48.39 -9.60 14.84
CA GLY C 124 48.79 -9.69 16.24
C GLY C 124 49.02 -11.11 16.70
N ARG C 125 48.25 -12.05 16.20
CA ARG C 125 48.43 -13.43 16.64
C ARG C 125 49.48 -14.18 15.87
N GLN C 126 50.02 -13.58 14.83
CA GLN C 126 51.03 -14.23 14.07
C GLN C 126 52.31 -13.88 14.78
N LEU C 127 52.34 -12.64 15.26
CA LEU C 127 53.49 -12.09 15.96
C LEU C 127 53.59 -12.64 17.38
N ARG C 128 52.47 -13.01 17.99
CA ARG C 128 52.43 -13.56 19.33
C ARG C 128 53.08 -12.65 20.34
N GLU C 129 54.10 -13.14 21.00
CA GLU C 129 54.77 -12.38 22.04
C GLU C 129 55.97 -11.63 21.52
N ASN C 130 56.18 -11.64 20.21
CA ASN C 130 57.34 -10.97 19.66
C ASN C 130 57.09 -9.53 19.29
N ALA C 131 55.88 -9.05 19.57
CA ALA C 131 55.53 -7.70 19.24
C ALA C 131 54.52 -7.13 20.22
N GLU C 132 54.50 -5.82 20.31
CA GLU C 132 53.54 -5.13 21.14
C GLU C 132 52.69 -4.17 20.35
N ASP C 133 51.45 -4.07 20.75
CA ASP C 133 50.49 -3.16 20.15
C ASP C 133 50.71 -1.78 20.70
N MET C 134 51.10 -0.85 19.84
CA MET C 134 51.45 0.48 20.32
C MET C 134 50.27 1.43 20.50
N GLY C 135 49.06 0.99 20.17
CA GLY C 135 47.87 1.80 20.34
C GLY C 135 47.56 2.74 19.19
N ASN C 136 48.39 2.70 18.17
CA ASN C 136 48.25 3.53 16.99
C ASN C 136 48.21 2.70 15.72
N GLY C 137 47.69 1.48 15.78
CA GLY C 137 47.55 0.62 14.60
C GLY C 137 48.85 0.00 14.21
N CYS C 138 49.82 0.08 15.09
CA CYS C 138 51.13 -0.41 14.80
C CYS C 138 51.62 -1.42 15.77
N PHE C 139 52.41 -2.32 15.28
CA PHE C 139 53.05 -3.26 16.13
C PHE C 139 54.52 -2.96 16.21
N LYS C 140 55.03 -2.93 17.41
CA LYS C 140 56.45 -2.79 17.57
C LYS C 140 56.99 -4.17 17.63
N ILE C 141 57.87 -4.48 16.72
CA ILE C 141 58.46 -5.78 16.61
C ILE C 141 59.76 -5.68 17.35
N TYR C 142 59.99 -6.62 18.26
CA TYR C 142 61.13 -6.55 19.14
C TYR C 142 62.36 -7.32 18.71
N HIS C 143 62.44 -7.64 17.44
CA HIS C 143 63.60 -8.31 16.90
C HIS C 143 63.90 -7.70 15.56
N LYS C 144 65.13 -7.83 15.10
CA LYS C 144 65.42 -7.31 13.79
C LYS C 144 64.53 -8.07 12.82
N CYS C 145 63.84 -7.33 11.92
CA CYS C 145 62.91 -7.88 10.94
C CYS C 145 63.12 -7.11 9.64
N ASP C 146 63.81 -7.77 8.72
CA ASP C 146 64.23 -7.23 7.44
C ASP C 146 63.13 -7.34 6.40
N ASN C 147 63.40 -6.98 5.14
CA ASN C 147 62.27 -6.98 4.22
C ASN C 147 61.70 -8.36 3.95
N ALA C 148 62.54 -9.41 3.97
CA ALA C 148 62.01 -10.77 3.78
C ALA C 148 61.05 -11.17 4.93
N CYS C 149 61.40 -10.79 6.19
CA CYS C 149 60.60 -10.98 7.41
C CYS C 149 59.25 -10.25 7.30
N ILE C 150 59.29 -9.00 6.88
CA ILE C 150 58.06 -8.26 6.76
C ILE C 150 57.15 -8.94 5.75
N GLU C 151 57.68 -9.42 4.63
CA GLU C 151 56.82 -10.11 3.67
C GLU C 151 56.29 -11.42 4.24
N SER C 152 57.09 -12.12 5.05
CA SER C 152 56.64 -13.34 5.69
C SER C 152 55.44 -13.05 6.58
N ILE C 153 55.47 -11.92 7.30
CA ILE C 153 54.34 -11.55 8.14
C ILE C 153 53.15 -11.24 7.22
N ARG C 154 53.38 -10.46 6.18
CA ARG C 154 52.30 -10.06 5.28
C ARG C 154 51.58 -11.21 4.55
N ASN C 155 52.31 -12.28 4.13
CA ASN C 155 51.71 -13.42 3.42
C ASN C 155 51.31 -14.60 4.33
N GLY C 156 51.34 -14.43 5.70
CA GLY C 156 50.93 -15.45 6.67
C GLY C 156 51.92 -16.58 6.97
N THR C 157 53.22 -16.36 6.77
CA THR C 157 54.20 -17.42 7.02
C THR C 157 55.19 -17.10 8.12
N TYR C 158 54.95 -16.07 8.91
CA TYR C 158 55.91 -15.70 9.95
C TYR C 158 55.94 -16.77 11.02
N ASP C 159 57.14 -17.19 11.36
CA ASP C 159 57.33 -18.19 12.39
C ASP C 159 57.81 -17.52 13.64
N HIS C 160 56.95 -17.39 14.63
CA HIS C 160 57.33 -16.65 15.82
C HIS C 160 58.34 -17.41 16.66
N ASP C 161 58.51 -18.71 16.42
CA ASP C 161 59.36 -19.51 17.27
C ASP C 161 60.81 -19.35 16.97
N VAL C 162 61.15 -18.61 15.92
CA VAL C 162 62.56 -18.46 15.64
C VAL C 162 62.99 -17.09 16.08
N TYR C 163 62.06 -16.31 16.62
CA TYR C 163 62.39 -14.98 17.08
C TYR C 163 62.22 -14.77 18.57
N ARG C 164 61.42 -15.59 19.28
CA ARG C 164 61.14 -15.36 20.71
C ARG C 164 62.38 -15.17 21.54
N ASP C 165 63.42 -15.91 21.27
CA ASP C 165 64.59 -15.76 22.11
C ASP C 165 65.15 -14.34 22.04
N GLU C 166 65.05 -13.68 20.88
CA GLU C 166 65.55 -12.32 20.76
C GLU C 166 64.49 -11.33 21.19
N ALA C 167 63.28 -11.55 20.73
CA ALA C 167 62.19 -10.62 20.95
C ALA C 167 61.85 -10.48 22.42
N LEU C 168 61.94 -11.55 23.19
CA LEU C 168 61.59 -11.46 24.59
C LEU C 168 62.68 -10.75 25.35
N ASN C 169 63.91 -10.83 24.88
CA ASN C 169 64.99 -10.17 25.59
C ASN C 169 64.87 -8.69 25.42
N ASN C 170 64.40 -8.27 24.26
CA ASN C 170 64.21 -6.87 23.99
C ASN C 170 62.94 -6.30 24.64
N ARG C 171 61.89 -7.11 24.75
CA ARG C 171 60.67 -6.67 25.43
C ARG C 171 60.80 -6.54 26.95
N PHE C 172 61.56 -7.46 27.60
CA PHE C 172 61.70 -7.54 29.06
C PHE C 172 63.16 -7.36 29.40
N ALA D 8 33.62 -8.63 31.61
CA ALA D 8 33.72 -7.31 32.20
C ALA D 8 32.84 -6.95 33.36
N GLY D 9 33.32 -5.95 34.07
CA GLY D 9 32.70 -5.31 35.24
C GLY D 9 31.50 -4.54 34.84
N PHE D 10 31.44 -4.26 33.56
CA PHE D 10 30.34 -3.56 32.95
C PHE D 10 29.32 -4.53 32.39
N ILE D 11 29.56 -5.80 32.63
CA ILE D 11 28.65 -6.86 32.31
C ILE D 11 28.14 -7.31 33.66
N GLU D 12 29.06 -7.42 34.65
CA GLU D 12 28.67 -7.79 35.99
C GLU D 12 27.66 -6.79 36.55
N ASN D 13 27.92 -5.48 36.38
CA ASN D 13 26.93 -4.48 36.73
C ASN D 13 27.24 -3.09 36.20
N GLY D 14 26.29 -2.16 36.35
CA GLY D 14 26.57 -0.78 36.09
C GLY D 14 26.72 -0.09 37.44
N TRP D 15 26.96 1.20 37.42
CA TRP D 15 27.14 1.99 38.61
C TRP D 15 25.96 2.89 38.88
N GLU D 16 25.27 2.63 39.97
CA GLU D 16 24.09 3.42 40.29
C GLU D 16 24.53 4.73 40.91
N GLY D 17 25.79 4.75 41.29
CA GLY D 17 26.45 5.90 41.89
C GLY D 17 27.11 6.82 40.88
N MET D 18 26.96 6.56 39.58
CA MET D 18 27.58 7.46 38.62
C MET D 18 26.53 8.35 37.99
N ILE D 19 26.63 9.64 38.28
CA ILE D 19 25.64 10.60 37.82
C ILE D 19 26.19 11.75 36.98
N ASP D 20 27.51 11.82 36.78
CA ASP D 20 28.10 12.92 36.01
C ASP D 20 28.43 12.53 34.57
N GLY D 21 27.90 11.40 34.12
CA GLY D 21 28.10 10.93 32.76
C GLY D 21 27.55 9.52 32.61
N TRP D 22 27.75 8.92 31.45
CA TRP D 22 27.24 7.59 31.19
C TRP D 22 28.30 6.55 31.36
N TYR D 23 29.51 6.91 30.98
CA TYR D 23 30.62 5.99 31.01
C TYR D 23 31.67 6.65 31.83
N GLY D 24 32.48 5.87 32.50
CA GLY D 24 33.54 6.48 33.27
C GLY D 24 34.45 5.52 33.98
N PHE D 25 35.21 6.09 34.87
CA PHE D 25 36.22 5.38 35.61
C PHE D 25 35.99 5.45 37.10
N ARG D 26 36.39 4.40 37.78
CA ARG D 26 36.38 4.32 39.22
C ARG D 26 37.74 3.78 39.63
N HIS D 27 38.31 4.27 40.71
CA HIS D 27 39.64 3.78 41.01
C HIS D 27 39.96 3.61 42.47
N GLN D 28 40.99 2.80 42.72
CA GLN D 28 41.54 2.64 44.04
C GLN D 28 43.05 2.69 44.05
N ASN D 29 43.63 3.57 44.85
CA ASN D 29 45.07 3.70 44.95
C ASN D 29 45.48 4.04 46.39
N SER D 30 46.72 4.46 46.58
CA SER D 30 47.29 4.76 47.90
C SER D 30 46.65 5.97 48.58
N GLU D 31 45.91 6.77 47.81
CA GLU D 31 45.24 7.95 48.30
C GLU D 31 43.77 7.65 48.58
N GLY D 32 43.36 6.40 48.42
CA GLY D 32 41.98 6.02 48.60
C GLY D 32 41.26 5.87 47.27
N THR D 33 39.95 5.93 47.31
CA THR D 33 39.16 5.67 46.14
C THR D 33 38.56 6.93 45.53
N GLY D 34 38.03 6.78 44.32
CA GLY D 34 37.36 7.88 43.67
C GLY D 34 36.65 7.47 42.39
N GLN D 35 36.00 8.44 41.77
CA GLN D 35 35.22 8.22 40.57
C GLN D 35 35.13 9.46 39.69
N ALA D 36 35.16 9.27 38.39
CA ALA D 36 34.94 10.37 37.45
C ALA D 36 34.34 9.89 36.14
N ALA D 37 33.40 10.64 35.59
CA ALA D 37 32.86 10.27 34.28
C ALA D 37 33.82 10.61 33.16
N ASP D 38 33.73 9.81 32.10
CA ASP D 38 34.44 10.07 30.85
C ASP D 38 33.51 10.84 29.95
N LEU D 39 33.83 12.09 29.67
CA LEU D 39 32.86 12.86 28.93
C LEU D 39 32.91 12.64 27.43
N LYS D 40 34.04 12.21 26.88
CA LYS D 40 34.05 12.05 25.44
C LYS D 40 33.21 10.86 24.99
N SER D 41 33.27 9.73 25.70
CA SER D 41 32.45 8.59 25.32
C SER D 41 31.01 8.81 25.71
N THR D 42 30.77 9.60 26.77
CA THR D 42 29.41 9.89 27.14
C THR D 42 28.77 10.71 26.06
N GLN D 43 29.47 11.74 25.59
CA GLN D 43 28.84 12.58 24.59
C GLN D 43 28.70 11.82 23.28
N ALA D 44 29.68 10.98 22.91
CA ALA D 44 29.52 10.28 21.65
C ALA D 44 28.28 9.39 21.63
N ALA D 45 28.01 8.68 22.74
CA ALA D 45 26.83 7.85 22.77
C ALA D 45 25.58 8.69 22.69
N ILE D 46 25.59 9.84 23.37
CA ILE D 46 24.45 10.72 23.36
C ILE D 46 24.19 11.31 21.99
N ASP D 47 25.22 11.76 21.28
CA ASP D 47 25.03 12.33 19.97
C ASP D 47 24.42 11.32 19.00
N GLN D 48 24.86 10.07 19.07
CA GLN D 48 24.33 9.07 18.15
C GLN D 48 22.86 8.82 18.46
N ILE D 49 22.53 8.78 19.75
CA ILE D 49 21.16 8.56 20.14
C ILE D 49 20.29 9.76 19.80
N ASN D 50 20.73 10.98 20.08
CA ASN D 50 19.88 12.12 19.78
C ASN D 50 19.61 12.22 18.30
N GLY D 51 20.57 11.84 17.48
CA GLY D 51 20.35 11.82 16.05
C GLY D 51 19.24 10.83 15.74
N LYS D 52 19.39 9.59 16.21
CA LYS D 52 18.44 8.51 15.95
C LYS D 52 17.02 8.79 16.40
N LEU D 53 16.88 9.52 17.50
CA LEU D 53 15.57 9.82 18.05
C LEU D 53 14.86 10.90 17.23
N ASN D 54 15.60 11.51 16.30
CA ASN D 54 15.16 12.56 15.42
C ASN D 54 14.78 11.96 14.06
N ARG D 55 14.37 12.80 13.15
CA ARG D 55 13.89 12.37 11.85
C ARG D 55 15.01 11.97 10.88
N VAL D 56 15.65 10.83 11.17
CA VAL D 56 16.76 10.33 10.35
C VAL D 56 16.27 9.55 9.12
N ILE D 57 15.34 8.60 9.31
CA ILE D 57 14.80 7.84 8.17
C ILE D 57 13.30 8.05 7.98
N GLU D 58 12.71 8.91 8.80
CA GLU D 58 11.27 9.19 8.73
C GLU D 58 10.97 10.60 9.16
N LYS D 59 9.86 11.15 8.68
CA LYS D 59 9.38 12.48 9.05
C LYS D 59 7.86 12.53 9.03
N THR D 60 7.28 13.55 9.67
CA THR D 60 5.84 13.76 9.65
C THR D 60 5.40 14.35 8.33
N ASN D 61 4.39 13.75 7.72
CA ASN D 61 3.85 14.25 6.48
C ASN D 61 2.56 14.97 6.77
N GLU D 62 2.32 16.06 6.07
CA GLU D 62 1.10 16.80 6.24
C GLU D 62 0.10 16.43 5.16
N LYS D 63 -1.07 15.96 5.58
CA LYS D 63 -2.10 15.51 4.65
C LYS D 63 -3.40 16.25 4.87
N PHE D 64 -4.15 16.43 3.79
CA PHE D 64 -5.38 17.19 3.90
C PHE D 64 -6.62 16.43 3.50
N HIS D 65 -7.11 16.64 2.28
CA HIS D 65 -8.29 15.91 1.90
C HIS D 65 -7.86 14.48 1.60
N GLN D 66 -8.64 13.51 2.05
CA GLN D 66 -8.35 12.09 1.89
C GLN D 66 -9.67 11.35 1.69
N ILE D 67 -9.60 10.04 1.53
CA ILE D 67 -10.79 9.22 1.35
C ILE D 67 -11.57 9.12 2.65
N GLU D 68 -12.84 8.71 2.55
CA GLU D 68 -13.60 8.49 3.76
C GLU D 68 -13.16 7.16 4.34
N LYS D 69 -13.08 7.08 5.65
CA LYS D 69 -12.63 5.85 6.28
C LYS D 69 -13.70 5.13 7.10
N GLU D 70 -14.81 5.80 7.38
CA GLU D 70 -15.90 5.23 8.16
C GLU D 70 -17.16 5.39 7.38
N PHE D 71 -18.06 4.41 7.48
CA PHE D 71 -19.27 4.46 6.70
C PHE D 71 -20.48 4.18 7.55
N SER D 72 -21.60 4.78 7.20
CA SER D 72 -22.87 4.58 7.91
C SER D 72 -23.89 3.76 7.13
N GLU D 73 -23.49 3.27 5.97
CA GLU D 73 -24.36 2.53 5.07
C GLU D 73 -23.59 1.44 4.34
N VAL D 74 -24.32 0.43 3.89
CA VAL D 74 -23.77 -0.67 3.13
C VAL D 74 -23.88 -0.37 1.64
N GLU D 75 -22.73 -0.17 1.01
CA GLU D 75 -22.69 0.27 -0.39
C GLU D 75 -22.25 -0.76 -1.43
N GLY D 76 -21.50 -1.78 -1.06
CA GLY D 76 -20.98 -2.66 -2.11
C GLY D 76 -19.51 -2.40 -2.47
N ARG D 77 -19.18 -2.56 -3.75
CA ARG D 77 -17.79 -2.61 -4.23
C ARG D 77 -16.88 -1.44 -3.93
N ILE D 78 -17.38 -0.23 -4.00
CA ILE D 78 -16.46 0.89 -3.83
C ILE D 78 -16.05 0.97 -2.40
N GLN D 79 -17.00 0.80 -1.50
CA GLN D 79 -16.73 0.82 -0.09
C GLN D 79 -15.79 -0.32 0.29
N ASP D 80 -15.97 -1.49 -0.33
CA ASP D 80 -15.11 -2.62 -0.02
C ASP D 80 -13.68 -2.29 -0.41
N LEU D 81 -13.50 -1.62 -1.54
CA LEU D 81 -12.17 -1.25 -1.97
C LEU D 81 -11.59 -0.18 -1.08
N GLU D 82 -12.38 0.82 -0.67
CA GLU D 82 -11.85 1.86 0.18
C GLU D 82 -11.39 1.30 1.51
N LYS D 83 -12.15 0.37 2.08
CA LYS D 83 -11.77 -0.24 3.33
C LYS D 83 -10.52 -1.06 3.15
N TYR D 84 -10.43 -1.79 2.04
CA TYR D 84 -9.30 -2.63 1.76
C TYR D 84 -8.03 -1.80 1.67
N VAL D 85 -8.11 -0.68 0.96
CA VAL D 85 -6.98 0.19 0.78
C VAL D 85 -6.51 0.73 2.12
N GLU D 86 -7.43 1.16 2.97
CA GLU D 86 -7.02 1.67 4.26
C GLU D 86 -6.46 0.59 5.16
N ASP D 87 -7.04 -0.62 5.15
CA ASP D 87 -6.49 -1.65 6.01
C ASP D 87 -5.10 -2.05 5.55
N THR D 88 -4.89 -2.05 4.25
CA THR D 88 -3.60 -2.40 3.69
C THR D 88 -2.56 -1.40 4.16
N LYS D 89 -2.89 -0.11 4.09
CA LYS D 89 -1.99 0.95 4.53
C LYS D 89 -1.63 0.81 5.99
N ILE D 90 -2.62 0.51 6.83
CA ILE D 90 -2.38 0.40 8.25
C ILE D 90 -1.51 -0.78 8.56
N ASP D 91 -1.77 -1.95 7.94
CA ASP D 91 -0.94 -3.11 8.22
C ASP D 91 0.50 -2.87 7.85
N LEU D 92 0.74 -2.18 6.73
CA LEU D 92 2.09 -1.90 6.31
C LEU D 92 2.79 -0.89 7.22
N TRP D 93 2.09 0.15 7.66
CA TRP D 93 2.74 1.08 8.56
C TRP D 93 2.94 0.52 9.95
N SER D 94 2.05 -0.38 10.38
CA SER D 94 2.20 -1.01 11.68
C SER D 94 3.41 -1.91 11.65
N TYR D 95 3.62 -2.62 10.52
CA TYR D 95 4.81 -3.44 10.32
C TYR D 95 6.06 -2.59 10.35
N ASN D 96 6.04 -1.47 9.63
CA ASN D 96 7.20 -0.62 9.60
C ASN D 96 7.54 -0.12 10.98
N ALA D 97 6.53 0.20 11.79
CA ALA D 97 6.77 0.65 13.14
C ALA D 97 7.40 -0.45 14.00
N GLU D 98 6.95 -1.72 13.87
CA GLU D 98 7.58 -2.76 14.67
C GLU D 98 9.00 -3.05 14.28
N LEU D 99 9.25 -3.07 12.99
CA LEU D 99 10.58 -3.39 12.54
C LEU D 99 11.50 -2.26 12.87
N LEU D 100 11.04 -1.04 12.69
CA LEU D 100 11.90 0.07 12.95
C LEU D 100 12.26 0.19 14.39
N VAL D 101 11.31 0.03 15.28
CA VAL D 101 11.65 0.19 16.67
C VAL D 101 12.57 -0.92 17.11
N ALA D 102 12.32 -2.17 16.71
CA ALA D 102 13.22 -3.24 17.10
C ALA D 102 14.63 -3.01 16.52
N LEU D 103 14.74 -2.53 15.27
CA LEU D 103 16.05 -2.26 14.70
C LEU D 103 16.75 -1.13 15.41
N GLU D 104 16.01 -0.07 15.74
CA GLU D 104 16.62 1.07 16.40
C GLU D 104 17.07 0.72 17.79
N ASN D 105 16.30 -0.11 18.49
CA ASN D 105 16.67 -0.50 19.83
C ASN D 105 17.85 -1.44 19.77
N GLN D 106 17.92 -2.27 18.74
CA GLN D 106 19.04 -3.17 18.60
C GLN D 106 20.31 -2.37 18.38
N HIS D 107 20.22 -1.31 17.59
CA HIS D 107 21.38 -0.50 17.34
C HIS D 107 21.78 0.32 18.55
N THR D 108 20.82 0.79 19.37
CA THR D 108 21.16 1.57 20.55
C THR D 108 21.89 0.70 21.55
N ILE D 109 21.44 -0.53 21.73
CA ILE D 109 22.12 -1.37 22.68
C ILE D 109 23.51 -1.66 22.16
N ASP D 110 23.64 -1.95 20.87
CA ASP D 110 24.93 -2.27 20.33
C ASP D 110 25.89 -1.06 20.33
N LEU D 111 25.41 0.16 20.06
CA LEU D 111 26.35 1.28 20.06
C LEU D 111 26.76 1.63 21.47
N THR D 112 25.88 1.44 22.47
CA THR D 112 26.32 1.80 23.80
C THR D 112 27.22 0.74 24.39
N ASP D 113 27.05 -0.53 23.99
CA ASP D 113 27.95 -1.57 24.50
C ASP D 113 29.30 -1.37 23.83
N SER D 114 29.29 -0.95 22.59
CA SER D 114 30.52 -0.74 21.88
C SER D 114 31.30 0.44 22.44
N GLU D 115 30.61 1.52 22.82
CA GLU D 115 31.34 2.66 23.39
C GLU D 115 32.01 2.23 24.69
N MET D 116 31.37 1.36 25.47
CA MET D 116 32.01 0.85 26.67
C MET D 116 33.25 0.03 26.34
N ASN D 117 33.16 -0.80 25.31
CA ASN D 117 34.30 -1.63 24.96
C ASN D 117 35.42 -0.81 24.35
N LYS D 118 35.09 0.25 23.64
CA LYS D 118 36.11 1.12 23.06
C LYS D 118 36.90 1.82 24.14
N LEU D 119 36.23 2.27 25.22
CA LEU D 119 36.92 2.94 26.32
C LEU D 119 37.86 1.96 26.98
N PHE D 120 37.43 0.71 27.09
CA PHE D 120 38.23 -0.32 27.71
C PHE D 120 39.48 -0.61 26.88
N GLU D 121 39.34 -0.76 25.56
CA GLU D 121 40.49 -1.06 24.72
C GLU D 121 41.44 0.14 24.70
N LYS D 122 40.85 1.34 24.66
CA LYS D 122 41.59 2.58 24.66
C LYS D 122 42.45 2.67 25.90
N THR D 123 41.88 2.32 27.04
CA THR D 123 42.63 2.33 28.27
C THR D 123 43.72 1.26 28.24
N GLY D 124 43.39 0.06 27.78
CA GLY D 124 44.33 -1.05 27.78
C GLY D 124 45.58 -0.77 26.96
N ARG D 125 45.46 -0.03 25.88
CA ARG D 125 46.63 0.24 25.07
C ARG D 125 47.40 1.45 25.52
N GLN D 126 46.89 2.17 26.48
CA GLN D 126 47.59 3.31 26.98
C GLN D 126 48.52 2.76 28.03
N LEU D 127 47.98 1.78 28.77
CA LEU D 127 48.68 1.12 29.84
C LEU D 127 49.74 0.15 29.33
N ARG D 128 49.54 -0.40 28.15
CA ARG D 128 50.47 -1.32 27.52
C ARG D 128 50.77 -2.53 28.41
N GLU D 129 52.02 -2.68 28.76
CA GLU D 129 52.44 -3.82 29.56
C GLU D 129 52.50 -3.50 31.03
N ASN D 130 52.04 -2.32 31.41
CA ASN D 130 52.11 -1.92 32.81
C ASN D 130 50.87 -2.31 33.60
N ALA D 131 49.94 -2.98 32.93
CA ALA D 131 48.72 -3.38 33.58
C ALA D 131 48.17 -4.66 33.02
N GLU D 132 47.38 -5.34 33.81
CA GLU D 132 46.72 -6.56 33.38
C GLU D 132 45.22 -6.45 33.49
N ASP D 133 44.56 -7.06 32.54
CA ASP D 133 43.10 -7.13 32.50
C ASP D 133 42.63 -8.20 33.44
N MET D 134 41.90 -7.81 34.48
CA MET D 134 41.51 -8.77 35.50
C MET D 134 40.26 -9.58 35.18
N GLY D 135 39.61 -9.29 34.05
CA GLY D 135 38.43 -10.03 33.64
C GLY D 135 37.12 -9.51 34.20
N ASN D 136 37.20 -8.45 34.98
CA ASN D 136 36.06 -7.81 35.61
C ASN D 136 35.98 -6.34 35.27
N GLY D 137 36.43 -5.94 34.10
CA GLY D 137 36.35 -4.54 33.65
C GLY D 137 37.38 -3.68 34.32
N CYS D 138 38.34 -4.31 34.94
CA CYS D 138 39.35 -3.61 35.68
C CYS D 138 40.73 -3.92 35.22
N PHE D 139 41.57 -2.92 35.34
CA PHE D 139 42.95 -3.13 35.08
C PHE D 139 43.73 -3.08 36.37
N LYS D 140 44.59 -4.04 36.55
CA LYS D 140 45.46 -4.00 37.69
C LYS D 140 46.70 -3.31 37.21
N ILE D 141 47.04 -2.22 37.83
CA ILE D 141 48.17 -1.43 37.47
C ILE D 141 49.27 -1.88 38.38
N TYR D 142 50.41 -2.21 37.81
CA TYR D 142 51.50 -2.80 38.56
C TYR D 142 52.56 -1.87 39.06
N HIS D 143 52.23 -0.60 39.15
CA HIS D 143 53.13 0.39 39.69
C HIS D 143 52.34 1.33 40.54
N LYS D 144 52.98 2.00 41.47
CA LYS D 144 52.24 2.98 42.25
C LYS D 144 51.70 4.00 41.27
N CYS D 145 50.41 4.33 41.38
CA CYS D 145 49.72 5.26 40.50
C CYS D 145 48.78 6.08 41.38
N ASP D 146 49.20 7.31 41.65
CA ASP D 146 48.55 8.26 42.53
C ASP D 146 47.44 9.01 41.81
N ASN D 147 46.82 9.99 42.47
CA ASN D 147 45.68 10.60 41.78
C ASN D 147 46.07 11.37 40.52
N ALA D 148 47.25 11.98 40.49
CA ALA D 148 47.68 12.66 39.26
C ALA D 148 47.85 11.66 38.09
N CYS D 149 48.40 10.46 38.36
CA CYS D 149 48.59 9.33 37.42
C CYS D 149 47.23 8.87 36.89
N ILE D 150 46.28 8.67 37.78
CA ILE D 150 44.98 8.21 37.34
C ILE D 150 44.37 9.25 36.41
N GLU D 151 44.49 10.54 36.71
CA GLU D 151 43.95 11.53 35.78
C GLU D 151 44.69 11.54 34.46
N SER D 152 46.00 11.30 34.47
CA SER D 152 46.76 11.21 33.24
C SER D 152 46.22 10.08 32.37
N ILE D 153 45.88 8.96 32.98
CA ILE D 153 45.31 7.85 32.22
C ILE D 153 43.95 8.30 31.67
N ARG D 154 43.13 8.88 32.53
CA ARG D 154 41.79 9.30 32.13
C ARG D 154 41.72 10.33 30.98
N ASN D 155 42.65 11.32 30.92
CA ASN D 155 42.67 12.35 29.88
C ASN D 155 43.58 12.02 28.67
N GLY D 156 44.10 10.76 28.56
CA GLY D 156 44.92 10.31 27.43
C GLY D 156 46.39 10.73 27.41
N THR D 157 46.99 11.04 28.57
CA THR D 157 48.38 11.47 28.59
C THR D 157 49.32 10.55 29.35
N TYR D 158 48.87 9.34 29.68
CA TYR D 158 49.73 8.45 30.44
C TYR D 158 50.90 8.00 29.61
N ASP D 159 52.09 8.11 30.18
CA ASP D 159 53.30 7.72 29.52
C ASP D 159 53.76 6.39 30.08
N HIS D 160 53.58 5.31 29.35
CA HIS D 160 53.89 4.01 29.87
C HIS D 160 55.40 3.80 30.02
N ASP D 161 56.20 4.63 29.36
CA ASP D 161 57.64 4.41 29.34
C ASP D 161 58.31 4.86 30.59
N VAL D 162 57.59 5.50 31.50
CA VAL D 162 58.25 5.93 32.71
C VAL D 162 57.88 4.99 33.83
N TYR D 163 57.04 3.99 33.53
CA TYR D 163 56.63 3.05 34.53
C TYR D 163 57.07 1.62 34.28
N ARG D 164 57.40 1.24 33.02
CA ARG D 164 57.73 -0.16 32.70
C ARG D 164 58.77 -0.75 33.62
N ASP D 165 59.78 0.00 33.98
CA ASP D 165 60.81 -0.58 34.81
C ASP D 165 60.24 -1.06 36.14
N GLU D 166 59.23 -0.38 36.69
CA GLU D 166 58.64 -0.80 37.94
C GLU D 166 57.56 -1.83 37.70
N ALA D 167 56.71 -1.53 36.73
CA ALA D 167 55.54 -2.35 36.45
C ALA D 167 55.89 -3.76 36.03
N LEU D 168 56.98 -3.91 35.28
CA LEU D 168 57.34 -5.25 34.83
C LEU D 168 57.94 -6.04 35.96
N ASN D 169 58.55 -5.36 36.94
CA ASN D 169 59.15 -6.09 38.03
C ASN D 169 58.06 -6.65 38.91
N ASN D 170 56.97 -5.91 39.02
CA ASN D 170 55.85 -6.35 39.82
C ASN D 170 54.99 -7.40 39.10
N ARG D 171 54.89 -7.31 37.78
CA ARG D 171 54.15 -8.33 37.02
C ARG D 171 54.85 -9.69 36.94
N PHE D 172 56.20 -9.70 36.80
CA PHE D 172 57.00 -10.90 36.60
C PHE D 172 57.97 -11.03 37.75
N THR E 34 64.83 -3.72 16.46
CA THR E 34 63.41 -3.86 16.31
C THR E 34 62.96 -3.27 14.96
N ALA E 35 61.63 -3.29 14.71
CA ALA E 35 60.96 -2.79 13.49
C ALA E 35 59.53 -2.36 13.77
N THR E 36 58.99 -1.50 12.94
CA THR E 36 57.58 -1.14 13.10
C THR E 36 56.72 -1.57 11.93
N LEU E 37 55.65 -2.28 12.24
CA LEU E 37 54.72 -2.70 11.21
C LEU E 37 53.38 -2.02 11.45
N CYS E 38 53.02 -1.12 10.55
CA CYS E 38 51.81 -0.33 10.68
C CYS E 38 50.72 -0.84 9.79
N LEU E 39 49.53 -0.99 10.33
CA LEU E 39 48.43 -1.44 9.53
C LEU E 39 47.50 -0.30 9.29
N GLY E 40 46.87 -0.29 8.14
CA GLY E 40 45.95 0.76 7.85
C GLY E 40 45.20 0.54 6.55
N HIS E 41 44.54 1.59 6.12
CA HIS E 41 43.70 1.57 4.94
C HIS E 41 43.85 2.85 4.20
N HIS E 42 43.39 2.87 2.97
CA HIS E 42 43.51 4.02 2.11
C HIS E 42 42.58 5.16 2.47
N ALA E 43 42.86 6.30 1.90
CA ALA E 43 42.05 7.51 2.07
C ALA E 43 42.08 8.27 0.80
N VAL E 44 41.14 9.17 0.61
CA VAL E 44 41.16 9.96 -0.60
C VAL E 44 41.17 11.44 -0.24
N PRO E 45 41.83 12.30 -1.03
CA PRO E 45 41.86 13.74 -0.81
C PRO E 45 40.49 14.44 -0.63
N ASN E 46 39.44 13.95 -1.34
CA ASN E 46 38.07 14.47 -1.32
C ASN E 46 37.08 13.31 -1.40
N GLY E 47 36.38 12.96 -0.28
CA GLY E 47 35.41 11.86 -0.22
C GLY E 47 34.02 12.45 -0.41
N THR E 48 33.02 11.70 0.00
CA THR E 48 31.63 12.10 -0.16
C THR E 48 30.83 11.76 1.07
N LEU E 49 29.71 12.43 1.31
CA LEU E 49 28.94 12.13 2.52
C LEU E 49 27.73 11.24 2.29
N VAL E 50 27.53 10.32 3.22
CA VAL E 50 26.39 9.42 3.24
C VAL E 50 25.74 9.45 4.60
N LYS E 51 24.51 8.93 4.68
CA LYS E 51 23.77 8.80 5.93
C LYS E 51 23.67 7.34 6.37
N THR E 52 23.78 7.10 7.67
CA THR E 52 23.73 5.77 8.28
C THR E 52 22.66 5.78 9.37
N ILE E 53 22.56 4.70 10.15
CA ILE E 53 21.60 4.65 11.23
C ILE E 53 22.14 5.50 12.37
N THR E 54 23.43 5.37 12.67
CA THR E 54 24.04 6.09 13.78
C THR E 54 24.56 7.48 13.48
N ASP E 55 24.76 7.83 12.21
CA ASP E 55 25.34 9.12 11.85
C ASP E 55 24.53 9.82 10.77
N ASP E 56 24.35 11.14 10.89
CA ASP E 56 23.57 11.83 9.87
C ASP E 56 24.38 12.10 8.62
N GLN E 57 25.68 12.35 8.81
CA GLN E 57 26.63 12.60 7.72
C GLN E 57 27.98 12.03 8.05
N ILE E 58 28.42 11.05 7.29
CA ILE E 58 29.73 10.42 7.47
C ILE E 58 30.45 10.45 6.14
N GLU E 59 31.73 10.84 6.14
CA GLU E 59 32.46 10.88 4.90
C GLU E 59 33.01 9.52 4.56
N VAL E 60 32.83 9.11 3.31
CA VAL E 60 33.30 7.83 2.78
C VAL E 60 34.15 8.09 1.56
N THR E 61 34.98 7.09 1.25
CA THR E 61 35.91 7.18 0.09
C THR E 61 35.10 7.31 -1.21
N ASN E 62 34.00 6.55 -1.36
CA ASN E 62 33.21 6.58 -2.61
C ASN E 62 31.74 6.32 -2.27
N ALA E 63 30.82 6.79 -3.12
CA ALA E 63 29.36 6.58 -2.92
C ALA E 63 28.69 6.63 -4.28
N THR E 64 27.63 5.86 -4.47
CA THR E 64 26.93 6.00 -5.72
C THR E 64 25.56 6.58 -5.54
N GLU E 65 24.96 6.99 -6.64
CA GLU E 65 23.64 7.59 -6.66
C GLU E 65 22.56 6.61 -7.02
N LEU E 66 21.58 6.47 -6.14
CA LEU E 66 20.50 5.54 -6.38
C LEU E 66 19.22 6.11 -6.97
N VAL E 67 19.12 7.44 -7.13
CA VAL E 67 17.92 8.01 -7.70
C VAL E 67 18.17 8.61 -9.08
N GLN E 68 17.46 8.13 -10.07
CA GLN E 68 17.60 8.69 -11.40
C GLN E 68 16.72 9.91 -11.43
N SER E 69 17.33 11.08 -11.56
CA SER E 69 16.64 12.37 -11.48
C SER E 69 16.51 13.12 -12.79
N SER E 70 16.89 12.49 -13.89
CA SER E 70 16.83 13.16 -15.17
C SER E 70 16.46 12.22 -16.29
N SER E 71 15.98 12.81 -17.38
CA SER E 71 15.62 12.09 -18.59
C SER E 71 16.33 12.72 -19.74
N THR E 72 16.25 12.06 -20.89
CA THR E 72 16.89 12.60 -22.10
C THR E 72 16.01 13.63 -22.76
N GLY E 73 14.75 13.66 -22.37
CA GLY E 73 13.74 14.55 -22.91
C GLY E 73 13.12 13.99 -24.16
N LYS E 74 13.53 12.78 -24.54
CA LYS E 74 13.02 12.13 -25.73
C LYS E 74 12.57 10.72 -25.40
N ILE E 75 11.59 10.22 -26.12
CA ILE E 75 11.12 8.86 -25.98
C ILE E 75 11.85 7.97 -26.99
N CYS E 76 12.43 6.84 -26.56
CA CYS E 76 13.11 5.90 -27.45
C CYS E 76 12.10 4.99 -28.13
N ASN E 77 12.32 4.70 -29.41
CA ASN E 77 11.42 3.84 -30.16
C ASN E 77 11.75 2.36 -30.13
N ASN E 78 12.68 1.98 -29.28
CA ASN E 78 13.06 0.60 -29.08
C ASN E 78 13.29 0.38 -27.60
N PRO E 79 13.07 -0.84 -27.10
CA PRO E 79 12.56 -2.04 -27.73
C PRO E 79 11.03 -2.10 -27.90
N HIS E 80 10.33 -1.14 -27.32
CA HIS E 80 8.88 -1.13 -27.32
C HIS E 80 8.37 -0.50 -28.59
N ARG E 81 7.20 -0.90 -29.06
CA ARG E 81 6.60 -0.25 -30.22
C ARG E 81 5.81 0.97 -29.80
N ILE E 82 6.27 2.13 -30.22
CA ILE E 82 5.67 3.38 -29.80
C ILE E 82 4.87 3.97 -30.92
N LEU E 83 3.61 4.24 -30.65
CA LEU E 83 2.75 4.82 -31.66
C LEU E 83 2.42 6.26 -31.32
N ASP E 84 2.97 7.18 -32.07
CA ASP E 84 2.69 8.60 -31.82
C ASP E 84 1.34 8.97 -32.41
N GLY E 85 0.36 9.23 -31.57
CA GLY E 85 -0.89 9.80 -32.08
C GLY E 85 -0.48 11.21 -32.26
N ILE E 86 -0.57 11.77 -33.43
CA ILE E 86 0.08 13.10 -33.61
C ILE E 86 -0.91 14.15 -33.15
N ASP E 87 -2.05 14.21 -33.80
CA ASP E 87 -3.10 15.14 -33.42
C ASP E 87 -4.32 14.33 -33.03
N CYS E 88 -4.15 13.02 -32.83
CA CYS E 88 -5.28 12.16 -32.48
C CYS E 88 -5.22 11.67 -31.05
N THR E 89 -6.39 11.43 -30.52
CA THR E 89 -6.53 10.77 -29.25
C THR E 89 -6.80 9.33 -29.61
N LEU E 90 -6.69 8.43 -28.65
CA LEU E 90 -6.98 7.04 -28.97
C LEU E 90 -8.44 6.83 -29.37
N ILE E 91 -9.36 7.54 -28.73
CA ILE E 91 -10.76 7.37 -29.07
C ILE E 91 -11.05 7.91 -30.47
N ASP E 92 -10.49 9.04 -30.86
CA ASP E 92 -10.75 9.48 -32.23
C ASP E 92 -10.22 8.48 -33.25
N ALA E 93 -9.07 7.86 -32.95
CA ALA E 93 -8.49 6.84 -33.81
C ALA E 93 -9.39 5.61 -33.87
N LEU E 94 -10.01 5.26 -32.75
CA LEU E 94 -10.94 4.16 -32.63
C LEU E 94 -12.20 4.38 -33.44
N LEU E 95 -12.76 5.58 -33.33
CA LEU E 95 -14.01 5.88 -33.99
C LEU E 95 -13.83 6.10 -35.47
N GLY E 96 -12.69 6.62 -35.89
CA GLY E 96 -12.52 6.86 -37.30
C GLY E 96 -12.62 8.32 -37.72
N ASP E 97 -12.18 9.24 -36.87
CA ASP E 97 -12.14 10.66 -37.20
C ASP E 97 -11.30 10.80 -38.47
N PRO E 98 -11.71 11.55 -39.51
CA PRO E 98 -11.00 11.73 -40.77
C PRO E 98 -9.54 12.11 -40.63
N HIS E 99 -9.13 12.77 -39.54
CA HIS E 99 -7.69 13.07 -39.45
C HIS E 99 -6.84 11.88 -38.96
N CYS E 100 -7.48 10.79 -38.48
CA CYS E 100 -6.90 9.65 -37.83
C CYS E 100 -6.97 8.42 -38.72
N ASP E 101 -7.23 8.61 -40.01
CA ASP E 101 -7.37 7.51 -40.98
C ASP E 101 -6.10 6.71 -41.15
N VAL E 102 -5.00 7.25 -40.70
CA VAL E 102 -3.69 6.64 -40.78
C VAL E 102 -3.49 5.61 -39.70
N PHE E 103 -4.38 5.57 -38.71
CA PHE E 103 -4.24 4.65 -37.59
C PHE E 103 -5.15 3.44 -37.74
N GLN E 104 -5.74 3.26 -38.91
CA GLN E 104 -6.62 2.13 -39.09
C GLN E 104 -5.76 0.88 -39.05
N ASN E 105 -6.20 -0.15 -38.29
CA ASN E 105 -5.55 -1.45 -38.10
C ASN E 105 -4.12 -1.34 -37.51
N GLU E 106 -3.81 -0.24 -36.78
CA GLU E 106 -2.51 -0.01 -36.18
C GLU E 106 -2.39 -0.70 -34.81
N THR E 107 -1.14 -1.02 -34.44
CA THR E 107 -0.83 -1.64 -33.15
C THR E 107 0.23 -0.89 -32.38
N TRP E 108 0.27 -1.14 -31.08
CA TRP E 108 1.26 -0.50 -30.23
C TRP E 108 1.53 -1.23 -28.95
N ASP E 109 2.70 -0.96 -28.35
CA ASP E 109 2.94 -1.37 -27.00
C ASP E 109 2.60 -0.16 -26.17
N LEU E 110 2.88 1.02 -26.70
CA LEU E 110 2.53 2.23 -25.98
C LEU E 110 1.96 3.26 -26.95
N PHE E 111 0.75 3.72 -26.68
CA PHE E 111 0.11 4.74 -27.50
C PHE E 111 0.43 6.07 -26.87
N VAL E 112 0.94 7.03 -27.62
CA VAL E 112 1.26 8.31 -27.02
C VAL E 112 0.34 9.43 -27.48
N GLU E 113 -0.37 10.03 -26.53
CA GLU E 113 -1.28 11.14 -26.81
C GLU E 113 -0.52 12.42 -26.62
N ARG E 114 -0.87 13.43 -27.40
CA ARG E 114 -0.22 14.72 -27.37
C ARG E 114 -1.19 15.80 -26.92
N SER E 115 -0.67 16.87 -26.30
CA SER E 115 -1.53 17.97 -25.83
C SER E 115 -2.16 18.77 -26.95
N LYS E 116 -1.60 18.62 -28.14
CA LYS E 116 -2.08 19.31 -29.33
C LYS E 116 -3.18 18.53 -30.02
N ALA E 117 -3.48 17.33 -29.53
CA ALA E 117 -4.47 16.54 -30.19
C ALA E 117 -5.82 17.22 -30.13
N PHE E 118 -6.57 17.07 -31.19
CA PHE E 118 -7.89 17.67 -31.27
C PHE E 118 -8.82 16.81 -32.06
N SER E 119 -10.11 17.00 -31.87
CA SER E 119 -11.11 16.27 -32.61
C SER E 119 -11.60 17.16 -33.72
N ASN E 120 -12.06 16.58 -34.83
CA ASN E 120 -12.64 17.38 -35.89
C ASN E 120 -13.71 16.58 -36.65
N CYS E 121 -14.80 16.17 -35.97
CA CYS E 121 -15.84 15.33 -36.54
C CYS E 121 -17.16 15.63 -35.85
N TYR E 122 -18.19 14.84 -36.06
CA TYR E 122 -19.46 15.15 -35.48
C TYR E 122 -19.22 15.14 -33.96
N PRO E 123 -19.59 16.17 -33.18
CA PRO E 123 -19.39 16.26 -31.75
C PRO E 123 -19.93 15.06 -31.01
N TYR E 124 -19.19 14.56 -30.04
CA TYR E 124 -19.61 13.37 -29.35
C TYR E 124 -19.16 13.35 -27.92
N ASP E 125 -19.73 12.42 -27.18
CA ASP E 125 -19.36 12.16 -25.80
C ASP E 125 -19.33 10.66 -25.56
N VAL E 126 -18.57 10.25 -24.57
CA VAL E 126 -18.48 8.84 -24.25
C VAL E 126 -18.74 8.69 -22.77
N PRO E 127 -19.90 8.25 -22.32
CA PRO E 127 -20.13 8.01 -20.93
C PRO E 127 -19.04 7.03 -20.52
N ASP E 128 -18.42 7.27 -19.39
CA ASP E 128 -17.32 6.44 -18.93
C ASP E 128 -16.21 6.31 -19.99
N TYR E 129 -15.81 7.48 -20.49
CA TYR E 129 -14.76 7.68 -21.47
C TYR E 129 -13.51 6.99 -21.06
N ALA E 130 -13.14 7.18 -19.81
CA ALA E 130 -11.93 6.64 -19.26
C ALA E 130 -11.87 5.13 -19.32
N SER E 131 -13.00 4.44 -19.18
CA SER E 131 -12.96 2.99 -19.25
C SER E 131 -12.76 2.57 -20.68
N LEU E 132 -13.41 3.23 -21.62
CA LEU E 132 -13.21 2.81 -23.00
C LEU E 132 -11.76 3.06 -23.41
N ARG E 133 -11.20 4.18 -22.99
CA ARG E 133 -9.83 4.50 -23.30
C ARG E 133 -8.91 3.43 -22.73
N SER E 134 -9.17 2.98 -21.49
CA SER E 134 -8.38 1.91 -20.88
C SER E 134 -8.53 0.59 -21.62
N LEU E 135 -9.75 0.20 -22.01
CA LEU E 135 -9.93 -1.05 -22.72
C LEU E 135 -9.17 -1.10 -24.01
N VAL E 136 -9.23 -0.03 -24.77
CA VAL E 136 -8.60 -0.06 -26.05
C VAL E 136 -7.10 0.00 -25.87
N ALA E 137 -6.62 0.84 -24.95
CA ALA E 137 -5.20 0.97 -24.74
C ALA E 137 -4.54 -0.32 -24.35
N SER E 138 -5.20 -1.12 -23.48
CA SER E 138 -4.61 -2.37 -23.04
C SER E 138 -4.75 -3.48 -24.08
N SER E 139 -5.74 -3.39 -24.96
CA SER E 139 -5.88 -4.38 -26.02
C SER E 139 -4.67 -4.25 -26.94
N GLY E 140 -4.32 -3.01 -27.27
CA GLY E 140 -3.12 -2.77 -28.07
C GLY E 140 -3.29 -2.76 -29.57
N THR E 141 -4.52 -2.84 -30.02
CA THR E 141 -4.76 -2.85 -31.44
C THR E 141 -6.07 -2.23 -31.84
N LEU E 142 -6.07 -1.67 -33.05
CA LEU E 142 -7.27 -1.18 -33.70
C LEU E 142 -7.68 -2.05 -34.86
N GLU E 143 -7.22 -3.30 -34.89
CA GLU E 143 -7.59 -4.20 -35.97
C GLU E 143 -9.10 -4.28 -36.02
N PHE E 144 -9.66 -4.00 -37.18
CA PHE E 144 -11.09 -3.99 -37.32
C PHE E 144 -11.59 -4.83 -38.43
N ILE E 145 -12.57 -5.63 -38.10
CA ILE E 145 -13.18 -6.52 -39.05
C ILE E 145 -14.59 -6.13 -39.34
N THR E 146 -14.84 -5.86 -40.62
CA THR E 146 -16.14 -5.46 -41.10
C THR E 146 -17.07 -6.66 -41.10
N GLU E 147 -18.28 -6.48 -40.61
CA GLU E 147 -19.25 -7.58 -40.61
C GLU E 147 -20.45 -7.24 -41.44
N GLY E 148 -21.06 -8.28 -42.00
CA GLY E 148 -22.23 -8.14 -42.85
C GLY E 148 -23.51 -7.85 -42.12
N PHE E 149 -23.58 -6.71 -41.47
CA PHE E 149 -24.80 -6.35 -40.80
C PHE E 149 -25.75 -5.90 -41.87
N THR E 150 -26.99 -6.32 -41.78
CA THR E 150 -27.95 -5.88 -42.77
C THR E 150 -28.99 -5.00 -42.13
N TRP E 151 -29.05 -3.77 -42.59
CA TRP E 151 -29.99 -2.82 -42.03
C TRP E 151 -31.01 -2.54 -43.09
N THR E 152 -32.25 -3.00 -42.92
CA THR E 152 -33.22 -2.83 -43.97
C THR E 152 -34.23 -1.76 -43.65
N GLY E 153 -34.70 -1.08 -44.70
CA GLY E 153 -35.74 -0.06 -44.58
C GLY E 153 -35.19 1.27 -44.09
N VAL E 154 -33.87 1.39 -44.07
CA VAL E 154 -33.20 2.60 -43.62
C VAL E 154 -32.17 3.03 -44.63
N THR E 155 -31.79 4.29 -44.54
CA THR E 155 -30.75 4.83 -45.38
C THR E 155 -29.45 4.68 -44.63
N GLN E 156 -28.48 4.09 -45.28
CA GLN E 156 -27.19 3.83 -44.68
C GLN E 156 -26.19 4.92 -45.04
N ASN E 157 -25.12 5.00 -44.26
CA ASN E 157 -23.99 5.91 -44.46
C ASN E 157 -24.25 7.43 -44.47
N GLY E 158 -25.10 7.93 -43.58
CA GLY E 158 -25.30 9.38 -43.53
C GLY E 158 -24.07 10.08 -42.98
N GLY E 159 -23.81 11.33 -43.40
CA GLY E 159 -22.68 12.09 -42.87
C GLY E 159 -23.05 13.51 -42.47
N SER E 160 -22.04 14.34 -42.25
CA SER E 160 -22.19 15.75 -41.83
C SER E 160 -21.06 16.65 -42.31
N ASN E 161 -21.33 17.95 -42.43
CA ASN E 161 -20.29 18.90 -42.84
C ASN E 161 -19.39 19.23 -41.67
N ALA E 162 -19.75 18.72 -40.51
CA ALA E 162 -18.91 18.84 -39.33
C ALA E 162 -17.76 17.80 -39.34
N CYS E 163 -17.76 16.81 -40.28
CA CYS E 163 -16.79 15.73 -40.34
C CYS E 163 -16.45 15.53 -41.80
N LYS E 164 -15.89 16.55 -42.42
CA LYS E 164 -15.63 16.46 -43.83
C LYS E 164 -14.54 15.45 -44.10
N ARG E 165 -14.76 14.70 -45.16
CA ARG E 165 -13.84 13.69 -45.61
C ARG E 165 -13.58 13.95 -47.07
N GLY E 166 -12.40 14.44 -47.41
CA GLY E 166 -12.25 14.82 -48.79
C GLY E 166 -13.03 16.12 -48.89
N PRO E 167 -13.44 16.57 -50.08
CA PRO E 167 -14.15 17.82 -50.29
C PRO E 167 -15.59 17.88 -49.79
N GLY E 168 -16.23 16.73 -49.53
CA GLY E 168 -17.63 16.74 -49.10
C GLY E 168 -17.84 16.29 -47.66
N SER E 169 -19.10 15.98 -47.33
CA SER E 169 -19.50 15.59 -46.00
C SER E 169 -19.00 14.20 -45.68
N GLY E 170 -19.00 13.85 -44.40
CA GLY E 170 -18.52 12.55 -44.02
C GLY E 170 -18.87 12.21 -42.58
N PHE E 171 -18.28 11.14 -42.09
CA PHE E 171 -18.58 10.67 -40.77
C PHE E 171 -17.42 9.82 -40.29
N PHE E 172 -17.55 9.33 -39.08
CA PHE E 172 -16.55 8.46 -38.52
C PHE E 172 -16.50 7.21 -39.36
N SER E 173 -15.30 6.75 -39.71
CA SER E 173 -15.14 5.59 -40.59
C SER E 173 -15.57 4.25 -40.03
N ARG E 174 -15.69 4.10 -38.72
CA ARG E 174 -16.09 2.81 -38.17
C ARG E 174 -17.55 2.76 -37.72
N LEU E 175 -18.29 3.82 -37.99
CA LEU E 175 -19.69 3.92 -37.59
C LEU E 175 -20.60 4.13 -38.79
N ASN E 176 -21.83 3.67 -38.67
CA ASN E 176 -22.82 3.82 -39.74
C ASN E 176 -24.08 4.56 -39.27
N TRP E 177 -24.23 5.80 -39.70
CA TRP E 177 -25.37 6.61 -39.27
C TRP E 177 -26.59 6.27 -40.09
N LEU E 178 -27.57 5.61 -39.45
CA LEU E 178 -28.76 5.15 -40.15
C LEU E 178 -29.87 6.17 -39.98
N THR E 179 -30.55 6.47 -41.07
CA THR E 179 -31.65 7.43 -41.09
C THR E 179 -32.86 6.87 -41.81
N LYS E 180 -33.96 7.62 -41.87
CA LYS E 180 -35.15 7.09 -42.56
C LYS E 180 -34.89 6.80 -44.03
N SER E 181 -35.75 5.95 -44.58
CA SER E 181 -35.74 5.61 -46.00
C SER E 181 -37.10 5.96 -46.57
N GLY E 182 -37.12 6.91 -47.50
CA GLY E 182 -38.42 7.35 -47.96
C GLY E 182 -39.14 8.01 -46.79
N SER E 183 -40.32 7.51 -46.45
CA SER E 183 -41.11 8.06 -45.37
C SER E 183 -41.11 7.22 -44.10
N THR E 184 -40.30 6.16 -44.03
CA THR E 184 -40.34 5.33 -42.84
C THR E 184 -39.01 4.97 -42.20
N TYR E 185 -39.11 4.35 -41.04
CA TYR E 185 -37.98 3.85 -40.31
C TYR E 185 -38.51 2.68 -39.49
N PRO E 186 -38.25 1.41 -39.87
CA PRO E 186 -38.74 0.21 -39.25
C PRO E 186 -38.01 -0.03 -37.97
N VAL E 187 -38.53 -0.89 -37.13
CA VAL E 187 -37.72 -1.26 -36.01
C VAL E 187 -36.69 -2.21 -36.55
N LEU E 188 -35.42 -1.93 -36.26
CA LEU E 188 -34.33 -2.78 -36.77
C LEU E 188 -34.06 -3.85 -35.74
N ASN E 189 -34.02 -5.11 -36.14
CA ASN E 189 -33.73 -6.24 -35.20
C ASN E 189 -32.65 -7.08 -35.87
N VAL E 190 -31.38 -6.93 -35.50
CA VAL E 190 -30.30 -7.66 -36.23
C VAL E 190 -29.53 -8.56 -35.27
N THR E 191 -29.14 -9.75 -35.74
CA THR E 191 -28.42 -10.69 -34.90
C THR E 191 -27.06 -11.01 -35.50
N MET E 192 -26.01 -10.87 -34.68
CA MET E 192 -24.66 -11.15 -35.14
C MET E 192 -23.90 -12.06 -34.14
N PRO E 193 -23.91 -13.40 -34.31
CA PRO E 193 -23.34 -14.38 -33.38
C PRO E 193 -21.83 -14.38 -33.35
N ASN E 194 -21.23 -14.74 -32.21
CA ASN E 194 -19.78 -14.89 -32.15
C ASN E 194 -19.37 -16.36 -32.23
N ASN E 195 -19.02 -16.82 -33.43
CA ASN E 195 -18.69 -18.21 -33.66
C ASN E 195 -17.18 -18.38 -33.78
N ASP E 196 -16.48 -17.36 -33.33
CA ASP E 196 -15.03 -17.29 -33.36
C ASP E 196 -14.47 -17.74 -32.03
N ASN E 197 -13.16 -17.72 -31.87
CA ASN E 197 -12.51 -18.16 -30.64
C ASN E 197 -11.86 -17.01 -29.87
N PHE E 198 -12.39 -15.82 -30.03
CA PHE E 198 -11.92 -14.61 -29.37
C PHE E 198 -13.06 -13.64 -29.11
N ASP E 199 -12.82 -12.69 -28.21
CA ASP E 199 -13.79 -11.65 -27.87
C ASP E 199 -13.87 -10.56 -28.94
N LYS E 200 -15.08 -10.10 -29.21
CA LYS E 200 -15.32 -9.04 -30.16
C LYS E 200 -15.80 -7.77 -29.50
N LEU E 201 -15.13 -6.65 -29.79
CA LEU E 201 -15.55 -5.37 -29.22
C LEU E 201 -16.35 -4.55 -30.20
N TYR E 202 -17.58 -4.24 -29.84
CA TYR E 202 -18.43 -3.47 -30.71
C TYR E 202 -18.61 -2.07 -30.18
N ILE E 203 -18.40 -1.11 -31.05
CA ILE E 203 -18.57 0.30 -30.74
C ILE E 203 -19.77 0.78 -31.50
N TRP E 204 -20.68 1.42 -30.81
CA TRP E 204 -21.91 1.91 -31.40
C TRP E 204 -22.34 3.16 -30.66
N GLY E 205 -23.30 3.89 -31.20
CA GLY E 205 -23.72 5.05 -30.45
C GLY E 205 -25.15 5.45 -30.67
N VAL E 206 -25.52 6.53 -30.01
CA VAL E 206 -26.87 7.05 -30.05
C VAL E 206 -26.89 8.53 -30.41
N HIS E 207 -27.67 8.88 -31.39
CA HIS E 207 -27.78 10.26 -31.82
C HIS E 207 -28.74 11.03 -30.93
N HIS E 208 -28.40 12.29 -30.63
CA HIS E 208 -29.21 13.21 -29.83
C HIS E 208 -29.51 14.50 -30.61
N PRO E 209 -30.64 14.58 -31.33
CA PRO E 209 -31.09 15.70 -32.14
C PRO E 209 -31.28 16.94 -31.30
N SER E 210 -31.12 18.10 -31.91
CA SER E 210 -31.25 19.37 -31.21
C SER E 210 -32.69 19.81 -31.02
N THR E 211 -33.58 19.18 -31.75
CA THR E 211 -34.99 19.54 -31.78
C THR E 211 -35.94 18.46 -32.24
N ASN E 212 -37.19 18.65 -31.87
CA ASN E 212 -38.31 17.79 -32.23
C ASN E 212 -38.55 17.84 -33.73
N GLN E 213 -38.05 18.89 -34.35
CA GLN E 213 -38.22 19.06 -35.78
C GLN E 213 -37.11 18.38 -36.56
N GLU E 214 -36.12 17.81 -35.87
CA GLU E 214 -35.03 17.11 -36.51
C GLU E 214 -35.28 15.63 -36.36
N GLN E 215 -35.70 15.20 -35.18
CA GLN E 215 -35.87 13.77 -35.00
C GLN E 215 -36.98 13.16 -35.85
N THR E 216 -37.96 13.96 -36.28
CA THR E 216 -39.02 13.41 -37.08
C THR E 216 -38.79 13.61 -38.56
N SER E 217 -37.68 14.26 -38.92
CA SER E 217 -37.40 14.46 -40.34
C SER E 217 -36.19 13.62 -40.67
N LEU E 218 -35.44 13.25 -39.64
CA LEU E 218 -34.24 12.48 -39.79
C LEU E 218 -34.54 10.98 -39.71
N TYR E 219 -35.34 10.55 -38.72
CA TYR E 219 -35.63 9.12 -38.60
C TYR E 219 -37.09 8.86 -38.22
N VAL E 220 -37.95 9.78 -38.67
CA VAL E 220 -39.42 9.81 -38.47
C VAL E 220 -39.94 9.21 -37.15
N GLN E 221 -39.38 9.61 -36.03
CA GLN E 221 -39.77 9.02 -34.76
C GLN E 221 -39.78 9.98 -33.57
N ALA E 222 -40.95 10.14 -32.96
CA ALA E 222 -41.13 11.02 -31.80
C ALA E 222 -40.29 10.57 -30.59
N SER E 223 -40.14 9.27 -30.39
CA SER E 223 -39.33 8.80 -29.27
C SER E 223 -38.53 7.57 -29.62
N GLY E 224 -37.25 7.77 -29.85
CA GLY E 224 -36.38 6.69 -30.25
C GLY E 224 -35.82 5.99 -29.05
N ARG E 225 -35.31 4.80 -29.27
CA ARG E 225 -34.59 4.02 -28.29
C ARG E 225 -33.59 3.14 -28.99
N VAL E 226 -32.47 2.87 -28.34
CA VAL E 226 -31.53 1.90 -28.85
C VAL E 226 -31.20 0.85 -27.81
N THR E 227 -31.45 -0.42 -28.12
CA THR E 227 -31.14 -1.50 -27.20
C THR E 227 -30.13 -2.45 -27.81
N VAL E 228 -29.04 -2.66 -27.10
CA VAL E 228 -28.02 -3.58 -27.56
C VAL E 228 -27.81 -4.63 -26.50
N SER E 229 -27.87 -5.90 -26.88
CA SER E 229 -27.76 -6.95 -25.87
C SER E 229 -27.04 -8.22 -26.28
N THR E 230 -26.68 -8.97 -25.26
CA THR E 230 -26.03 -10.27 -25.32
C THR E 230 -26.80 -11.26 -24.46
N ARG E 231 -26.31 -12.49 -24.35
CA ARG E 231 -26.95 -13.51 -23.52
C ARG E 231 -26.78 -13.24 -22.03
N ARG E 232 -25.90 -12.30 -21.67
CA ARG E 232 -25.65 -12.01 -20.28
C ARG E 232 -26.04 -10.61 -19.81
N SER E 233 -26.02 -9.61 -20.69
CA SER E 233 -26.35 -8.25 -20.25
C SER E 233 -26.98 -7.43 -21.35
N GLN E 234 -27.64 -6.33 -20.99
CA GLN E 234 -28.20 -5.45 -22.02
C GLN E 234 -28.03 -3.99 -21.66
N GLN E 235 -27.97 -3.15 -22.67
CA GLN E 235 -27.93 -1.71 -22.50
C GLN E 235 -29.01 -1.03 -23.30
N THR E 236 -29.86 -0.25 -22.64
CA THR E 236 -30.88 0.50 -23.40
C THR E 236 -30.70 1.97 -23.17
N ILE E 237 -30.57 2.68 -24.27
CA ILE E 237 -30.32 4.09 -24.25
C ILE E 237 -31.48 4.88 -24.83
N ILE E 238 -31.91 5.89 -24.11
CA ILE E 238 -32.95 6.76 -24.60
C ILE E 238 -32.31 8.10 -24.99
N PRO E 239 -32.44 8.58 -26.24
CA PRO E 239 -31.96 9.83 -26.78
C PRO E 239 -32.56 11.03 -26.06
N ASN E 240 -31.78 12.10 -25.93
CA ASN E 240 -32.24 13.31 -25.27
C ASN E 240 -32.23 14.52 -26.18
N ILE E 241 -33.41 15.02 -26.51
CA ILE E 241 -33.59 16.13 -27.45
C ILE E 241 -33.30 17.50 -26.85
N GLY E 242 -32.51 18.30 -27.56
CA GLY E 242 -32.25 19.66 -27.10
C GLY E 242 -30.95 20.27 -27.60
N SER E 243 -30.88 21.59 -27.56
CA SER E 243 -29.68 22.29 -28.00
C SER E 243 -28.59 22.31 -26.94
N ARG E 244 -27.39 22.00 -27.36
CA ARG E 244 -26.20 22.03 -26.56
C ARG E 244 -25.40 23.21 -27.11
N PRO E 245 -24.32 23.67 -26.49
CA PRO E 245 -23.46 24.70 -27.04
C PRO E 245 -23.00 24.25 -28.41
N TRP E 246 -22.81 25.18 -29.32
CA TRP E 246 -22.43 24.82 -30.68
C TRP E 246 -20.98 24.41 -30.78
N VAL E 247 -20.74 23.25 -31.35
CA VAL E 247 -19.41 22.75 -31.60
C VAL E 247 -19.29 22.44 -33.08
N ARG E 248 -18.37 23.10 -33.78
CA ARG E 248 -18.21 22.93 -35.22
C ARG E 248 -19.51 23.14 -35.97
N GLY E 249 -20.32 24.08 -35.54
CA GLY E 249 -21.57 24.37 -36.23
C GLY E 249 -22.75 23.48 -35.83
N LEU E 250 -22.55 22.53 -34.94
CA LEU E 250 -23.66 21.67 -34.56
C LEU E 250 -24.04 21.78 -33.09
N SER E 251 -25.35 21.83 -32.85
CA SER E 251 -25.89 21.90 -31.49
C SER E 251 -26.33 20.52 -31.00
N SER E 252 -26.22 19.53 -31.89
CA SER E 252 -26.58 18.12 -31.65
C SER E 252 -25.38 17.30 -31.19
N ARG E 253 -25.63 16.11 -30.65
CA ARG E 253 -24.52 15.23 -30.18
C ARG E 253 -24.69 13.73 -30.46
N ILE E 254 -23.57 13.01 -30.50
CA ILE E 254 -23.60 11.54 -30.49
C ILE E 254 -22.96 10.93 -29.25
N SER E 255 -23.65 10.02 -28.59
CA SER E 255 -23.08 9.33 -27.43
C SER E 255 -22.52 7.97 -27.85
N ILE E 256 -21.32 7.65 -27.39
CA ILE E 256 -20.67 6.38 -27.72
C ILE E 256 -20.73 5.37 -26.59
N TYR E 257 -21.16 4.17 -26.96
CA TYR E 257 -21.32 3.04 -26.06
C TYR E 257 -20.61 1.83 -26.62
N TRP E 258 -20.29 0.86 -25.77
CA TRP E 258 -19.66 -0.33 -26.30
C TRP E 258 -20.14 -1.58 -25.60
N THR E 259 -19.96 -2.70 -26.27
CA THR E 259 -20.26 -4.01 -25.72
C THR E 259 -19.27 -5.06 -26.18
N ILE E 260 -19.03 -6.06 -25.33
CA ILE E 260 -18.12 -7.13 -25.68
C ILE E 260 -18.85 -8.44 -25.80
N VAL E 261 -18.65 -9.10 -26.91
CA VAL E 261 -19.31 -10.38 -27.15
C VAL E 261 -18.28 -11.51 -27.09
N LYS E 262 -18.46 -12.44 -26.17
CA LYS E 262 -17.54 -13.56 -25.99
C LYS E 262 -17.90 -14.71 -26.92
N PRO E 263 -16.99 -15.63 -27.23
CA PRO E 263 -17.27 -16.78 -28.05
C PRO E 263 -18.46 -17.53 -27.53
N GLY E 264 -19.40 -17.85 -28.41
CA GLY E 264 -20.59 -18.57 -28.06
C GLY E 264 -21.75 -17.64 -27.75
N ASP E 265 -21.46 -16.35 -27.57
CA ASP E 265 -22.51 -15.41 -27.28
C ASP E 265 -23.03 -14.83 -28.59
N VAL E 266 -24.03 -13.96 -28.49
CA VAL E 266 -24.67 -13.34 -29.65
C VAL E 266 -24.91 -11.86 -29.50
N LEU E 267 -24.61 -11.06 -30.51
CA LEU E 267 -24.95 -9.64 -30.41
C LEU E 267 -26.30 -9.36 -31.02
N VAL E 268 -27.19 -8.71 -30.28
CA VAL E 268 -28.47 -8.32 -30.84
C VAL E 268 -28.72 -6.83 -30.72
N ILE E 269 -29.06 -6.21 -31.84
CA ILE E 269 -29.34 -4.77 -31.85
C ILE E 269 -30.78 -4.50 -32.24
N ASN E 270 -31.48 -3.77 -31.39
CA ASN E 270 -32.87 -3.39 -31.59
C ASN E 270 -33.07 -1.88 -31.53
N SER E 271 -33.55 -1.27 -32.60
CA SER E 271 -33.73 0.19 -32.52
C SER E 271 -34.89 0.70 -33.34
N ASN E 272 -35.48 1.81 -32.89
CA ASN E 272 -36.58 2.41 -33.64
C ASN E 272 -36.25 3.84 -34.03
N GLY E 273 -34.95 4.16 -34.02
CA GLY E 273 -34.44 5.48 -34.35
C GLY E 273 -33.18 5.79 -33.56
N ASN E 274 -32.41 6.77 -34.05
CA ASN E 274 -31.15 7.26 -33.48
C ASN E 274 -30.02 6.27 -33.33
N LEU E 275 -29.91 5.31 -34.23
CA LEU E 275 -28.82 4.37 -34.13
C LEU E 275 -27.65 4.70 -35.03
N ILE E 276 -26.50 4.79 -34.37
CA ILE E 276 -25.24 4.94 -35.06
C ILE E 276 -24.70 3.53 -34.94
N ALA E 277 -24.83 2.80 -36.02
CA ALA E 277 -24.59 1.39 -36.06
C ALA E 277 -23.13 1.05 -36.12
N PRO E 278 -22.72 -0.11 -35.60
CA PRO E 278 -21.39 -0.63 -35.76
C PRO E 278 -21.24 -1.09 -37.19
N ARG E 279 -20.03 -1.11 -37.72
CA ARG E 279 -19.80 -1.68 -39.05
C ARG E 279 -19.10 -3.02 -38.96
N GLY E 280 -18.79 -3.43 -37.76
CA GLY E 280 -18.02 -4.62 -37.50
C GLY E 280 -17.47 -4.51 -36.11
N TYR E 281 -16.43 -5.26 -35.83
CA TYR E 281 -15.86 -5.32 -34.48
C TYR E 281 -14.38 -5.16 -34.42
N PHE E 282 -13.91 -4.75 -33.27
CA PHE E 282 -12.49 -4.69 -33.03
C PHE E 282 -12.08 -5.99 -32.39
N LYS E 283 -10.96 -6.52 -32.80
CA LYS E 283 -10.50 -7.77 -32.20
C LYS E 283 -9.82 -7.46 -30.87
N MET E 284 -10.23 -8.11 -29.79
CA MET E 284 -9.59 -7.80 -28.52
C MET E 284 -8.42 -8.70 -28.23
N ARG E 285 -7.42 -8.14 -27.59
CA ARG E 285 -6.23 -8.87 -27.20
C ARG E 285 -5.86 -8.58 -25.76
N THR E 286 -5.01 -9.40 -25.18
CA THR E 286 -4.48 -9.13 -23.86
C THR E 286 -2.98 -8.98 -24.02
N GLY E 287 -2.32 -8.33 -23.06
CA GLY E 287 -0.89 -8.16 -23.20
C GLY E 287 -0.35 -6.96 -22.44
N LYS E 288 0.81 -6.50 -22.87
CA LYS E 288 1.59 -5.43 -22.25
C LYS E 288 1.26 -4.01 -22.74
N SER E 289 0.34 -3.88 -23.67
CA SER E 289 0.04 -2.59 -24.24
C SER E 289 -0.55 -1.57 -23.25
N SER E 290 -0.20 -0.31 -23.45
CA SER E 290 -0.73 0.79 -22.65
C SER E 290 -0.80 2.12 -23.39
N ILE E 291 -1.13 3.17 -22.64
CA ILE E 291 -1.25 4.55 -23.15
C ILE E 291 -0.61 5.57 -22.21
N MET E 292 0.01 6.59 -22.78
CA MET E 292 0.63 7.67 -22.00
C MET E 292 0.39 9.02 -22.64
N ARG E 293 0.33 10.07 -21.81
CA ARG E 293 0.19 11.43 -22.33
C ARG E 293 1.54 12.11 -22.21
N SER E 294 2.10 12.55 -23.32
CA SER E 294 3.41 13.18 -23.32
C SER E 294 3.66 14.07 -24.51
N ASP E 295 4.37 15.17 -24.32
CA ASP E 295 4.73 16.02 -25.46
C ASP E 295 6.17 15.82 -25.89
N ALA E 296 6.84 14.81 -25.33
CA ALA E 296 8.23 14.50 -25.68
C ALA E 296 8.31 13.92 -27.10
N PRO E 297 9.31 14.26 -27.92
CA PRO E 297 9.55 13.73 -29.24
C PRO E 297 10.05 12.30 -29.13
N ILE E 298 9.92 11.54 -30.20
CA ILE E 298 10.37 10.15 -30.28
C ILE E 298 11.62 10.01 -31.14
N ASP E 299 12.62 9.26 -30.68
CA ASP E 299 13.85 9.12 -31.46
C ASP E 299 14.43 7.69 -31.61
N THR E 300 15.51 7.60 -32.38
CA THR E 300 16.20 6.34 -32.67
C THR E 300 17.26 5.98 -31.65
N CYS E 301 16.82 5.46 -30.52
CA CYS E 301 17.59 5.07 -29.35
C CYS E 301 16.90 3.89 -28.69
N ILE E 302 17.57 3.25 -27.75
CA ILE E 302 16.98 2.10 -27.08
C ILE E 302 16.88 2.32 -25.59
N SER E 303 15.68 2.15 -25.05
CA SER E 303 15.46 2.22 -23.61
C SER E 303 14.21 1.49 -23.17
N GLU E 304 14.37 0.65 -22.18
CA GLU E 304 13.28 -0.11 -21.61
C GLU E 304 12.25 0.65 -20.75
N CYS E 305 12.59 1.87 -20.24
CA CYS E 305 11.74 2.66 -19.35
C CYS E 305 11.34 4.00 -19.95
N ILE E 306 10.04 4.19 -20.08
CA ILE E 306 9.49 5.39 -20.64
C ILE E 306 8.70 6.18 -19.63
N THR E 307 8.97 7.47 -19.52
CA THR E 307 8.18 8.32 -18.63
C THR E 307 7.64 9.42 -19.55
N PRO E 308 6.61 10.22 -19.19
CA PRO E 308 6.18 11.36 -20.01
C PRO E 308 7.21 12.46 -20.25
N ASN E 309 8.31 12.47 -19.49
CA ASN E 309 9.40 13.44 -19.65
C ASN E 309 10.43 12.87 -20.59
N GLY E 310 10.18 11.68 -21.15
CA GLY E 310 11.15 10.98 -21.99
C GLY E 310 11.66 9.72 -21.36
N SER E 311 12.47 8.95 -22.09
CA SER E 311 13.03 7.73 -21.60
C SER E 311 14.08 8.02 -20.55
N ILE E 312 14.22 7.12 -19.59
CA ILE E 312 15.25 7.26 -18.58
C ILE E 312 16.01 5.94 -18.51
N PRO E 313 17.25 5.94 -18.02
CA PRO E 313 18.04 4.77 -17.69
C PRO E 313 17.35 3.99 -16.60
N ASN E 314 17.56 2.69 -16.57
CA ASN E 314 17.00 1.85 -15.53
C ASN E 314 18.08 1.13 -14.74
N ASP E 315 19.24 1.76 -14.56
CA ASP E 315 20.36 1.17 -13.86
C ASP E 315 20.44 1.57 -12.38
N LYS E 316 19.41 2.23 -11.89
CA LYS E 316 19.32 2.65 -10.51
C LYS E 316 18.01 2.10 -10.02
N PRO E 317 17.87 1.71 -8.74
CA PRO E 317 16.65 1.21 -8.17
C PRO E 317 15.52 2.22 -8.01
N PHE E 318 15.83 3.53 -7.94
CA PHE E 318 14.79 4.52 -7.73
C PHE E 318 14.89 5.64 -8.73
N GLN E 319 13.80 6.33 -8.95
CA GLN E 319 13.79 7.52 -9.79
C GLN E 319 12.87 8.56 -9.23
N ASN E 320 13.11 9.83 -9.55
CA ASN E 320 12.12 10.83 -9.16
C ASN E 320 11.74 11.69 -10.36
N VAL E 321 11.79 11.10 -11.54
CA VAL E 321 11.44 11.80 -12.76
C VAL E 321 9.93 11.90 -12.87
N ASN E 322 9.22 10.79 -12.67
CA ASN E 322 7.77 10.87 -12.69
C ASN E 322 7.14 9.70 -11.95
N LYS E 323 5.83 9.72 -11.84
CA LYS E 323 5.10 8.65 -11.19
C LYS E 323 4.50 7.79 -12.28
N ILE E 324 4.37 8.39 -13.46
CA ILE E 324 3.82 7.74 -14.61
C ILE E 324 4.97 7.16 -15.38
N THR E 325 5.00 5.85 -15.46
CA THR E 325 6.06 5.14 -16.11
C THR E 325 5.50 3.99 -16.92
N TYR E 326 6.28 3.49 -17.87
CA TYR E 326 5.96 2.28 -18.62
C TYR E 326 7.21 1.42 -18.88
N GLY E 327 7.11 0.11 -18.64
CA GLY E 327 8.23 -0.78 -18.91
C GLY E 327 9.10 -1.08 -17.68
N ALA E 328 10.37 -1.40 -17.92
CA ALA E 328 11.26 -1.89 -16.85
C ALA E 328 11.89 -0.73 -16.09
N CYS E 329 11.05 -0.03 -15.31
CA CYS E 329 11.38 1.21 -14.61
C CYS E 329 11.77 1.08 -13.13
N PRO E 330 12.62 2.01 -12.63
CA PRO E 330 12.98 2.25 -11.25
C PRO E 330 11.74 2.67 -10.49
N LYS E 331 11.72 2.45 -9.20
CA LYS E 331 10.60 2.81 -8.35
C LYS E 331 10.54 4.31 -8.12
N TYR E 332 9.35 4.89 -8.11
CA TYR E 332 9.26 6.33 -7.88
C TYR E 332 9.30 6.67 -6.41
N VAL E 333 10.19 7.57 -6.08
CA VAL E 333 10.37 8.04 -4.72
C VAL E 333 10.33 9.55 -4.68
N LYS E 334 10.09 10.09 -3.50
CA LYS E 334 10.10 11.54 -3.30
C LYS E 334 11.48 12.16 -3.31
N GLN E 335 12.46 11.43 -2.82
CA GLN E 335 13.82 11.92 -2.68
C GLN E 335 14.50 12.23 -3.99
N ASN E 336 15.19 13.37 -4.04
CA ASN E 336 15.94 13.71 -5.24
C ASN E 336 17.29 13.05 -5.30
N THR E 337 17.73 12.56 -4.17
CA THR E 337 19.02 11.92 -4.07
C THR E 337 19.09 10.97 -2.90
N LEU E 338 19.83 9.88 -3.11
CA LEU E 338 20.15 8.88 -2.11
C LEU E 338 21.56 8.37 -2.37
N LYS E 339 22.47 8.55 -1.42
CA LYS E 339 23.83 8.09 -1.64
C LYS E 339 24.15 6.83 -0.90
N LEU E 340 24.63 5.86 -1.65
CA LEU E 340 24.97 4.56 -1.12
C LEU E 340 26.47 4.40 -1.08
N ALA E 341 27.02 4.20 0.09
CA ALA E 341 28.45 4.09 0.21
C ALA E 341 28.91 2.87 -0.56
N THR E 342 30.02 3.02 -1.26
CA THR E 342 30.59 1.93 -2.03
C THR E 342 31.96 1.63 -1.47
N GLY E 343 32.23 2.21 -0.33
CA GLY E 343 33.50 2.07 0.33
C GLY E 343 33.45 2.50 1.78
N MET E 344 34.60 2.49 2.38
CA MET E 344 34.83 2.78 3.79
C MET E 344 34.87 4.25 4.12
N ARG E 345 34.87 4.52 5.43
CA ARG E 345 34.97 5.88 5.95
C ARG E 345 36.25 6.51 5.44
N ASN E 346 36.18 7.76 5.08
CA ASN E 346 37.33 8.49 4.58
C ASN E 346 37.94 9.30 5.68
N VAL E 347 39.14 8.95 6.10
CA VAL E 347 39.74 9.73 7.15
C VAL E 347 41.06 10.32 6.62
N PRO E 348 41.11 11.60 6.23
CA PRO E 348 42.25 12.28 5.63
C PRO E 348 43.46 12.26 6.55
N GLU E 349 44.66 12.29 5.97
CA GLU E 349 45.89 12.24 6.80
C GLU E 349 46.09 13.42 7.78
N LYS E 350 45.69 14.66 7.38
CA LYS E 350 45.79 15.95 8.13
C LYS E 350 47.20 16.57 7.98
N THR F 34 50.85 -1.11 43.60
CA THR F 34 49.96 -1.16 42.47
C THR F 34 48.69 -0.33 42.75
N ALA F 35 47.76 -0.34 41.77
CA ALA F 35 46.46 0.39 41.80
C ALA F 35 45.41 -0.32 40.95
N THR F 36 44.15 -0.08 41.22
CA THR F 36 43.12 -0.64 40.37
C THR F 36 42.30 0.42 39.66
N LEU F 37 42.21 0.28 38.35
CA LEU F 37 41.41 1.20 37.56
C LEU F 37 40.25 0.45 36.94
N CYS F 38 39.06 0.76 37.39
CA CYS F 38 37.85 0.07 36.96
C CYS F 38 37.07 0.88 35.97
N LEU F 39 36.66 0.27 34.89
CA LEU F 39 35.88 0.98 33.92
C LEU F 39 34.46 0.50 33.98
N GLY F 40 33.55 1.39 33.72
CA GLY F 40 32.16 1.00 33.74
C GLY F 40 31.24 2.09 33.26
N HIS F 41 29.96 1.88 33.50
CA HIS F 41 28.91 2.76 33.06
C HIS F 41 27.87 2.86 34.12
N HIS F 42 27.00 3.83 34.00
CA HIS F 42 25.96 4.09 34.98
C HIS F 42 24.82 3.08 34.93
N ALA F 43 24.02 3.10 35.96
CA ALA F 43 22.84 2.27 36.08
C ALA F 43 21.80 3.04 36.82
N VAL F 44 20.56 2.62 36.71
CA VAL F 44 19.53 3.32 37.43
C VAL F 44 18.77 2.34 38.32
N PRO F 45 18.29 2.74 39.49
CA PRO F 45 17.51 1.91 40.39
C PRO F 45 16.28 1.19 39.76
N ASN F 46 15.59 1.84 38.80
CA ASN F 46 14.41 1.34 38.09
C ASN F 46 14.48 1.77 36.61
N GLY F 47 14.77 0.82 35.67
CA GLY F 47 14.87 1.09 34.24
C GLY F 47 13.53 0.74 33.59
N THR F 48 13.56 0.55 32.30
CA THR F 48 12.36 0.27 31.52
C THR F 48 12.64 -0.80 30.50
N LEU F 49 11.61 -1.51 30.02
CA LEU F 49 11.85 -2.57 29.05
C LEU F 49 11.54 -2.18 27.62
N VAL F 50 12.42 -2.60 26.72
CA VAL F 50 12.27 -2.41 25.29
C VAL F 50 12.46 -3.73 24.56
N LYS F 51 12.06 -3.79 23.30
CA LYS F 51 12.23 -4.95 22.44
C LYS F 51 13.28 -4.68 21.37
N THR F 52 14.09 -5.69 21.07
CA THR F 52 15.17 -5.63 20.08
C THR F 52 14.99 -6.78 19.09
N ILE F 53 15.96 -6.97 18.19
CA ILE F 53 15.88 -8.07 17.24
C ILE F 53 16.20 -9.36 17.99
N THR F 54 17.24 -9.32 18.82
CA THR F 54 17.68 -10.52 19.53
C THR F 54 17.00 -10.79 20.86
N ASP F 55 16.33 -9.81 21.46
CA ASP F 55 15.72 -9.97 22.78
C ASP F 55 14.28 -9.49 22.81
N ASP F 56 13.41 -10.23 23.47
CA ASP F 56 12.01 -9.81 23.50
C ASP F 56 11.78 -8.69 24.51
N GLN F 57 12.53 -8.73 25.63
CA GLN F 57 12.48 -7.73 26.68
C GLN F 57 13.85 -7.52 27.29
N ILE F 58 14.38 -6.33 27.12
CA ILE F 58 15.69 -5.96 27.68
C ILE F 58 15.52 -4.69 28.49
N GLU F 59 16.09 -4.64 29.69
CA GLU F 59 15.95 -3.44 30.48
C GLU F 59 17.01 -2.43 30.10
N VAL F 60 16.58 -1.19 29.92
CA VAL F 60 17.42 -0.06 29.57
C VAL F 60 17.24 1.04 30.59
N THR F 61 18.25 1.92 30.64
CA THR F 61 18.26 3.05 31.59
C THR F 61 17.07 3.98 31.29
N ASN F 62 16.78 4.26 30.02
CA ASN F 62 15.70 5.20 29.65
C ASN F 62 15.08 4.76 28.33
N ALA F 63 13.82 5.11 28.08
CA ALA F 63 13.12 4.79 26.82
C ALA F 63 12.04 5.83 26.59
N THR F 64 11.77 6.15 25.33
CA THR F 64 10.67 7.06 25.10
C THR F 64 9.52 6.39 24.41
N GLU F 65 8.39 7.06 24.42
CA GLU F 65 7.16 6.56 23.80
C GLU F 65 6.93 7.13 22.42
N LEU F 66 6.79 6.25 21.44
CA LEU F 66 6.58 6.69 20.08
C LEU F 66 5.15 6.72 19.59
N VAL F 67 4.18 6.24 20.38
CA VAL F 67 2.80 6.26 19.94
C VAL F 67 1.96 7.22 20.74
N GLN F 68 1.37 8.19 20.09
CA GLN F 68 0.49 9.11 20.77
C GLN F 68 -0.85 8.43 20.90
N SER F 69 -1.26 8.12 22.13
CA SER F 69 -2.46 7.34 22.40
C SER F 69 -3.60 8.12 23.01
N SER F 70 -3.47 9.43 23.09
CA SER F 70 -4.52 10.23 23.69
C SER F 70 -4.68 11.57 23.02
N SER F 71 -5.84 12.17 23.22
CA SER F 71 -6.17 13.47 22.71
C SER F 71 -6.64 14.33 23.84
N THR F 72 -6.81 15.62 23.58
CA THR F 72 -7.28 16.54 24.60
C THR F 72 -8.79 16.49 24.73
N GLY F 73 -9.43 15.91 23.72
CA GLY F 73 -10.86 15.79 23.62
C GLY F 73 -11.49 17.03 23.01
N LYS F 74 -10.64 17.98 22.61
CA LYS F 74 -11.09 19.23 22.03
C LYS F 74 -10.35 19.50 20.75
N ILE F 75 -10.99 20.18 19.82
CA ILE F 75 -10.37 20.61 18.57
C ILE F 75 -9.82 22.01 18.74
N CYS F 76 -8.54 22.26 18.39
CA CYS F 76 -7.93 23.59 18.47
C CYS F 76 -8.31 24.42 17.25
N ASN F 77 -8.57 25.71 17.47
CA ASN F 77 -8.95 26.59 16.37
C ASN F 77 -7.80 27.29 15.67
N ASN F 78 -6.58 26.89 15.99
CA ASN F 78 -5.39 27.42 15.36
C ASN F 78 -4.43 26.26 15.14
N PRO F 79 -3.57 26.35 14.11
CA PRO F 79 -3.43 27.36 13.07
C PRO F 79 -4.44 27.26 11.92
N HIS F 80 -5.22 26.19 11.89
CA HIS F 80 -6.14 25.92 10.80
C HIS F 80 -7.44 26.66 11.05
N ARG F 81 -8.14 27.03 9.99
CA ARG F 81 -9.46 27.65 10.15
C ARG F 81 -10.53 26.57 10.26
N ILE F 82 -11.15 26.50 11.42
CA ILE F 82 -12.13 25.46 11.67
C ILE F 82 -13.52 26.02 11.65
N LEU F 83 -14.37 25.44 10.81
CA LEU F 83 -15.73 25.90 10.72
C LEU F 83 -16.69 24.90 11.32
N ASP F 84 -17.26 25.23 12.45
CA ASP F 84 -18.21 24.31 13.10
C ASP F 84 -19.56 24.42 12.42
N GLY F 85 -19.96 23.39 11.68
CA GLY F 85 -21.34 23.36 11.20
C GLY F 85 -22.05 22.93 12.43
N ILE F 86 -22.98 23.68 12.93
CA ILE F 86 -23.49 23.35 14.29
C ILE F 86 -24.56 22.30 14.13
N ASP F 87 -25.61 22.64 13.42
CA ASP F 87 -26.69 21.69 13.15
C ASP F 87 -26.78 21.51 11.65
N CYS F 88 -25.76 21.96 10.91
CA CYS F 88 -25.77 21.84 9.46
C CYS F 88 -24.77 20.83 8.94
N THR F 89 -25.12 20.26 7.81
CA THR F 89 -24.22 19.44 7.06
C THR F 89 -23.65 20.36 6.01
N LEU F 90 -22.58 19.95 5.35
CA LEU F 90 -22.04 20.82 4.31
C LEU F 90 -23.02 20.99 3.15
N ILE F 91 -23.75 19.95 2.80
CA ILE F 91 -24.67 20.07 1.69
C ILE F 91 -25.84 20.99 2.06
N ASP F 92 -26.38 20.93 3.27
CA ASP F 92 -27.45 21.87 3.59
C ASP F 92 -26.95 23.31 3.54
N ALA F 93 -25.69 23.53 3.96
CA ALA F 93 -25.09 24.86 3.91
C ALA F 93 -24.91 25.31 2.46
N LEU F 94 -24.57 24.37 1.58
CA LEU F 94 -24.40 24.61 0.15
C LEU F 94 -25.71 24.99 -0.51
N LEU F 95 -26.76 24.25 -0.20
CA LEU F 95 -28.05 24.47 -0.84
C LEU F 95 -28.75 25.69 -0.30
N GLY F 96 -28.54 26.02 0.97
CA GLY F 96 -29.23 27.17 1.49
C GLY F 96 -30.40 26.85 2.41
N ASP F 97 -30.31 25.77 3.18
CA ASP F 97 -31.33 25.41 4.16
C ASP F 97 -31.47 26.61 5.10
N PRO F 98 -32.67 27.10 5.46
CA PRO F 98 -32.92 28.25 6.33
C PRO F 98 -32.16 28.20 7.65
N HIS F 99 -31.81 27.04 8.18
CA HIS F 99 -31.05 27.08 9.44
C HIS F 99 -29.54 27.34 9.25
N CYS F 100 -29.05 27.31 8.00
CA CYS F 100 -27.67 27.36 7.60
C CYS F 100 -27.35 28.69 6.91
N ASP F 101 -28.22 29.68 7.07
CA ASP F 101 -28.06 30.99 6.45
C ASP F 101 -26.84 31.74 6.91
N VAL F 102 -26.28 31.30 8.02
CA VAL F 102 -25.11 31.89 8.62
C VAL F 102 -23.84 31.44 7.93
N PHE F 103 -23.92 30.43 7.06
CA PHE F 103 -22.74 29.91 6.39
C PHE F 103 -22.62 30.43 4.96
N GLN F 104 -23.43 31.42 4.61
CA GLN F 104 -23.35 31.94 3.26
C GLN F 104 -22.02 32.63 3.11
N ASN F 105 -21.31 32.36 2.00
CA ASN F 105 -19.99 32.90 1.63
C ASN F 105 -18.89 32.59 2.68
N GLU F 106 -19.05 31.51 3.47
CA GLU F 106 -18.08 31.11 4.49
C GLU F 106 -16.95 30.25 3.91
N THR F 107 -15.81 30.29 4.58
CA THR F 107 -14.64 29.50 4.19
C THR F 107 -14.07 28.69 5.33
N TRP F 108 -13.29 27.67 4.97
CA TRP F 108 -12.68 26.82 5.98
C TRP F 108 -11.48 26.08 5.49
N ASP F 109 -10.64 25.64 6.43
CA ASP F 109 -9.60 24.70 6.12
C ASP F 109 -10.20 23.36 6.48
N LEU F 110 -11.00 23.33 7.54
CA LEU F 110 -11.65 22.09 7.91
C LEU F 110 -13.09 22.36 8.30
N PHE F 111 -14.03 21.70 7.63
CA PHE F 111 -15.45 21.84 7.94
C PHE F 111 -15.79 20.74 8.92
N VAL F 112 -16.41 21.05 10.04
CA VAL F 112 -16.73 20.00 10.99
C VAL F 112 -18.23 19.73 11.09
N GLU F 113 -18.62 18.51 10.76
CA GLU F 113 -20.02 18.07 10.82
C GLU F 113 -20.26 17.46 12.18
N ARG F 114 -21.46 17.62 12.69
CA ARG F 114 -21.84 17.13 13.99
C ARG F 114 -22.92 16.06 13.87
N SER F 115 -22.99 15.13 14.82
CA SER F 115 -24.00 14.06 14.78
C SER F 115 -25.40 14.57 15.01
N LYS F 116 -25.51 15.77 15.55
CA LYS F 116 -26.79 16.40 15.83
C LYS F 116 -27.30 17.17 14.64
N ALA F 117 -26.53 17.23 13.57
CA ALA F 117 -26.96 17.99 12.43
C ALA F 117 -28.21 17.39 11.83
N PHE F 118 -29.07 18.25 11.35
CA PHE F 118 -30.32 17.81 10.77
C PHE F 118 -30.72 18.72 9.64
N SER F 119 -31.59 18.24 8.78
CA SER F 119 -32.09 19.04 7.68
C SER F 119 -33.47 19.51 8.07
N ASN F 120 -33.90 20.66 7.56
CA ASN F 120 -35.25 21.12 7.81
C ASN F 120 -35.78 21.96 6.64
N CYS F 121 -35.90 21.36 5.44
CA CYS F 121 -36.29 22.06 4.22
C CYS F 121 -37.01 21.08 3.30
N TYR F 122 -37.25 21.44 2.05
CA TYR F 122 -37.98 20.57 1.19
C TYR F 122 -37.12 19.29 1.09
N PRO F 123 -37.65 18.08 1.32
CA PRO F 123 -36.94 16.81 1.29
C PRO F 123 -36.19 16.62 -0.01
N TYR F 124 -34.96 16.14 0.06
CA TYR F 124 -34.17 16.00 -1.13
C TYR F 124 -33.21 14.84 -1.07
N ASP F 125 -32.66 14.52 -2.21
CA ASP F 125 -31.63 13.51 -2.34
C ASP F 125 -30.56 13.98 -3.31
N VAL F 126 -29.37 13.45 -3.17
CA VAL F 126 -28.29 13.83 -4.05
C VAL F 126 -27.69 12.55 -4.59
N PRO F 127 -27.94 12.16 -5.84
CA PRO F 127 -27.30 11.02 -6.40
C PRO F 127 -25.81 11.29 -6.27
N ASP F 128 -25.05 10.31 -5.86
CA ASP F 128 -23.62 10.49 -5.64
C ASP F 128 -23.33 11.67 -4.69
N TYR F 129 -24.03 11.64 -3.56
CA TYR F 129 -23.94 12.59 -2.47
C TYR F 129 -22.53 12.77 -2.04
N ALA F 130 -21.84 11.66 -1.86
CA ALA F 130 -20.49 11.63 -1.39
C ALA F 130 -19.54 12.39 -2.29
N SER F 131 -19.76 12.39 -3.61
CA SER F 131 -18.86 13.12 -4.47
C SER F 131 -19.11 14.59 -4.34
N LEU F 132 -20.37 15.00 -4.24
CA LEU F 132 -20.60 16.43 -4.11
C LEU F 132 -20.03 16.92 -2.80
N ARG F 133 -20.19 16.14 -1.74
CA ARG F 133 -19.67 16.51 -0.44
C ARG F 133 -18.15 16.67 -0.53
N SER F 134 -17.47 15.75 -1.22
CA SER F 134 -16.02 15.84 -1.42
C SER F 134 -15.62 17.07 -2.23
N LEU F 135 -16.34 17.37 -3.32
CA LEU F 135 -15.98 18.53 -4.14
C LEU F 135 -16.06 19.81 -3.37
N VAL F 136 -17.12 19.97 -2.60
CA VAL F 136 -17.29 21.21 -1.91
C VAL F 136 -16.29 21.29 -0.78
N ALA F 137 -16.11 20.20 -0.04
CA ALA F 137 -15.19 20.21 1.07
C ALA F 137 -13.79 20.57 0.67
N SER F 138 -13.31 20.06 -0.48
CA SER F 138 -11.94 20.35 -0.91
C SER F 138 -11.81 21.73 -1.53
N SER F 139 -12.90 22.29 -2.06
CA SER F 139 -12.85 23.64 -2.61
C SER F 139 -12.59 24.60 -1.45
N GLY F 140 -13.30 24.39 -0.34
CA GLY F 140 -13.06 25.18 0.86
C GLY F 140 -13.84 26.46 0.99
N THR F 141 -14.79 26.67 0.10
CA THR F 141 -15.58 27.87 0.15
C THR F 141 -16.99 27.71 -0.35
N LEU F 142 -17.88 28.50 0.21
CA LEU F 142 -19.23 28.62 -0.27
C LEU F 142 -19.48 29.97 -0.93
N GLU F 143 -18.42 30.65 -1.37
CA GLU F 143 -18.59 31.93 -2.03
C GLU F 143 -19.51 31.74 -3.21
N PHE F 144 -20.57 32.53 -3.25
CA PHE F 144 -21.55 32.39 -4.29
C PHE F 144 -21.85 33.65 -5.01
N ILE F 145 -21.81 33.55 -6.31
CA ILE F 145 -22.08 34.67 -7.16
C ILE F 145 -23.34 34.50 -7.93
N THR F 146 -24.25 35.44 -7.72
CA THR F 146 -25.55 35.45 -8.35
C THR F 146 -25.39 35.83 -9.82
N GLU F 147 -26.03 35.11 -10.71
CA GLU F 147 -25.97 35.45 -12.13
C GLU F 147 -27.32 35.80 -12.68
N GLY F 148 -27.31 36.64 -13.69
CA GLY F 148 -28.52 37.12 -14.34
C GLY F 148 -29.18 36.12 -15.26
N PHE F 149 -29.63 35.02 -14.69
CA PHE F 149 -30.33 34.05 -15.51
C PHE F 149 -31.70 34.61 -15.75
N THR F 150 -32.19 34.51 -16.96
CA THR F 150 -33.52 35.01 -17.23
C THR F 150 -34.43 33.85 -17.56
N TRP F 151 -35.46 33.68 -16.76
CA TRP F 151 -36.37 32.59 -16.97
C TRP F 151 -37.70 33.20 -17.37
N THR F 152 -38.09 33.05 -18.63
CA THR F 152 -39.31 33.71 -19.07
C THR F 152 -40.47 32.77 -19.20
N GLY F 153 -41.68 33.29 -18.94
CA GLY F 153 -42.90 32.54 -19.09
C GLY F 153 -43.17 31.60 -17.93
N VAL F 154 -42.41 31.76 -16.87
CA VAL F 154 -42.53 30.94 -15.67
C VAL F 154 -42.61 31.80 -14.45
N THR F 155 -43.12 31.22 -13.38
CA THR F 155 -43.18 31.89 -12.10
C THR F 155 -41.92 31.54 -11.36
N GLN F 156 -41.23 32.55 -10.89
CA GLN F 156 -39.98 32.37 -10.17
C GLN F 156 -40.20 32.37 -8.67
N ASN F 157 -39.22 31.84 -7.95
CA ASN F 157 -39.16 31.80 -6.49
C ASN F 157 -40.28 31.07 -5.72
N GLY F 158 -40.73 29.91 -6.20
CA GLY F 158 -41.74 29.18 -5.45
C GLY F 158 -41.14 28.59 -4.16
N GLY F 159 -41.96 28.44 -3.12
CA GLY F 159 -41.48 27.84 -1.87
C GLY F 159 -42.41 26.77 -1.32
N SER F 160 -42.20 26.38 -0.07
CA SER F 160 -42.98 25.35 0.63
C SER F 160 -43.05 25.56 2.13
N ASN F 161 -44.09 25.03 2.78
CA ASN F 161 -44.21 25.13 4.24
C ASN F 161 -43.31 24.13 4.92
N ALA F 162 -42.70 23.27 4.12
CA ALA F 162 -41.70 22.34 4.62
C ALA F 162 -40.33 23.03 4.83
N CYS F 163 -40.13 24.30 4.36
CA CYS F 163 -38.87 25.02 4.42
C CYS F 163 -39.20 26.46 4.82
N LYS F 164 -39.77 26.61 5.99
CA LYS F 164 -40.18 27.94 6.38
C LYS F 164 -39.00 28.83 6.62
N ARG F 165 -39.14 30.05 6.16
CA ARG F 165 -38.14 31.08 6.30
C ARG F 165 -38.80 32.28 6.91
N GLY F 166 -38.52 32.56 8.16
CA GLY F 166 -39.29 33.62 8.77
C GLY F 166 -40.65 32.97 9.02
N PRO F 167 -41.72 33.73 9.20
CA PRO F 167 -43.05 33.23 9.50
C PRO F 167 -43.77 32.49 8.35
N GLY F 168 -43.34 32.68 7.10
CA GLY F 168 -44.03 32.05 5.97
C GLY F 168 -43.24 30.96 5.28
N SER F 169 -43.68 30.59 4.09
CA SER F 169 -43.08 29.53 3.30
C SER F 169 -41.76 29.97 2.73
N GLY F 170 -40.96 29.02 2.30
CA GLY F 170 -39.65 29.36 1.75
C GLY F 170 -39.01 28.21 1.02
N PHE F 171 -37.74 28.36 0.71
CA PHE F 171 -37.03 27.37 -0.05
C PHE F 171 -35.55 27.55 0.20
N PHE F 172 -34.77 26.71 -0.42
CA PHE F 172 -33.35 26.78 -0.32
C PHE F 172 -32.91 28.11 -0.93
N SER F 173 -32.04 28.83 -0.25
CA SER F 173 -31.60 30.15 -0.70
C SER F 173 -30.78 30.19 -1.97
N ARG F 174 -30.16 29.09 -2.39
CA ARG F 174 -29.37 29.14 -3.60
C ARG F 174 -30.04 28.51 -4.82
N LEU F 175 -31.30 28.13 -4.67
CA LEU F 175 -32.06 27.49 -5.72
C LEU F 175 -33.31 28.27 -6.06
N ASN F 176 -33.76 28.17 -7.31
CA ASN F 176 -34.96 28.84 -7.76
C ASN F 176 -36.00 27.87 -8.33
N TRP F 177 -37.07 27.66 -7.58
CA TRP F 177 -38.10 26.71 -8.00
C TRP F 177 -39.03 27.37 -9.00
N LEU F 178 -38.95 26.94 -10.26
CA LEU F 178 -39.74 27.54 -11.32
C LEU F 178 -41.00 26.73 -11.55
N THR F 179 -42.11 27.42 -11.67
CA THR F 179 -43.42 26.80 -11.90
C THR F 179 -44.16 27.47 -13.04
N LYS F 180 -45.35 27.00 -13.38
CA LYS F 180 -46.10 27.62 -14.49
C LYS F 180 -46.41 29.08 -14.23
N SER F 181 -46.69 29.80 -15.31
CA SER F 181 -47.11 31.19 -15.27
C SER F 181 -48.45 31.28 -15.95
N GLY F 182 -49.48 31.65 -15.22
CA GLY F 182 -50.79 31.63 -15.83
C GLY F 182 -51.12 30.18 -16.17
N SER F 183 -51.39 29.91 -17.43
CA SER F 183 -51.75 28.56 -17.86
C SER F 183 -50.64 27.84 -18.63
N THR F 184 -49.44 28.42 -18.69
CA THR F 184 -48.40 27.73 -19.47
C THR F 184 -47.04 27.59 -18.81
N TYR F 185 -46.19 26.84 -19.48
CA TYR F 185 -44.82 26.63 -19.07
C TYR F 185 -44.05 26.36 -20.36
N PRO F 186 -43.27 27.30 -20.88
CA PRO F 186 -42.55 27.22 -22.13
C PRO F 186 -41.35 26.36 -21.97
N VAL F 187 -40.75 25.92 -23.05
CA VAL F 187 -39.50 25.25 -22.86
C VAL F 187 -38.49 26.34 -22.60
N LEU F 188 -37.75 26.18 -21.52
CA LEU F 188 -36.75 27.21 -21.14
C LEU F 188 -35.44 26.84 -21.80
N ASN F 189 -34.81 27.78 -22.51
CA ASN F 189 -33.49 27.53 -23.16
C ASN F 189 -32.59 28.70 -22.77
N VAL F 190 -31.71 28.52 -21.77
CA VAL F 190 -30.90 29.68 -21.28
C VAL F 190 -29.40 29.40 -21.44
N THR F 191 -28.64 30.41 -21.83
CA THR F 191 -27.20 30.24 -22.02
C THR F 191 -26.41 31.14 -21.09
N MET F 192 -25.48 30.57 -20.36
CA MET F 192 -24.66 31.33 -19.44
C MET F 192 -23.15 31.00 -19.62
N PRO F 193 -22.39 31.76 -20.44
CA PRO F 193 -21.00 31.50 -20.80
C PRO F 193 -20.03 31.75 -19.66
N ASN F 194 -18.90 31.03 -19.64
CA ASN F 194 -17.85 31.30 -18.66
C ASN F 194 -16.72 32.11 -19.27
N ASN F 195 -16.76 33.43 -19.07
CA ASN F 195 -15.79 34.33 -19.66
C ASN F 195 -14.77 34.78 -18.61
N ASP F 196 -14.76 34.05 -17.51
CA ASP F 196 -13.91 34.29 -16.38
C ASP F 196 -12.67 33.43 -16.48
N ASN F 197 -11.77 33.53 -15.50
CA ASN F 197 -10.53 32.76 -15.50
C ASN F 197 -10.48 31.68 -14.42
N PHE F 198 -11.64 31.18 -14.05
CA PHE F 198 -11.79 30.14 -13.04
C PHE F 198 -13.01 29.28 -13.33
N ASP F 199 -13.03 28.10 -12.71
CA ASP F 199 -14.15 27.15 -12.84
C ASP F 199 -15.36 27.58 -12.02
N LYS F 200 -16.54 27.38 -12.61
CA LYS F 200 -17.79 27.69 -11.95
C LYS F 200 -18.60 26.44 -11.61
N LEU F 201 -19.00 26.31 -10.36
CA LEU F 201 -19.81 25.16 -9.95
C LEU F 201 -21.28 25.49 -9.86
N TYR F 202 -22.08 24.82 -10.67
CA TYR F 202 -23.50 25.07 -10.65
C TYR F 202 -24.24 23.94 -10.02
N ILE F 203 -25.11 24.30 -9.09
CA ILE F 203 -25.96 23.36 -8.37
C ILE F 203 -27.36 23.60 -8.84
N TRP F 204 -28.03 22.54 -9.24
CA TRP F 204 -29.38 22.60 -9.76
C TRP F 204 -30.10 21.33 -9.42
N GLY F 205 -31.40 21.29 -9.59
CA GLY F 205 -32.06 20.03 -9.29
C GLY F 205 -33.31 19.78 -10.09
N VAL F 206 -33.92 18.64 -9.80
CA VAL F 206 -35.13 18.20 -10.48
C VAL F 206 -36.22 17.85 -9.49
N HIS F 207 -37.39 18.40 -9.69
CA HIS F 207 -38.52 18.12 -8.82
C HIS F 207 -39.20 16.82 -9.21
N HIS F 208 -39.63 16.05 -8.22
CA HIS F 208 -40.35 14.79 -8.38
C HIS F 208 -41.71 14.82 -7.66
N PRO F 209 -42.80 15.22 -8.33
CA PRO F 209 -44.16 15.34 -7.82
C PRO F 209 -44.66 14.00 -7.33
N SER F 210 -45.57 14.04 -6.36
CA SER F 210 -46.14 12.82 -5.79
C SER F 210 -47.24 12.19 -6.62
N THR F 211 -47.74 12.96 -7.56
CA THR F 211 -48.87 12.57 -8.39
C THR F 211 -49.00 13.29 -9.71
N ASN F 212 -49.74 12.65 -10.60
CA ASN F 212 -50.07 13.17 -11.93
C ASN F 212 -50.93 14.42 -11.81
N GLN F 213 -51.57 14.56 -10.66
CA GLN F 213 -52.43 15.70 -10.43
C GLN F 213 -51.65 16.90 -9.89
N GLU F 214 -50.36 16.71 -9.62
CA GLU F 214 -49.52 17.80 -9.13
C GLU F 214 -48.69 18.30 -10.28
N GLN F 215 -48.15 17.38 -11.07
CA GLN F 215 -47.28 17.85 -12.14
C GLN F 215 -47.99 18.68 -13.20
N THR F 216 -49.30 18.51 -13.37
CA THR F 216 -49.99 19.27 -14.38
C THR F 216 -50.65 20.51 -13.81
N SER F 217 -50.52 20.73 -12.50
CA SER F 217 -51.11 21.92 -11.91
C SER F 217 -49.97 22.82 -11.47
N LEU F 218 -48.80 22.21 -11.32
CA LEU F 218 -47.62 22.91 -10.88
C LEU F 218 -46.84 23.46 -12.08
N TYR F 219 -46.62 22.67 -13.12
CA TYR F 219 -45.85 23.15 -14.27
C TYR F 219 -46.45 22.69 -15.59
N VAL F 220 -47.78 22.50 -15.59
CA VAL F 220 -48.62 22.05 -16.71
C VAL F 220 -47.99 21.08 -17.72
N GLN F 221 -47.36 20.02 -17.23
CA GLN F 221 -46.66 19.10 -18.14
C GLN F 221 -46.73 17.64 -17.75
N ALA F 222 -47.29 16.82 -18.62
CA ALA F 222 -47.42 15.38 -18.41
C ALA F 222 -46.06 14.68 -18.28
N SER F 223 -45.06 15.13 -19.01
CA SER F 223 -43.74 14.49 -18.91
C SER F 223 -42.63 15.52 -19.02
N GLY F 224 -42.04 15.85 -17.88
CA GLY F 224 -41.00 16.85 -17.84
C GLY F 224 -39.66 16.22 -18.09
N ARG F 225 -38.69 17.04 -18.41
CA ARG F 225 -37.30 16.66 -18.53
C ARG F 225 -36.43 17.87 -18.22
N VAL F 226 -35.27 17.62 -17.65
CA VAL F 226 -34.30 18.68 -17.47
C VAL F 226 -32.95 18.30 -18.07
N THR F 227 -32.47 19.11 -19.00
CA THR F 227 -31.16 18.86 -19.62
C THR F 227 -30.21 20.00 -19.34
N VAL F 228 -29.06 19.66 -18.79
CA VAL F 228 -28.05 20.68 -18.52
C VAL F 228 -26.77 20.26 -19.21
N SER F 229 -26.20 21.16 -20.00
CA SER F 229 -25.01 20.78 -20.75
C SER F 229 -23.95 21.84 -20.94
N THR F 230 -22.78 21.36 -21.32
CA THR F 230 -21.59 22.13 -21.65
C THR F 230 -21.06 21.69 -23.02
N ARG F 231 -19.92 22.25 -23.44
CA ARG F 231 -19.32 21.87 -24.72
C ARG F 231 -18.70 20.47 -24.67
N ARG F 232 -18.59 19.89 -23.48
CA ARG F 232 -17.96 18.59 -23.35
C ARG F 232 -18.87 17.47 -22.83
N SER F 233 -19.88 17.78 -22.04
CA SER F 233 -20.74 16.72 -21.51
C SER F 233 -22.15 17.20 -21.26
N GLN F 234 -23.10 16.27 -21.13
CA GLN F 234 -24.47 16.65 -20.83
C GLN F 234 -25.11 15.71 -19.83
N GLN F 235 -26.06 16.22 -19.07
CA GLN F 235 -26.86 15.42 -18.17
C GLN F 235 -28.34 15.61 -18.41
N THR F 236 -29.07 14.54 -18.66
CA THR F 236 -30.51 14.68 -18.83
C THR F 236 -31.22 13.84 -17.80
N ILE F 237 -32.08 14.50 -17.06
CA ILE F 237 -32.81 13.87 -15.99
C ILE F 237 -34.29 13.82 -16.26
N ILE F 238 -34.87 12.65 -16.06
CA ILE F 238 -36.30 12.50 -16.21
C ILE F 238 -36.91 12.34 -14.81
N PRO F 239 -37.86 13.19 -14.39
CA PRO F 239 -38.59 13.18 -13.13
C PRO F 239 -39.39 11.90 -12.96
N ASN F 240 -39.51 11.44 -11.72
CA ASN F 240 -40.26 10.22 -11.42
C ASN F 240 -41.41 10.48 -10.47
N ILE F 241 -42.63 10.32 -10.99
CA ILE F 241 -43.86 10.60 -10.26
C ILE F 241 -44.27 9.50 -9.28
N GLY F 242 -44.59 9.90 -8.05
CA GLY F 242 -45.08 8.92 -7.08
C GLY F 242 -44.86 9.31 -5.62
N SER F 243 -45.62 8.69 -4.74
CA SER F 243 -45.50 8.97 -3.32
C SER F 243 -44.34 8.22 -2.68
N ARG F 244 -43.58 8.96 -1.89
CA ARG F 244 -42.47 8.46 -1.12
C ARG F 244 -42.97 8.54 0.33
N PRO F 245 -42.29 7.97 1.34
CA PRO F 245 -42.64 8.14 2.72
C PRO F 245 -42.69 9.63 3.02
N TRP F 246 -43.57 10.04 3.92
CA TRP F 246 -43.72 11.44 4.22
C TRP F 246 -42.60 11.98 5.07
N VAL F 247 -41.98 13.05 4.61
CA VAL F 247 -40.93 13.73 5.36
C VAL F 247 -41.33 15.18 5.51
N ARG F 248 -41.49 15.65 6.73
CA ARG F 248 -41.94 17.01 7.00
C ARG F 248 -43.24 17.36 6.30
N GLY F 249 -44.14 16.40 6.20
CA GLY F 249 -45.43 16.64 5.57
C GLY F 249 -45.43 16.49 4.05
N LEU F 250 -44.30 16.18 3.44
CA LEU F 250 -44.30 16.04 1.99
C LEU F 250 -43.94 14.65 1.51
N SER F 251 -44.69 14.18 0.52
CA SER F 251 -44.44 12.87 -0.09
C SER F 251 -43.64 13.00 -1.38
N SER F 252 -43.36 14.24 -1.77
CA SER F 252 -42.60 14.61 -2.98
C SER F 252 -41.11 14.78 -2.67
N ARG F 253 -40.28 14.82 -3.71
CA ARG F 253 -38.81 15.00 -3.52
C ARG F 253 -38.11 15.90 -4.54
N ILE F 254 -36.97 16.46 -4.15
CA ILE F 254 -36.06 17.13 -5.10
C ILE F 254 -34.71 16.43 -5.22
N SER F 255 -34.28 16.15 -6.44
CA SER F 255 -32.96 15.56 -6.65
C SER F 255 -31.94 16.63 -7.00
N ILE F 256 -30.78 16.59 -6.40
CA ILE F 256 -29.71 17.58 -6.65
C ILE F 256 -28.60 17.05 -7.53
N TYR F 257 -28.29 17.83 -8.55
CA TYR F 257 -27.28 17.55 -9.55
C TYR F 257 -26.32 18.71 -9.68
N TRP F 258 -25.14 18.47 -10.20
CA TRP F 258 -24.23 19.58 -10.38
C TRP F 258 -23.43 19.45 -11.66
N THR F 259 -22.92 20.58 -12.11
CA THR F 259 -22.04 20.63 -13.26
C THR F 259 -20.96 21.70 -13.10
N ILE F 260 -19.81 21.47 -13.70
CA ILE F 260 -18.71 22.41 -13.63
C ILE F 260 -18.41 22.98 -14.99
N VAL F 261 -18.38 24.29 -15.07
CA VAL F 261 -18.10 24.96 -16.32
C VAL F 261 -16.73 25.62 -16.28
N LYS F 262 -15.84 25.20 -17.17
CA LYS F 262 -14.47 25.72 -17.21
C LYS F 262 -14.40 26.98 -18.05
N PRO F 263 -13.38 27.85 -17.90
CA PRO F 263 -13.22 29.03 -18.69
C PRO F 263 -13.27 28.72 -20.14
N GLY F 264 -14.05 29.46 -20.90
CA GLY F 264 -14.20 29.26 -22.32
C GLY F 264 -15.38 28.36 -22.65
N ASP F 265 -15.92 27.67 -21.66
CA ASP F 265 -17.04 26.80 -21.91
C ASP F 265 -18.33 27.58 -21.70
N VAL F 266 -19.47 26.93 -21.91
CA VAL F 266 -20.79 27.54 -21.80
C VAL F 266 -21.81 26.69 -21.07
N LEU F 267 -22.57 27.27 -20.15
CA LEU F 267 -23.62 26.47 -19.53
C LEU F 267 -24.94 26.63 -20.27
N VAL F 268 -25.56 25.53 -20.66
CA VAL F 268 -26.88 25.61 -21.28
C VAL F 268 -27.91 24.78 -20.54
N ILE F 269 -29.02 25.42 -20.20
CA ILE F 269 -30.10 24.72 -19.50
C ILE F 269 -31.35 24.69 -20.36
N ASN F 270 -31.87 23.47 -20.56
CA ASN F 270 -33.09 23.23 -21.35
C ASN F 270 -34.13 22.46 -20.55
N SER F 271 -35.31 23.03 -20.33
CA SER F 271 -36.28 22.26 -19.57
C SER F 271 -37.72 22.54 -19.96
N ASN F 272 -38.57 21.54 -19.79
CA ASN F 272 -39.99 21.72 -20.11
C ASN F 272 -40.86 21.47 -18.88
N GLY F 273 -40.24 21.55 -17.71
CA GLY F 273 -40.88 21.32 -16.43
C GLY F 273 -39.92 20.72 -15.42
N ASN F 274 -40.27 20.83 -14.13
CA ASN F 274 -39.52 20.33 -12.97
C ASN F 274 -38.12 20.86 -12.78
N LEU F 275 -37.87 22.10 -13.14
CA LEU F 275 -36.55 22.63 -12.93
C LEU F 275 -36.41 23.47 -11.68
N ILE F 276 -35.44 23.07 -10.86
CA ILE F 276 -35.05 23.82 -9.71
C ILE F 276 -33.77 24.46 -10.20
N ALA F 277 -33.89 25.70 -10.58
CA ALA F 277 -32.87 26.42 -11.29
C ALA F 277 -31.76 26.90 -10.39
N PRO F 278 -30.54 27.05 -10.90
CA PRO F 278 -29.45 27.66 -10.20
C PRO F 278 -29.73 29.14 -10.14
N ARG F 279 -29.20 29.83 -9.13
CA ARG F 279 -29.29 31.29 -9.09
C ARG F 279 -27.97 31.95 -9.42
N GLY F 280 -26.98 31.13 -9.66
CA GLY F 280 -25.62 31.59 -9.88
C GLY F 280 -24.71 30.43 -9.64
N TYR F 281 -23.44 30.71 -9.39
CA TYR F 281 -22.44 29.67 -9.23
C TYR F 281 -21.57 29.81 -8.01
N PHE F 282 -21.00 28.70 -7.61
CA PHE F 282 -20.04 28.73 -6.56
C PHE F 282 -18.67 28.82 -7.17
N LYS F 283 -17.82 29.62 -6.60
CA LYS F 283 -16.48 29.74 -7.14
C LYS F 283 -15.63 28.57 -6.67
N MET F 284 -14.99 27.85 -7.58
CA MET F 284 -14.19 26.72 -7.13
C MET F 284 -12.76 27.08 -6.87
N ARG F 285 -12.19 26.45 -5.86
CA ARG F 285 -10.80 26.65 -5.50
C ARG F 285 -10.10 25.34 -5.29
N THR F 286 -8.77 25.36 -5.27
CA THR F 286 -8.00 24.17 -4.94
C THR F 286 -7.22 24.50 -3.68
N GLY F 287 -6.79 23.50 -2.95
CA GLY F 287 -6.05 23.79 -1.73
C GLY F 287 -6.10 22.68 -0.70
N LYS F 288 -5.86 23.05 0.54
CA LYS F 288 -5.76 22.16 1.69
C LYS F 288 -7.07 21.88 2.43
N SER F 289 -8.15 22.47 1.98
CA SER F 289 -9.42 22.33 2.68
C SER F 289 -9.98 20.90 2.70
N SER F 290 -10.64 20.55 3.80
CA SER F 290 -11.29 19.26 3.95
C SER F 290 -12.51 19.28 4.88
N ILE F 291 -13.03 18.10 5.16
CA ILE F 291 -14.20 17.90 6.02
C ILE F 291 -14.00 16.73 6.99
N MET F 292 -14.51 16.86 8.20
CA MET F 292 -14.44 15.81 9.22
C MET F 292 -15.74 15.69 10.00
N ARG F 293 -16.05 14.49 10.48
CA ARG F 293 -17.22 14.30 11.32
C ARG F 293 -16.75 14.12 12.76
N SER F 294 -17.17 15.00 13.65
CA SER F 294 -16.74 14.94 15.04
C SER F 294 -17.68 15.62 16.00
N ASP F 295 -17.84 15.07 17.19
CA ASP F 295 -18.65 15.74 18.19
C ASP F 295 -17.80 16.47 19.24
N ALA F 296 -16.50 16.56 18.99
CA ALA F 296 -15.59 17.26 19.92
C ALA F 296 -15.83 18.77 19.87
N PRO F 297 -15.78 19.51 20.98
CA PRO F 297 -15.90 20.95 21.06
C PRO F 297 -14.64 21.59 20.51
N ILE F 298 -14.73 22.84 20.12
CA ILE F 298 -13.62 23.62 19.58
C ILE F 298 -13.13 24.67 20.59
N ASP F 299 -11.81 24.78 20.80
CA ASP F 299 -11.30 25.75 21.78
C ASP F 299 -10.12 26.63 21.33
N THR F 300 -9.72 27.53 22.22
CA THR F 300 -8.63 28.48 22.00
C THR F 300 -7.27 27.96 22.40
N CYS F 301 -6.71 27.12 21.53
CA CYS F 301 -5.44 26.41 21.65
C CYS F 301 -4.85 26.27 20.27
N ILE F 302 -3.58 25.85 20.21
CA ILE F 302 -2.94 25.69 18.92
C ILE F 302 -2.45 24.27 18.71
N SER F 303 -2.86 23.66 17.61
CA SER F 303 -2.39 22.33 17.23
C SER F 303 -2.53 22.07 15.75
N GLU F 304 -1.44 21.61 15.17
CA GLU F 304 -1.40 21.27 13.76
C GLU F 304 -2.13 19.98 13.31
N CYS F 305 -2.45 19.05 14.26
CA CYS F 305 -3.07 17.75 13.96
C CYS F 305 -4.43 17.60 14.61
N ILE F 306 -5.43 17.40 13.77
CA ILE F 306 -6.79 17.24 14.22
C ILE F 306 -7.32 15.85 13.94
N THR F 307 -7.91 15.21 14.94
CA THR F 307 -8.54 13.92 14.72
C THR F 307 -9.98 14.12 15.18
N PRO F 308 -10.97 13.25 14.83
CA PRO F 308 -12.33 13.38 15.38
C PRO F 308 -12.48 13.26 16.91
N ASN F 309 -11.44 12.79 17.59
CA ASN F 309 -11.44 12.68 19.07
C ASN F 309 -10.85 13.96 19.64
N GLY F 310 -10.54 14.94 18.79
CA GLY F 310 -9.86 16.16 19.25
C GLY F 310 -8.45 16.28 18.72
N SER F 311 -7.80 17.40 18.98
CA SER F 311 -6.45 17.63 18.53
C SER F 311 -5.49 16.77 19.32
N ILE F 312 -4.40 16.37 18.68
CA ILE F 312 -3.38 15.61 19.37
C ILE F 312 -2.04 16.28 19.10
N PRO F 313 -1.03 16.08 19.96
CA PRO F 313 0.34 16.47 19.74
C PRO F 313 0.90 15.75 18.54
N ASN F 314 1.86 16.36 17.87
CA ASN F 314 2.51 15.72 16.74
C ASN F 314 4.01 15.56 16.94
N ASP F 315 4.42 15.34 18.18
CA ASP F 315 5.82 15.18 18.54
C ASP F 315 6.30 13.73 18.59
N LYS F 316 5.46 12.81 18.15
CA LYS F 316 5.76 11.40 18.11
C LYS F 316 5.49 10.99 16.67
N PRO F 317 6.24 10.03 16.11
CA PRO F 317 6.04 9.54 14.77
C PRO F 317 4.77 8.73 14.53
N PHE F 318 4.18 8.14 15.56
CA PHE F 318 3.00 7.31 15.37
C PHE F 318 1.90 7.70 16.34
N GLN F 319 0.68 7.38 15.99
CA GLN F 319 -0.45 7.57 16.88
C GLN F 319 -1.44 6.43 16.75
N ASN F 320 -2.22 6.18 17.80
CA ASN F 320 -3.30 5.22 17.61
C ASN F 320 -4.61 5.80 18.08
N VAL F 321 -4.76 7.11 17.95
CA VAL F 321 -5.98 7.78 18.35
C VAL F 321 -7.04 7.57 17.28
N ASN F 322 -6.70 7.78 16.02
CA ASN F 322 -7.68 7.50 14.98
C ASN F 322 -7.01 7.28 13.63
N LYS F 323 -7.80 6.93 12.63
CA LYS F 323 -7.30 6.73 11.29
C LYS F 323 -7.64 7.96 10.49
N ILE F 324 -8.64 8.69 10.99
CA ILE F 324 -9.10 9.90 10.36
C ILE F 324 -8.36 11.04 11.00
N THR F 325 -7.56 11.71 10.20
CA THR F 325 -6.73 12.78 10.67
C THR F 325 -6.74 13.92 9.66
N TYR F 326 -6.36 15.11 10.10
CA TYR F 326 -6.15 16.27 9.24
C TYR F 326 -4.94 17.10 9.67
N GLY F 327 -4.09 17.48 8.73
CA GLY F 327 -2.93 18.31 9.05
C GLY F 327 -1.64 17.52 9.30
N ALA F 328 -0.74 18.11 10.10
CA ALA F 328 0.62 17.56 10.26
C ALA F 328 0.64 16.49 11.34
N CYS F 329 0.03 15.34 11.01
CA CYS F 329 -0.23 14.22 11.93
C CYS F 329 0.77 13.06 11.88
N PRO F 330 0.96 12.35 13.03
CA PRO F 330 1.67 11.10 13.19
C PRO F 330 0.96 10.03 12.40
N LYS F 331 1.68 9.00 12.02
CA LYS F 331 1.13 7.90 11.25
C LYS F 331 0.26 7.00 12.11
N TYR F 332 -0.85 6.52 11.58
CA TYR F 332 -1.70 5.65 12.37
C TYR F 332 -1.22 4.21 12.36
N VAL F 333 -1.07 3.66 13.55
CA VAL F 333 -0.63 2.30 13.74
C VAL F 333 -1.58 1.57 14.66
N LYS F 334 -1.54 0.25 14.61
CA LYS F 334 -2.35 -0.58 15.50
C LYS F 334 -1.86 -0.61 16.94
N GLN F 335 -0.56 -0.54 17.13
CA GLN F 335 0.06 -0.63 18.44
C GLN F 335 -0.30 0.49 19.37
N ASN F 336 -0.61 0.15 20.63
CA ASN F 336 -0.90 1.16 21.61
C ASN F 336 0.35 1.75 22.23
N THR F 337 1.46 1.08 22.06
CA THR F 337 2.72 1.51 22.60
C THR F 337 3.90 0.93 21.84
N LEU F 338 4.93 1.75 21.75
CA LEU F 338 6.23 1.39 21.18
C LEU F 338 7.31 2.10 21.97
N LYS F 339 8.21 1.34 22.59
CA LYS F 339 9.26 1.99 23.38
C LYS F 339 10.59 1.97 22.69
N LEU F 340 11.16 3.15 22.55
CA LEU F 340 12.43 3.34 21.91
C LEU F 340 13.49 3.65 22.93
N ALA F 341 14.50 2.83 23.01
CA ALA F 341 15.53 3.02 23.99
C ALA F 341 16.24 4.32 23.71
N THR F 342 16.52 5.08 24.76
CA THR F 342 17.21 6.35 24.64
C THR F 342 18.52 6.24 25.39
N GLY F 343 18.85 5.03 25.76
CA GLY F 343 20.05 4.74 26.50
C GLY F 343 20.40 3.27 26.47
N MET F 344 21.42 2.95 27.23
CA MET F 344 22.01 1.64 27.35
C MET F 344 21.28 0.68 28.25
N ARG F 345 21.69 -0.58 28.19
CA ARG F 345 21.15 -1.62 29.03
C ARG F 345 21.33 -1.25 30.49
N ASN F 346 20.34 -1.52 31.29
CA ASN F 346 20.38 -1.22 32.71
C ASN F 346 20.77 -2.43 33.50
N VAL F 347 21.94 -2.42 34.09
CA VAL F 347 22.30 -3.60 34.85
C VAL F 347 22.53 -3.16 36.31
N PRO F 348 21.59 -3.39 37.23
CA PRO F 348 21.61 -2.98 38.62
C PRO F 348 22.80 -3.54 39.36
N GLU F 349 23.29 -2.85 40.39
CA GLU F 349 24.46 -3.34 41.13
C GLU F 349 24.31 -4.69 41.86
N LYS F 350 23.10 -4.98 42.41
CA LYS F 350 22.69 -6.20 43.16
C LYS F 350 23.12 -6.10 44.66
C1 NAG G . -36.85 -19.00 7.89
C2 NAG G . -37.98 -20.12 7.82
C3 NAG G . -39.35 -19.42 8.09
C4 NAG G . -39.33 -18.70 9.48
C5 NAG G . -38.17 -17.64 9.48
C6 NAG G . -37.98 -16.94 10.83
C7 NAG G . -37.40 -21.93 6.20
C8 NAG G . -37.27 -22.41 4.77
N2 NAG G . -37.95 -20.73 6.47
O3 NAG G . -40.39 -20.40 8.09
O4 NAG G . -40.58 -18.03 9.65
O5 NAG G . -36.88 -18.33 9.19
O6 NAG G . -39.17 -16.30 11.28
O7 NAG G . -36.99 -22.67 7.10
C1 NAG H . -49.63 5.98 -1.32
C2 NAG H . -50.89 6.82 -1.10
C3 NAG H . -50.61 7.91 -0.10
C4 NAG H . -50.10 7.31 1.20
C5 NAG H . -48.87 6.46 0.90
C6 NAG H . -48.29 5.86 2.17
C7 NAG H . -52.14 6.96 -3.20
C8 NAG H . -51.80 7.22 -4.64
N2 NAG H . -51.28 7.47 -2.32
O3 NAG H . -51.80 8.66 0.15
O4 NAG H . -49.80 8.33 2.14
O5 NAG H . -49.19 5.45 -0.07
O6 NAG H . -46.87 5.75 1.99
O7 NAG H . -53.13 6.33 -2.87
C1 NAG I . -3.72 -22.50 -7.35
C2 NAG I . -4.66 -21.43 -7.91
C3 NAG I . -4.45 -21.31 -9.41
C4 NAG I . -2.98 -21.07 -9.69
C5 NAG I . -2.12 -22.16 -9.05
C6 NAG I . -0.64 -21.91 -9.30
C7 NAG I . -7.14 -21.09 -7.88
C8 NAG I . -8.31 -21.90 -8.34
N2 NAG I . -6.04 -21.79 -7.59
O3 NAG I . -5.18 -20.21 -9.93
O4 NAG I . -2.77 -21.06 -11.10
O5 NAG I . -2.36 -22.25 -7.65
O6 NAG I . 0.02 -23.18 -9.26
O7 NAG I . -7.20 -19.87 -7.78
C1 NAG J . 34.31 -27.09 38.62
C2 NAG J . 33.39 -27.28 39.90
C3 NAG J . 34.30 -27.72 41.10
C4 NAG J . 35.05 -29.04 40.75
C5 NAG J . 35.91 -28.81 39.44
C6 NAG J . 36.62 -30.07 38.95
C7 NAG J . 31.50 -25.65 39.86
C8 NAG J . 30.97 -24.28 40.18
N2 NAG J . 32.74 -25.98 40.23
O3 NAG J . 33.49 -27.94 42.26
O4 NAG J . 35.90 -29.38 41.84
O5 NAG J . 35.02 -28.36 38.35
O6 NAG J . 35.71 -31.06 38.46
O7 NAG J . 30.77 -26.46 39.27
C1 NAG K . 56.28 -15.21 1.89
C2 NAG K . 56.40 -16.41 0.84
C3 NAG K . 57.80 -17.09 1.05
C4 NAG K . 58.94 -16.05 0.85
C5 NAG K . 58.75 -14.87 1.86
C6 NAG K . 59.75 -13.73 1.70
C7 NAG K . 54.17 -17.46 0.46
C8 NAG K . 53.12 -18.45 0.88
N2 NAG K . 55.33 -17.41 1.13
O3 NAG K . 57.96 -18.15 0.09
O4 NAG K . 60.19 -16.71 1.07
O5 NAG K . 57.39 -14.27 1.67
O6 NAG K . 59.58 -13.02 0.47
O7 NAG K . 53.93 -16.70 -0.48
C1 NAG L . 45.98 15.32 32.46
C2 NAG L . 46.33 16.79 31.98
C3 NAG L . 47.73 17.17 32.56
C4 NAG L . 47.70 17.09 34.13
C5 NAG L . 47.31 15.62 34.54
C6 NAG L . 47.15 15.43 36.05
C7 NAG L . 45.41 17.20 29.70
C8 NAG L . 45.55 17.11 28.21
N2 NAG L . 46.41 16.81 30.50
O3 NAG L . 48.06 18.52 32.18
O4 NAG L . 49.01 17.41 34.61
O5 NAG L . 46.00 15.28 33.94
O6 NAG L . 46.05 16.14 36.58
O7 NAG L . 44.35 17.65 30.18
C1 NAG M . -7.81 -4.78 -41.19
C2 NAG M . -7.85 -4.43 -42.75
C3 NAG M . -9.04 -5.21 -43.39
C4 NAG M . -8.85 -6.75 -43.16
C5 NAG M . -8.76 -7.03 -41.61
C6 NAG M . -8.48 -8.49 -41.27
C7 NAG M . -7.10 -2.06 -43.17
C8 NAG M . -7.36 -0.59 -43.12
N2 NAG M . -8.07 -2.95 -42.88
O3 NAG M . -9.09 -4.95 -44.80
O4 NAG M . -9.98 -7.43 -43.71
O5 NAG M . -7.65 -6.24 -41.02
O6 NAG M . -9.42 -9.40 -41.84
O7 NAG M . -5.96 -2.45 -43.49
C1 NAG N . -35.73 -10.43 -33.40
C2 NAG N . -36.94 -11.22 -33.85
C3 NAG N . -37.01 -12.54 -33.12
C4 NAG N . -35.72 -13.30 -33.36
C5 NAG N . -34.54 -12.44 -32.91
C6 NAG N . -33.21 -13.16 -33.07
C7 NAG N . -38.79 -9.67 -34.34
C8 NAG N . -39.40 -8.48 -33.66
N2 NAG N . -38.16 -10.52 -33.53
O3 NAG N . -38.12 -13.31 -33.59
O4 NAG N . -35.73 -14.53 -32.65
O5 NAG N . -34.55 -11.19 -33.62
O6 NAG N . -32.32 -12.71 -32.04
O7 NAG N . -38.88 -9.86 -35.54
C1 NAG O . 8.37 16.00 -15.75
C2 NAG O . 6.86 15.84 -15.68
C3 NAG O . 6.23 17.12 -15.18
C4 NAG O . 6.88 17.52 -13.88
C5 NAG O . 8.40 17.62 -14.03
C6 NAG O . 9.06 17.98 -12.71
C7 NAG O . 5.09 15.21 -17.33
C8 NAG O . 4.65 15.78 -18.66
N2 NAG O . 6.35 15.47 -17.01
O3 NAG O . 4.84 16.94 -14.94
O4 NAG O . 6.36 18.78 -13.45
O5 NAG O . 8.94 16.40 -14.51
O6 NAG O . 10.30 18.64 -13.01
O7 NAG O . 4.33 14.56 -16.62
C1 NAG P . -20.74 36.71 -1.64
C2 NAG P . -21.70 37.90 -1.17
C3 NAG P . -22.25 38.60 -2.45
C4 NAG P . -21.06 39.13 -3.31
C5 NAG P . -20.14 37.94 -3.70
C6 NAG P . -18.88 38.35 -4.47
C7 NAG P . -22.89 37.32 0.97
C8 NAG P . -23.97 36.56 1.70
N2 NAG P . -22.82 37.30 -0.38
O3 NAG P . -23.09 39.71 -2.07
O4 NAG P . -21.60 39.73 -4.49
O5 NAG P . -19.65 37.26 -2.46
O6 NAG P . -19.18 39.09 -5.65
O7 NAG P . -22.08 37.97 1.64
C1 NAG Q . -31.31 27.50 -27.64
C2 NAG Q . -31.79 28.05 -28.97
C3 NAG Q . -30.67 28.00 -29.97
C4 NAG Q . -29.49 28.79 -29.45
C5 NAG Q . -29.09 28.22 -28.10
C6 NAG Q . -27.86 28.92 -27.53
C7 NAG Q . -34.15 27.44 -29.30
C8 NAG Q . -34.97 26.20 -29.11
N2 NAG Q . -32.86 27.23 -29.50
O3 NAG Q . -31.10 28.57 -31.22
O4 NAG Q . -28.40 28.72 -30.37
O5 NAG Q . -30.18 28.26 -27.19
O6 NAG Q . -27.12 27.97 -26.75
O7 NAG Q . -34.64 28.55 -29.27
C1 NAG R . -11.90 7.94 19.22
C2 NAG R . -12.72 7.68 17.97
C3 NAG R . -13.70 6.55 18.21
C4 NAG R . -12.94 5.34 18.73
C5 NAG R . -12.12 5.70 19.95
C6 NAG R . -11.31 4.50 20.46
C7 NAG R . -14.21 9.09 16.52
C8 NAG R . -15.44 9.90 16.79
N2 NAG R . -13.42 8.91 17.59
O3 NAG R . -14.35 6.16 17.01
O4 NAG R . -13.87 4.30 19.06
O5 NAG R . -11.22 6.78 19.68
O6 NAG R . -11.09 4.69 21.86
O7 NAG R . -13.96 8.63 15.41
#